data_2YSM
#
_entry.id   2YSM
#
loop_
_entity.id
_entity.type
_entity.pdbx_description
1 polymer 'Myeloid/lymphoid or mixed-lineage leukemia protein 3 homolog'
2 non-polymer 'ZINC ION'
#
_entity_poly.entity_id   1
_entity_poly.type   'polypeptide(L)'
_entity_poly.pdbx_seq_one_letter_code
;GSSGSSGANCAVCDSPGDLLDQFFCTTCGQHYHGMCLDIAVTPLKRAGWQCPECKVCQNCKQSGEDSKMLVCDTCDKGYH
TFCLQPVMKSVPTNGWKCKNCRICISGPSSG
;
_entity_poly.pdbx_strand_id   A
#
# COMPACT_ATOMS: atom_id res chain seq x y z
N GLY A 1 24.92 -19.76 -21.30
CA GLY A 1 25.15 -19.87 -19.87
C GLY A 1 24.83 -18.59 -19.13
N SER A 2 23.63 -18.06 -19.36
CA SER A 2 23.20 -16.82 -18.71
C SER A 2 21.69 -16.82 -18.49
N SER A 3 21.29 -16.56 -17.24
CA SER A 3 19.88 -16.54 -16.89
C SER A 3 19.19 -15.33 -17.49
N GLY A 4 19.80 -14.16 -17.34
CA GLY A 4 19.22 -12.94 -17.87
C GLY A 4 17.78 -12.73 -17.44
N SER A 5 17.54 -12.81 -16.14
CA SER A 5 16.20 -12.64 -15.60
C SER A 5 16.15 -11.45 -14.64
N SER A 6 16.83 -10.36 -15.02
CA SER A 6 16.86 -9.16 -14.20
C SER A 6 15.90 -8.10 -14.74
N GLY A 7 14.93 -7.72 -13.90
CA GLY A 7 13.97 -6.71 -14.31
C GLY A 7 12.95 -6.41 -13.23
N ALA A 8 12.40 -5.20 -13.27
CA ALA A 8 11.39 -4.80 -12.27
C ALA A 8 12.05 -4.57 -10.91
N ASN A 9 13.33 -4.23 -10.92
CA ASN A 9 14.06 -3.99 -9.68
C ASN A 9 13.40 -2.88 -8.86
N CYS A 10 13.85 -2.71 -7.63
CA CYS A 10 13.31 -1.68 -6.75
C CYS A 10 13.37 -0.31 -7.40
N ALA A 11 12.24 0.39 -7.40
CA ALA A 11 12.18 1.72 -8.01
C ALA A 11 12.62 2.79 -7.01
N VAL A 12 13.11 2.35 -5.85
CA VAL A 12 13.57 3.27 -4.82
C VAL A 12 15.08 3.18 -4.65
N CYS A 13 15.59 1.96 -4.53
CA CYS A 13 17.02 1.74 -4.36
C CYS A 13 17.66 1.26 -5.67
N ASP A 14 16.87 0.61 -6.50
CA ASP A 14 17.35 0.10 -7.77
C ASP A 14 18.23 -1.13 -7.58
N SER A 15 17.76 -2.06 -6.76
CA SER A 15 18.51 -3.28 -6.48
C SER A 15 17.57 -4.49 -6.40
N PRO A 16 18.08 -5.65 -6.85
CA PRO A 16 17.31 -6.90 -6.85
C PRO A 16 17.07 -7.43 -5.44
N GLY A 17 18.10 -7.36 -4.60
CA GLY A 17 17.99 -7.83 -3.23
C GLY A 17 17.06 -9.03 -3.11
N ASP A 18 16.12 -8.95 -2.19
CA ASP A 18 15.17 -10.04 -1.97
C ASP A 18 13.87 -9.77 -2.72
N LEU A 19 13.39 -10.78 -3.45
CA LEU A 19 12.16 -10.66 -4.22
C LEU A 19 10.94 -10.88 -3.33
N LEU A 20 10.96 -11.98 -2.58
CA LEU A 20 9.85 -12.31 -1.68
C LEU A 20 9.68 -11.24 -0.62
N ASP A 21 10.78 -10.78 -0.06
CA ASP A 21 10.75 -9.75 0.97
C ASP A 21 10.01 -8.51 0.48
N GLN A 22 10.37 -8.04 -0.71
CA GLN A 22 9.73 -6.86 -1.30
C GLN A 22 8.42 -7.24 -1.98
N PHE A 23 7.47 -6.31 -1.98
CA PHE A 23 6.17 -6.54 -2.59
C PHE A 23 6.25 -6.38 -4.10
N PHE A 24 5.23 -6.87 -4.80
CA PHE A 24 5.18 -6.77 -6.26
C PHE A 24 3.83 -6.24 -6.72
N CYS A 25 3.85 -5.06 -7.35
CA CYS A 25 2.63 -4.44 -7.85
C CYS A 25 2.02 -5.26 -8.98
N THR A 26 0.72 -5.10 -9.19
CA THR A 26 0.01 -5.82 -10.24
C THR A 26 -0.25 -4.93 -11.44
N THR A 27 -0.51 -3.65 -11.18
CA THR A 27 -0.77 -2.70 -12.25
C THR A 27 0.46 -2.45 -13.09
N CYS A 28 1.48 -1.85 -12.47
CA CYS A 28 2.73 -1.55 -13.17
C CYS A 28 3.65 -2.77 -13.18
N GLY A 29 3.73 -3.47 -12.05
CA GLY A 29 4.57 -4.65 -11.96
C GLY A 29 5.95 -4.33 -11.41
N GLN A 30 6.00 -3.41 -10.45
CA GLN A 30 7.27 -3.01 -9.86
C GLN A 30 7.44 -3.66 -8.48
N HIS A 31 8.64 -3.54 -7.92
CA HIS A 31 8.94 -4.11 -6.61
C HIS A 31 9.50 -3.05 -5.67
N TYR A 32 9.25 -3.23 -4.37
CA TYR A 32 9.73 -2.29 -3.37
C TYR A 32 9.96 -2.99 -2.04
N HIS A 33 11.20 -2.92 -1.54
CA HIS A 33 11.55 -3.54 -0.27
C HIS A 33 10.77 -2.91 0.87
N GLY A 34 10.55 -3.69 1.93
CA GLY A 34 9.81 -3.21 3.08
C GLY A 34 10.50 -2.03 3.75
N MET A 35 11.82 -2.01 3.67
CA MET A 35 12.60 -0.93 4.28
C MET A 35 12.65 0.30 3.37
N CYS A 36 12.80 0.05 2.07
CA CYS A 36 12.86 1.13 1.09
C CYS A 36 11.62 2.00 1.17
N LEU A 37 10.47 1.38 1.37
CA LEU A 37 9.20 2.10 1.46
C LEU A 37 8.75 2.21 2.92
N ASP A 38 9.56 1.68 3.83
CA ASP A 38 9.24 1.72 5.25
C ASP A 38 7.88 1.08 5.52
N ILE A 39 7.60 -0.02 4.83
CA ILE A 39 6.34 -0.73 5.00
C ILE A 39 6.51 -1.95 5.90
N ALA A 40 5.46 -2.27 6.66
CA ALA A 40 5.50 -3.41 7.57
C ALA A 40 4.94 -4.66 6.89
N VAL A 41 5.81 -5.61 6.58
CA VAL A 41 5.41 -6.85 5.93
C VAL A 41 4.33 -7.56 6.73
N THR A 42 3.18 -7.76 6.10
CA THR A 42 2.05 -8.43 6.76
C THR A 42 1.48 -9.53 5.87
N PRO A 43 0.83 -10.52 6.51
CA PRO A 43 0.22 -11.65 5.80
C PRO A 43 -1.00 -11.24 4.99
N LEU A 44 -1.39 -9.97 5.13
CA LEU A 44 -2.55 -9.45 4.42
C LEU A 44 -2.12 -8.56 3.26
N LYS A 45 -1.14 -7.71 3.51
CA LYS A 45 -0.63 -6.80 2.49
C LYS A 45 -0.13 -7.57 1.28
N ARG A 46 0.70 -8.59 1.53
CA ARG A 46 1.25 -9.40 0.46
C ARG A 46 0.20 -9.69 -0.61
N ALA A 47 -0.92 -10.26 -0.19
CA ALA A 47 -2.00 -10.58 -1.12
C ALA A 47 -2.78 -9.32 -1.51
N GLY A 48 -2.76 -9.00 -2.80
CA GLY A 48 -3.46 -7.82 -3.28
C GLY A 48 -2.73 -6.54 -2.95
N TRP A 49 -1.40 -6.58 -3.04
CA TRP A 49 -0.58 -5.41 -2.76
C TRP A 49 -0.53 -4.47 -3.96
N GLN A 50 -0.54 -3.17 -3.69
CA GLN A 50 -0.49 -2.17 -4.75
C GLN A 50 0.49 -1.05 -4.40
N CYS A 51 1.43 -0.80 -5.30
CA CYS A 51 2.42 0.24 -5.09
C CYS A 51 1.77 1.61 -4.96
N PRO A 52 2.45 2.54 -4.27
CA PRO A 52 1.94 3.89 -4.06
C PRO A 52 1.93 4.71 -5.34
N GLU A 53 2.38 4.11 -6.44
CA GLU A 53 2.42 4.78 -7.73
C GLU A 53 1.20 4.42 -8.57
N CYS A 54 0.61 3.27 -8.27
CA CYS A 54 -0.57 2.80 -9.00
C CYS A 54 -1.81 2.89 -8.12
N LYS A 55 -1.64 2.63 -6.82
CA LYS A 55 -2.75 2.68 -5.88
C LYS A 55 -3.56 3.97 -6.07
N VAL A 56 -4.88 3.82 -6.14
CA VAL A 56 -5.77 4.97 -6.31
C VAL A 56 -6.91 4.94 -5.30
N CYS A 57 -7.69 6.00 -5.27
CA CYS A 57 -8.83 6.10 -4.35
C CYS A 57 -9.98 5.22 -4.81
N GLN A 58 -10.26 4.17 -4.04
CA GLN A 58 -11.34 3.25 -4.36
C GLN A 58 -12.70 3.89 -4.13
N ASN A 59 -12.69 5.16 -3.71
CA ASN A 59 -13.91 5.89 -3.45
C ASN A 59 -14.31 6.74 -4.66
N CYS A 60 -13.36 7.50 -5.17
CA CYS A 60 -13.61 8.36 -6.32
C CYS A 60 -12.81 7.88 -7.54
N LYS A 61 -11.76 7.11 -7.28
CA LYS A 61 -10.92 6.58 -8.35
C LYS A 61 -10.26 7.71 -9.14
N GLN A 62 -9.54 8.58 -8.42
CA GLN A 62 -8.85 9.70 -9.05
C GLN A 62 -7.48 9.91 -8.42
N SER A 63 -6.43 9.61 -9.18
CA SER A 63 -5.07 9.77 -8.71
C SER A 63 -4.59 11.20 -8.89
N GLY A 64 -4.24 11.84 -7.78
CA GLY A 64 -3.77 13.22 -7.83
C GLY A 64 -3.53 13.80 -6.45
N GLU A 65 -4.56 13.79 -5.62
CA GLU A 65 -4.46 14.32 -4.27
C GLU A 65 -3.74 13.34 -3.34
N ASP A 66 -2.60 12.84 -3.79
CA ASP A 66 -1.83 11.88 -2.99
C ASP A 66 -1.63 12.39 -1.57
N SER A 67 -1.24 13.64 -1.44
CA SER A 67 -1.01 14.25 -0.14
C SER A 67 -2.20 13.99 0.79
N LYS A 68 -3.38 14.37 0.34
CA LYS A 68 -4.60 14.19 1.13
C LYS A 68 -5.15 12.77 0.95
N MET A 69 -4.26 11.79 0.93
CA MET A 69 -4.65 10.40 0.77
C MET A 69 -4.13 9.54 1.93
N LEU A 70 -5.06 9.05 2.75
CA LEU A 70 -4.69 8.22 3.89
C LEU A 70 -4.41 6.78 3.46
N VAL A 71 -3.33 6.21 4.00
CA VAL A 71 -2.96 4.84 3.67
C VAL A 71 -2.99 3.95 4.90
N CYS A 72 -3.96 3.04 4.95
CA CYS A 72 -4.10 2.12 6.07
C CYS A 72 -2.77 1.43 6.38
N ASP A 73 -2.67 0.88 7.59
CA ASP A 73 -1.45 0.19 8.00
C ASP A 73 -1.63 -1.33 7.93
N THR A 74 -2.85 -1.76 7.59
CA THR A 74 -3.15 -3.17 7.49
C THR A 74 -3.44 -3.58 6.04
N CYS A 75 -4.58 -3.15 5.53
CA CYS A 75 -4.97 -3.47 4.15
C CYS A 75 -4.06 -2.74 3.16
N ASP A 76 -3.62 -1.54 3.54
CA ASP A 76 -2.75 -0.75 2.68
C ASP A 76 -3.53 -0.18 1.50
N LYS A 77 -4.69 0.39 1.78
CA LYS A 77 -5.54 0.97 0.75
C LYS A 77 -5.53 2.50 0.84
N GLY A 78 -5.51 3.15 -0.32
CA GLY A 78 -5.51 4.60 -0.35
C GLY A 78 -6.90 5.18 -0.31
N TYR A 79 -7.10 6.18 0.55
CA TYR A 79 -8.40 6.83 0.69
C TYR A 79 -8.24 8.31 1.02
N HIS A 80 -8.80 9.16 0.17
CA HIS A 80 -8.74 10.60 0.36
C HIS A 80 -9.53 11.03 1.58
N THR A 81 -8.95 11.90 2.39
CA THR A 81 -9.61 12.39 3.60
C THR A 81 -11.05 12.81 3.31
N PHE A 82 -11.23 13.53 2.21
CA PHE A 82 -12.57 13.99 1.82
C PHE A 82 -13.41 12.83 1.31
N CYS A 83 -12.76 11.76 0.90
CA CYS A 83 -13.45 10.58 0.39
C CYS A 83 -13.63 9.54 1.48
N LEU A 84 -13.67 10.00 2.73
CA LEU A 84 -13.85 9.11 3.88
C LEU A 84 -15.20 9.35 4.55
N GLN A 85 -15.79 8.29 5.10
CA GLN A 85 -17.07 8.39 5.77
C GLN A 85 -16.98 7.87 7.20
N PRO A 86 -16.94 8.80 8.17
CA PRO A 86 -17.00 10.24 7.89
C PRO A 86 -15.72 10.75 7.22
N VAL A 87 -15.69 12.05 6.92
CA VAL A 87 -14.53 12.65 6.28
C VAL A 87 -13.47 13.01 7.31
N MET A 88 -12.21 12.99 6.89
CA MET A 88 -11.10 13.31 7.78
C MET A 88 -10.64 14.75 7.57
N LYS A 89 -11.40 15.69 8.15
CA LYS A 89 -11.08 17.11 8.03
C LYS A 89 -9.56 17.32 8.01
N SER A 90 -8.85 16.55 8.83
CA SER A 90 -7.40 16.66 8.91
C SER A 90 -6.75 15.28 8.84
N VAL A 91 -5.42 15.26 8.83
CA VAL A 91 -4.67 14.01 8.76
C VAL A 91 -4.03 13.69 10.10
N PRO A 92 -4.17 12.43 10.53
CA PRO A 92 -3.60 11.96 11.81
C PRO A 92 -2.08 11.89 11.77
N THR A 93 -1.47 11.88 12.95
CA THR A 93 -0.02 11.81 13.06
C THR A 93 0.50 10.47 12.55
N ASN A 94 0.12 9.39 13.22
CA ASN A 94 0.56 8.05 12.83
C ASN A 94 -0.39 6.99 13.38
N GLY A 95 -0.47 5.86 12.69
CA GLY A 95 -1.35 4.79 13.12
C GLY A 95 -2.80 5.02 12.73
N TRP A 96 -3.09 4.88 11.44
CA TRP A 96 -4.44 5.07 10.94
C TRP A 96 -5.05 3.76 10.47
N LYS A 97 -6.37 3.65 10.57
CA LYS A 97 -7.07 2.44 10.15
C LYS A 97 -8.33 2.79 9.35
N CYS A 98 -8.71 1.91 8.44
CA CYS A 98 -9.89 2.13 7.61
C CYS A 98 -11.10 1.39 8.20
N LYS A 99 -12.26 1.61 7.60
CA LYS A 99 -13.49 0.98 8.05
C LYS A 99 -13.51 -0.50 7.69
N ASN A 100 -12.96 -0.83 6.51
CA ASN A 100 -12.91 -2.21 6.05
C ASN A 100 -12.00 -3.04 6.94
N CYS A 101 -11.09 -2.38 7.65
CA CYS A 101 -10.16 -3.06 8.54
C CYS A 101 -10.69 -3.10 9.96
N ARG A 102 -11.00 -1.93 10.51
CA ARG A 102 -11.52 -1.83 11.87
C ARG A 102 -12.61 -2.86 12.11
N ILE A 103 -13.21 -3.34 11.03
CA ILE A 103 -14.28 -4.33 11.12
C ILE A 103 -14.00 -5.34 12.21
N CYS A 104 -14.81 -5.34 13.26
CA CYS A 104 -14.63 -6.26 14.38
C CYS A 104 -15.05 -7.67 13.98
N ILE A 105 -14.72 -8.64 14.82
CA ILE A 105 -15.05 -10.04 14.55
C ILE A 105 -16.51 -10.32 14.88
N SER A 106 -17.37 -10.21 13.87
CA SER A 106 -18.79 -10.45 14.05
C SER A 106 -19.34 -11.33 12.93
N GLY A 107 -20.05 -12.39 13.31
CA GLY A 107 -20.61 -13.29 12.32
C GLY A 107 -20.28 -14.75 12.62
N PRO A 108 -20.93 -15.66 11.88
CA PRO A 108 -20.73 -17.10 12.05
C PRO A 108 -19.36 -17.55 11.57
N SER A 109 -18.38 -17.50 12.46
CA SER A 109 -17.01 -17.90 12.12
C SER A 109 -16.94 -19.39 11.82
N SER A 110 -16.69 -19.72 10.54
CA SER A 110 -16.61 -21.11 10.11
C SER A 110 -15.16 -21.48 9.77
N GLY A 111 -14.95 -22.75 9.46
CA GLY A 111 -13.62 -23.22 9.11
C GLY A 111 -13.31 -23.06 7.63
N GLY A 1 12.90 -4.90 -29.62
CA GLY A 1 13.95 -4.07 -29.05
C GLY A 1 13.73 -3.79 -27.58
N SER A 2 14.25 -4.66 -26.73
CA SER A 2 14.11 -4.51 -25.29
C SER A 2 15.46 -4.26 -24.62
N SER A 3 15.44 -3.55 -23.50
CA SER A 3 16.68 -3.25 -22.77
C SER A 3 17.41 -4.53 -22.38
N GLY A 4 18.72 -4.42 -22.20
CA GLY A 4 19.52 -5.58 -21.82
C GLY A 4 19.66 -5.72 -20.32
N SER A 5 18.53 -5.76 -19.63
CA SER A 5 18.52 -5.89 -18.17
C SER A 5 18.08 -7.28 -17.76
N SER A 6 16.94 -7.73 -18.28
CA SER A 6 16.41 -9.04 -17.96
C SER A 6 16.31 -9.24 -16.45
N GLY A 7 15.77 -8.23 -15.76
CA GLY A 7 15.64 -8.31 -14.32
C GLY A 7 14.85 -7.15 -13.75
N ALA A 8 14.00 -7.44 -12.76
CA ALA A 8 13.18 -6.42 -12.14
C ALA A 8 13.66 -6.13 -10.72
N ASN A 9 14.38 -5.01 -10.57
CA ASN A 9 14.90 -4.62 -9.26
C ASN A 9 14.06 -3.50 -8.65
N CYS A 10 14.35 -3.16 -7.40
CA CYS A 10 13.63 -2.11 -6.70
C CYS A 10 13.56 -0.84 -7.55
N ALA A 11 12.39 -0.21 -7.58
CA ALA A 11 12.21 1.01 -8.36
C ALA A 11 12.54 2.25 -7.51
N VAL A 12 13.04 2.02 -6.30
CA VAL A 12 13.40 3.11 -5.41
C VAL A 12 14.87 3.05 -5.04
N CYS A 13 15.37 1.85 -4.79
CA CYS A 13 16.76 1.66 -4.42
C CYS A 13 17.55 1.04 -5.57
N ASP A 14 16.84 0.44 -6.51
CA ASP A 14 17.46 -0.19 -7.67
C ASP A 14 18.41 -1.32 -7.23
N SER A 15 17.95 -2.12 -6.27
CA SER A 15 18.74 -3.23 -5.77
C SER A 15 17.95 -4.53 -5.79
N PRO A 16 18.64 -5.64 -6.08
CA PRO A 16 18.02 -6.96 -6.14
C PRO A 16 17.60 -7.47 -4.77
N GLY A 17 18.51 -7.38 -3.81
CA GLY A 17 18.22 -7.84 -2.46
C GLY A 17 17.33 -9.07 -2.44
N ASP A 18 16.30 -9.04 -1.60
CA ASP A 18 15.37 -10.15 -1.49
C ASP A 18 14.17 -9.95 -2.42
N LEU A 19 13.90 -10.96 -3.24
CA LEU A 19 12.79 -10.90 -4.18
C LEU A 19 11.45 -11.13 -3.47
N LEU A 20 11.46 -12.08 -2.53
CA LEU A 20 10.26 -12.42 -1.78
C LEU A 20 9.90 -11.29 -0.81
N ASP A 21 10.92 -10.62 -0.29
CA ASP A 21 10.72 -9.52 0.65
C ASP A 21 9.96 -8.38 -0.01
N GLN A 22 10.43 -7.95 -1.17
CA GLN A 22 9.79 -6.86 -1.90
C GLN A 22 8.50 -7.34 -2.56
N PHE A 23 7.46 -6.53 -2.47
CA PHE A 23 6.17 -6.86 -3.07
C PHE A 23 6.22 -6.71 -4.58
N PHE A 24 5.31 -7.39 -5.27
CA PHE A 24 5.24 -7.32 -6.72
C PHE A 24 3.87 -6.80 -7.19
N CYS A 25 3.81 -5.52 -7.50
CA CYS A 25 2.57 -4.91 -7.95
C CYS A 25 1.89 -5.76 -9.01
N THR A 26 0.58 -5.62 -9.12
CA THR A 26 -0.19 -6.39 -10.10
C THR A 26 -0.55 -5.54 -11.31
N THR A 27 -0.68 -4.23 -11.08
CA THR A 27 -1.01 -3.31 -12.16
C THR A 27 0.18 -3.08 -13.09
N CYS A 28 1.23 -2.47 -12.56
CA CYS A 28 2.43 -2.19 -13.34
C CYS A 28 3.36 -3.41 -13.34
N GLY A 29 3.47 -4.07 -12.20
CA GLY A 29 4.32 -5.24 -12.09
C GLY A 29 5.73 -4.88 -11.68
N GLN A 30 5.86 -3.96 -10.74
CA GLN A 30 7.17 -3.53 -10.25
C GLN A 30 7.50 -4.16 -8.91
N HIS A 31 8.74 -4.00 -8.47
CA HIS A 31 9.17 -4.57 -7.20
C HIS A 31 9.57 -3.46 -6.22
N TYR A 32 9.21 -3.64 -4.96
CA TYR A 32 9.52 -2.64 -3.93
C TYR A 32 9.78 -3.32 -2.59
N HIS A 33 10.92 -3.00 -1.99
CA HIS A 33 11.29 -3.57 -0.69
C HIS A 33 10.40 -3.04 0.42
N GLY A 34 10.31 -3.79 1.51
CA GLY A 34 9.48 -3.38 2.63
C GLY A 34 10.06 -2.19 3.37
N MET A 35 11.35 -1.96 3.20
CA MET A 35 12.02 -0.84 3.85
C MET A 35 12.04 0.39 2.95
N CYS A 36 12.41 0.19 1.69
CA CYS A 36 12.47 1.29 0.73
C CYS A 36 11.12 1.99 0.63
N LEU A 37 10.07 1.32 1.09
CA LEU A 37 8.73 1.88 1.05
C LEU A 37 8.17 2.07 2.46
N ASP A 38 8.96 1.66 3.46
CA ASP A 38 8.54 1.78 4.85
C ASP A 38 7.28 0.97 5.13
N ILE A 39 7.17 -0.17 4.45
CA ILE A 39 6.01 -1.05 4.63
C ILE A 39 6.34 -2.22 5.55
N ALA A 40 5.37 -2.58 6.39
CA ALA A 40 5.56 -3.68 7.33
C ALA A 40 5.07 -4.99 6.72
N VAL A 41 5.99 -5.82 6.26
CA VAL A 41 5.65 -7.10 5.66
C VAL A 41 4.61 -7.84 6.50
N THR A 42 3.36 -7.83 6.04
CA THR A 42 2.28 -8.49 6.76
C THR A 42 1.59 -9.52 5.86
N PRO A 43 0.98 -10.54 6.49
CA PRO A 43 0.28 -11.61 5.77
C PRO A 43 -1.01 -11.11 5.13
N LEU A 44 -1.27 -9.82 5.25
CA LEU A 44 -2.48 -9.22 4.68
C LEU A 44 -2.14 -8.41 3.43
N LYS A 45 -1.02 -7.72 3.47
CA LYS A 45 -0.57 -6.91 2.34
C LYS A 45 -0.06 -7.79 1.20
N ARG A 46 0.81 -8.73 1.53
CA ARG A 46 1.37 -9.64 0.54
C ARG A 46 0.34 -9.97 -0.54
N ALA A 47 -0.89 -10.21 -0.12
CA ALA A 47 -1.97 -10.53 -1.04
C ALA A 47 -2.14 -9.43 -2.09
N GLY A 48 -1.73 -9.72 -3.33
CA GLY A 48 -1.84 -8.75 -4.40
C GLY A 48 -1.53 -7.33 -3.93
N TRP A 49 -0.34 -7.16 -3.37
CA TRP A 49 0.08 -5.84 -2.88
C TRP A 49 0.05 -4.82 -4.00
N GLN A 50 -0.35 -3.59 -3.66
CA GLN A 50 -0.42 -2.51 -4.64
C GLN A 50 0.67 -1.47 -4.38
N CYS A 51 1.39 -1.10 -5.43
CA CYS A 51 2.46 -0.12 -5.31
C CYS A 51 1.88 1.29 -5.23
N PRO A 52 2.67 2.22 -4.67
CA PRO A 52 2.26 3.62 -4.52
C PRO A 52 2.18 4.35 -5.86
N GLU A 53 2.66 3.71 -6.92
CA GLU A 53 2.64 4.29 -8.24
C GLU A 53 1.35 3.91 -8.99
N CYS A 54 0.69 2.86 -8.50
CA CYS A 54 -0.54 2.39 -9.12
C CYS A 54 -1.72 2.52 -8.15
N LYS A 55 -1.41 2.67 -6.87
CA LYS A 55 -2.43 2.81 -5.84
C LYS A 55 -3.26 4.07 -6.06
N VAL A 56 -4.57 3.96 -5.85
CA VAL A 56 -5.46 5.10 -6.03
C VAL A 56 -6.70 4.96 -5.15
N CYS A 57 -7.43 6.06 -4.97
CA CYS A 57 -8.63 6.07 -4.16
C CYS A 57 -9.63 5.03 -4.65
N GLN A 58 -10.47 4.54 -3.74
CA GLN A 58 -11.47 3.54 -4.08
C GLN A 58 -12.87 4.13 -4.04
N ASN A 59 -12.99 5.30 -3.41
CA ASN A 59 -14.28 5.97 -3.30
C ASN A 59 -14.59 6.77 -4.57
N CYS A 60 -13.61 7.50 -5.05
CA CYS A 60 -13.76 8.31 -6.25
C CYS A 60 -12.99 7.69 -7.43
N LYS A 61 -11.93 6.95 -7.11
CA LYS A 61 -11.12 6.31 -8.13
C LYS A 61 -10.40 7.36 -8.98
N GLN A 62 -9.68 8.25 -8.32
CA GLN A 62 -8.93 9.30 -9.02
C GLN A 62 -7.72 9.75 -8.21
N SER A 63 -6.54 9.34 -8.65
CA SER A 63 -5.29 9.70 -7.97
C SER A 63 -4.83 11.09 -8.37
N GLY A 64 -4.50 11.90 -7.37
CA GLY A 64 -4.05 13.25 -7.63
C GLY A 64 -3.58 13.96 -6.38
N GLU A 65 -4.38 13.89 -5.32
CA GLU A 65 -4.04 14.53 -4.05
C GLU A 65 -3.39 13.54 -3.09
N ASP A 66 -2.08 13.41 -3.20
CA ASP A 66 -1.33 12.50 -2.34
C ASP A 66 -1.40 12.94 -0.88
N SER A 67 -1.09 14.21 -0.64
CA SER A 67 -1.11 14.75 0.71
C SER A 67 -2.41 14.41 1.42
N LYS A 68 -3.52 14.89 0.87
CA LYS A 68 -4.84 14.64 1.45
C LYS A 68 -5.11 13.15 1.52
N MET A 69 -4.67 12.42 0.50
CA MET A 69 -4.86 10.97 0.46
C MET A 69 -4.30 10.31 1.71
N LEU A 70 -5.11 9.46 2.34
CA LEU A 70 -4.69 8.76 3.55
C LEU A 70 -4.31 7.31 3.23
N VAL A 71 -3.07 6.95 3.54
CA VAL A 71 -2.58 5.60 3.30
C VAL A 71 -2.67 4.75 4.55
N CYS A 72 -3.60 3.80 4.55
CA CYS A 72 -3.79 2.91 5.70
C CYS A 72 -2.46 2.28 6.12
N ASP A 73 -2.45 1.73 7.33
CA ASP A 73 -1.25 1.09 7.86
C ASP A 73 -1.40 -0.43 7.89
N THR A 74 -2.65 -0.89 7.81
CA THR A 74 -2.93 -2.32 7.84
C THR A 74 -3.06 -2.87 6.43
N CYS A 75 -4.05 -2.39 5.69
CA CYS A 75 -4.28 -2.85 4.33
C CYS A 75 -3.41 -2.07 3.34
N ASP A 76 -3.00 -0.87 3.75
CA ASP A 76 -2.18 -0.01 2.91
C ASP A 76 -2.95 0.46 1.68
N LYS A 77 -4.18 0.91 1.91
CA LYS A 77 -5.03 1.39 0.83
C LYS A 77 -4.95 2.91 0.71
N GLY A 78 -5.76 3.47 -0.18
CA GLY A 78 -5.77 4.91 -0.37
C GLY A 78 -7.17 5.50 -0.35
N TYR A 79 -7.38 6.47 0.53
CA TYR A 79 -8.68 7.11 0.65
C TYR A 79 -8.54 8.58 1.04
N HIS A 80 -9.01 9.46 0.16
CA HIS A 80 -8.93 10.89 0.41
C HIS A 80 -9.79 11.29 1.60
N THR A 81 -9.32 12.29 2.35
CA THR A 81 -10.04 12.77 3.52
C THR A 81 -11.51 13.02 3.20
N PHE A 82 -11.77 13.79 2.14
CA PHE A 82 -13.13 14.11 1.73
C PHE A 82 -13.84 12.86 1.22
N CYS A 83 -13.06 11.84 0.85
CA CYS A 83 -13.62 10.60 0.34
C CYS A 83 -13.85 9.60 1.48
N LEU A 84 -13.98 10.13 2.69
CA LEU A 84 -14.22 9.29 3.86
C LEU A 84 -15.61 9.51 4.43
N GLN A 85 -16.20 8.45 4.97
CA GLN A 85 -17.54 8.52 5.54
C GLN A 85 -17.54 8.02 6.98
N PRO A 86 -17.57 8.96 7.94
CA PRO A 86 -17.61 10.39 7.64
C PRO A 86 -16.28 10.88 7.06
N VAL A 87 -16.23 12.18 6.73
CA VAL A 87 -15.03 12.78 6.17
C VAL A 87 -14.05 13.17 7.27
N MET A 88 -12.76 13.16 6.94
CA MET A 88 -11.73 13.54 7.90
C MET A 88 -11.33 15.00 7.73
N LYS A 89 -11.01 15.64 8.85
CA LYS A 89 -10.62 17.04 8.83
C LYS A 89 -9.10 17.17 8.68
N SER A 90 -8.37 16.35 9.40
CA SER A 90 -6.91 16.37 9.36
C SER A 90 -6.35 14.95 9.28
N VAL A 91 -5.02 14.86 9.19
CA VAL A 91 -4.36 13.57 9.12
C VAL A 91 -3.71 13.20 10.44
N PRO A 92 -4.22 12.13 11.08
CA PRO A 92 -3.72 11.66 12.36
C PRO A 92 -2.32 11.04 12.24
N THR A 93 -1.47 11.33 13.22
CA THR A 93 -0.10 10.81 13.23
C THR A 93 0.02 9.62 14.18
N ASN A 94 -1.10 9.00 14.51
CA ASN A 94 -1.11 7.85 15.41
C ASN A 94 -1.62 6.60 14.70
N GLY A 95 -1.07 6.33 13.52
CA GLY A 95 -1.49 5.18 12.75
C GLY A 95 -2.97 5.19 12.42
N TRP A 96 -3.29 5.60 11.21
CA TRP A 96 -4.68 5.66 10.78
C TRP A 96 -5.22 4.27 10.45
N LYS A 97 -6.54 4.13 10.48
CA LYS A 97 -7.17 2.85 10.18
C LYS A 97 -8.44 3.04 9.37
N CYS A 98 -8.49 2.40 8.20
CA CYS A 98 -9.65 2.51 7.32
C CYS A 98 -10.76 1.56 7.76
N LYS A 99 -12.01 1.98 7.60
CA LYS A 99 -13.15 1.17 7.98
C LYS A 99 -12.92 -0.30 7.65
N ASN A 100 -12.77 -0.59 6.36
CA ASN A 100 -12.54 -1.96 5.91
C ASN A 100 -11.66 -2.72 6.89
N CYS A 101 -10.68 -2.01 7.47
CA CYS A 101 -9.77 -2.61 8.43
C CYS A 101 -10.36 -2.59 9.83
N ARG A 102 -10.84 -1.42 10.25
CA ARG A 102 -11.44 -1.27 11.57
C ARG A 102 -12.34 -2.45 11.90
N ILE A 103 -13.01 -2.98 10.89
CA ILE A 103 -13.90 -4.12 11.07
C ILE A 103 -13.39 -5.05 12.15
N CYS A 104 -14.30 -5.49 13.03
CA CYS A 104 -13.94 -6.39 14.12
C CYS A 104 -12.94 -7.44 13.65
N ILE A 105 -11.75 -7.44 14.25
CA ILE A 105 -10.71 -8.39 13.90
C ILE A 105 -11.27 -9.81 13.85
N SER A 106 -10.83 -10.58 12.86
CA SER A 106 -11.28 -11.96 12.70
C SER A 106 -12.79 -12.03 12.52
N GLY A 107 -13.32 -11.14 11.70
CA GLY A 107 -14.75 -11.10 11.45
C GLY A 107 -15.16 -12.07 10.35
N PRO A 108 -16.38 -12.63 10.49
CA PRO A 108 -16.92 -13.58 9.51
C PRO A 108 -17.27 -12.91 8.18
N SER A 109 -16.32 -12.93 7.25
CA SER A 109 -16.52 -12.33 5.94
C SER A 109 -17.34 -13.25 5.03
N SER A 110 -18.41 -12.71 4.46
CA SER A 110 -19.27 -13.49 3.58
C SER A 110 -18.90 -13.25 2.11
N GLY A 111 -18.95 -11.99 1.70
CA GLY A 111 -18.63 -11.65 0.33
C GLY A 111 -17.17 -11.26 0.15
N GLY A 1 30.11 -3.37 -18.23
CA GLY A 1 29.82 -2.08 -18.81
C GLY A 1 28.39 -1.97 -19.32
N SER A 2 28.02 -2.87 -20.22
CA SER A 2 26.67 -2.87 -20.79
C SER A 2 25.90 -4.10 -20.34
N SER A 3 24.81 -3.88 -19.62
CA SER A 3 23.97 -4.98 -19.12
C SER A 3 22.83 -5.27 -20.09
N GLY A 4 22.07 -6.31 -19.80
CA GLY A 4 20.95 -6.69 -20.65
C GLY A 4 19.95 -7.58 -19.94
N SER A 5 18.78 -7.73 -20.54
CA SER A 5 17.73 -8.56 -19.95
C SER A 5 17.61 -8.32 -18.45
N SER A 6 17.65 -7.04 -18.07
CA SER A 6 17.55 -6.67 -16.66
C SER A 6 16.38 -7.38 -15.99
N GLY A 7 16.58 -7.79 -14.73
CA GLY A 7 15.54 -8.49 -14.01
C GLY A 7 14.67 -7.54 -13.21
N ALA A 8 14.13 -8.03 -12.09
CA ALA A 8 13.27 -7.22 -11.24
C ALA A 8 14.02 -6.76 -9.98
N ASN A 9 14.61 -5.57 -10.06
CA ASN A 9 15.37 -5.02 -8.94
C ASN A 9 14.57 -3.92 -8.25
N CYS A 10 14.91 -3.66 -6.99
CA CYS A 10 14.24 -2.62 -6.21
C CYS A 10 14.33 -1.27 -6.90
N ALA A 11 13.18 -0.66 -7.18
CA ALA A 11 13.14 0.64 -7.82
C ALA A 11 13.55 1.75 -6.87
N VAL A 12 13.98 1.37 -5.67
CA VAL A 12 14.40 2.33 -4.66
C VAL A 12 15.88 2.19 -4.36
N CYS A 13 16.35 0.95 -4.32
CA CYS A 13 17.76 0.68 -4.04
C CYS A 13 18.40 -0.13 -5.16
N ASP A 14 17.56 -0.78 -5.97
CA ASP A 14 18.04 -1.59 -7.07
C ASP A 14 18.92 -2.73 -6.58
N SER A 15 18.38 -3.52 -5.65
CA SER A 15 19.11 -4.64 -5.09
C SER A 15 18.27 -5.91 -5.12
N PRO A 16 18.80 -6.96 -5.78
CA PRO A 16 18.11 -8.24 -5.90
C PRO A 16 18.03 -8.99 -4.56
N GLY A 17 18.73 -8.47 -3.56
CA GLY A 17 18.72 -9.10 -2.25
C GLY A 17 17.40 -9.78 -1.95
N ASP A 18 16.47 -9.04 -1.38
CA ASP A 18 15.16 -9.59 -1.03
C ASP A 18 14.22 -9.55 -2.23
N LEU A 19 13.93 -10.72 -2.79
CA LEU A 19 13.04 -10.82 -3.95
C LEU A 19 11.61 -11.13 -3.51
N LEU A 20 11.47 -12.07 -2.59
CA LEU A 20 10.16 -12.46 -2.09
C LEU A 20 9.63 -11.43 -1.09
N ASP A 21 10.50 -10.99 -0.18
CA ASP A 21 10.11 -10.02 0.83
C ASP A 21 9.41 -8.83 0.18
N GLN A 22 9.92 -8.39 -0.96
CA GLN A 22 9.32 -7.26 -1.68
C GLN A 22 8.00 -7.65 -2.33
N PHE A 23 7.19 -6.66 -2.66
CA PHE A 23 5.90 -6.90 -3.28
C PHE A 23 5.99 -6.76 -4.80
N PHE A 24 4.90 -7.08 -5.48
CA PHE A 24 4.85 -6.99 -6.94
C PHE A 24 3.56 -6.34 -7.40
N CYS A 25 3.67 -5.15 -7.97
CA CYS A 25 2.52 -4.41 -8.46
C CYS A 25 1.79 -5.19 -9.56
N THR A 26 0.50 -4.93 -9.71
CA THR A 26 -0.29 -5.62 -10.72
C THR A 26 -0.54 -4.72 -11.93
N THR A 27 -0.44 -3.41 -11.72
CA THR A 27 -0.64 -2.44 -12.78
C THR A 27 0.60 -2.30 -13.64
N CYS A 28 1.68 -1.80 -13.04
CA CYS A 28 2.94 -1.61 -13.75
C CYS A 28 3.78 -2.88 -13.72
N GLY A 29 3.82 -3.53 -12.56
CA GLY A 29 4.60 -4.75 -12.42
C GLY A 29 5.99 -4.50 -11.86
N GLN A 30 6.09 -3.55 -10.93
CA GLN A 30 7.37 -3.22 -10.33
C GLN A 30 7.54 -3.92 -8.98
N HIS A 31 8.70 -3.76 -8.37
CA HIS A 31 8.99 -4.39 -7.09
C HIS A 31 9.59 -3.38 -6.11
N TYR A 32 9.40 -3.62 -4.82
CA TYR A 32 9.92 -2.73 -3.79
C TYR A 32 10.06 -3.46 -2.47
N HIS A 33 11.14 -3.15 -1.75
CA HIS A 33 11.39 -3.79 -0.46
C HIS A 33 10.50 -3.19 0.64
N GLY A 34 10.08 -4.02 1.58
CA GLY A 34 9.23 -3.56 2.66
C GLY A 34 9.92 -2.52 3.53
N MET A 35 11.24 -2.46 3.46
CA MET A 35 12.01 -1.51 4.25
C MET A 35 12.31 -0.25 3.44
N CYS A 36 12.73 -0.43 2.20
CA CYS A 36 13.04 0.70 1.33
C CYS A 36 11.86 1.65 1.21
N LEU A 37 10.65 1.09 1.29
CA LEU A 37 9.43 1.88 1.19
C LEU A 37 8.82 2.12 2.57
N ASP A 38 9.42 1.50 3.59
CA ASP A 38 8.94 1.64 4.96
C ASP A 38 7.57 1.01 5.11
N ILE A 39 7.35 -0.11 4.44
CA ILE A 39 6.08 -0.81 4.51
C ILE A 39 6.14 -2.00 5.46
N ALA A 40 5.12 -2.15 6.29
CA ALA A 40 5.07 -3.26 7.23
C ALA A 40 4.47 -4.52 6.60
N VAL A 41 5.33 -5.47 6.26
CA VAL A 41 4.89 -6.71 5.65
C VAL A 41 3.73 -7.33 6.42
N THR A 42 2.54 -7.30 5.83
CA THR A 42 1.35 -7.85 6.46
C THR A 42 0.65 -8.84 5.54
N PRO A 43 -0.09 -9.78 6.14
CA PRO A 43 -0.84 -10.80 5.39
C PRO A 43 -2.02 -10.22 4.63
N LEU A 44 -2.15 -8.90 4.68
CA LEU A 44 -3.24 -8.21 3.99
C LEU A 44 -2.75 -7.57 2.70
N LYS A 45 -1.64 -6.84 2.79
CA LYS A 45 -1.07 -6.18 1.62
C LYS A 45 -0.57 -7.19 0.60
N ARG A 46 0.30 -8.09 1.05
CA ARG A 46 0.86 -9.12 0.18
C ARG A 46 -0.18 -9.57 -0.85
N ALA A 47 -1.37 -9.91 -0.37
CA ALA A 47 -2.45 -10.37 -1.24
C ALA A 47 -3.06 -9.20 -2.00
N GLY A 48 -2.75 -9.10 -3.29
CA GLY A 48 -3.28 -8.03 -4.10
C GLY A 48 -2.68 -6.67 -3.75
N TRP A 49 -1.35 -6.61 -3.75
CA TRP A 49 -0.65 -5.37 -3.43
C TRP A 49 -0.62 -4.44 -4.64
N GLN A 50 -0.35 -3.16 -4.38
CA GLN A 50 -0.30 -2.17 -5.44
C GLN A 50 0.69 -1.05 -5.10
N CYS A 51 1.71 -0.88 -5.94
CA CYS A 51 2.72 0.14 -5.74
C CYS A 51 2.07 1.52 -5.60
N PRO A 52 2.79 2.45 -4.95
CA PRO A 52 2.31 3.82 -4.75
C PRO A 52 2.29 4.62 -6.04
N GLU A 53 2.90 4.07 -7.08
CA GLU A 53 2.94 4.74 -8.38
C GLU A 53 1.73 4.38 -9.22
N CYS A 54 1.01 3.34 -8.79
CA CYS A 54 -0.18 2.89 -9.51
C CYS A 54 -1.40 2.91 -8.59
N LYS A 55 -1.16 2.89 -7.29
CA LYS A 55 -2.23 2.92 -6.30
C LYS A 55 -3.12 4.15 -6.48
N VAL A 56 -4.38 4.03 -6.11
CA VAL A 56 -5.33 5.13 -6.23
C VAL A 56 -6.50 4.96 -5.26
N CYS A 57 -7.28 6.02 -5.11
CA CYS A 57 -8.44 5.99 -4.21
C CYS A 57 -9.50 5.03 -4.74
N GLN A 58 -9.73 3.94 -4.01
CA GLN A 58 -10.72 2.94 -4.40
C GLN A 58 -12.13 3.51 -4.27
N ASN A 59 -12.28 4.57 -3.48
CA ASN A 59 -13.57 5.19 -3.27
C ASN A 59 -14.05 5.89 -4.54
N CYS A 60 -13.28 6.86 -5.01
CA CYS A 60 -13.62 7.61 -6.21
C CYS A 60 -12.86 7.07 -7.42
N LYS A 61 -12.07 6.01 -7.20
CA LYS A 61 -11.29 5.40 -8.27
C LYS A 61 -10.42 6.44 -8.97
N GLN A 62 -9.91 7.39 -8.21
CA GLN A 62 -9.06 8.44 -8.76
C GLN A 62 -7.92 8.77 -7.81
N SER A 63 -6.84 9.33 -8.35
CA SER A 63 -5.68 9.69 -7.55
C SER A 63 -5.38 11.19 -7.67
N GLY A 64 -4.29 11.62 -7.05
CA GLY A 64 -3.92 13.02 -7.10
C GLY A 64 -3.62 13.58 -5.73
N GLU A 65 -4.65 13.90 -4.96
CA GLU A 65 -4.48 14.45 -3.62
C GLU A 65 -3.76 13.47 -2.72
N ASP A 66 -2.43 13.55 -2.72
CA ASP A 66 -1.62 12.66 -1.89
C ASP A 66 -1.73 13.05 -0.41
N SER A 67 -1.36 14.29 -0.10
CA SER A 67 -1.42 14.77 1.27
C SER A 67 -2.73 14.37 1.94
N LYS A 68 -3.83 14.60 1.25
CA LYS A 68 -5.16 14.26 1.77
C LYS A 68 -5.35 12.76 1.79
N MET A 69 -4.88 12.08 0.76
CA MET A 69 -5.01 10.63 0.66
C MET A 69 -4.42 9.95 1.90
N LEU A 70 -5.28 9.26 2.64
CA LEU A 70 -4.84 8.56 3.84
C LEU A 70 -4.43 7.12 3.53
N VAL A 71 -3.17 6.81 3.78
CA VAL A 71 -2.65 5.47 3.53
C VAL A 71 -2.63 4.63 4.80
N CYS A 72 -3.50 3.63 4.85
CA CYS A 72 -3.59 2.75 6.02
C CYS A 72 -2.24 2.12 6.32
N ASP A 73 -2.10 1.58 7.52
CA ASP A 73 -0.87 0.93 7.94
C ASP A 73 -1.02 -0.59 7.96
N THR A 74 -2.27 -1.04 7.94
CA THR A 74 -2.55 -2.48 7.96
C THR A 74 -2.79 -3.00 6.55
N CYS A 75 -3.83 -2.49 5.89
CA CYS A 75 -4.17 -2.91 4.55
C CYS A 75 -3.34 -2.15 3.51
N ASP A 76 -2.87 -0.97 3.89
CA ASP A 76 -2.06 -0.14 3.01
C ASP A 76 -2.85 0.27 1.78
N LYS A 77 -4.03 0.84 2.00
CA LYS A 77 -4.88 1.29 0.91
C LYS A 77 -5.03 2.81 0.92
N GLY A 78 -5.22 3.39 -0.27
CA GLY A 78 -5.37 4.82 -0.38
C GLY A 78 -6.82 5.27 -0.29
N TYR A 79 -7.09 6.20 0.61
CA TYR A 79 -8.44 6.71 0.78
C TYR A 79 -8.43 8.21 1.08
N HIS A 80 -9.02 8.99 0.18
CA HIS A 80 -9.07 10.44 0.34
C HIS A 80 -9.95 10.82 1.52
N THR A 81 -9.47 11.74 2.35
CA THR A 81 -10.22 12.19 3.52
C THR A 81 -11.68 12.43 3.18
N PHE A 82 -11.91 13.20 2.12
CA PHE A 82 -13.28 13.51 1.69
C PHE A 82 -13.99 12.26 1.19
N CYS A 83 -13.19 11.26 0.79
CA CYS A 83 -13.75 10.01 0.29
C CYS A 83 -13.91 8.99 1.42
N LEU A 84 -13.96 9.49 2.65
CA LEU A 84 -14.11 8.62 3.82
C LEU A 84 -15.50 8.78 4.43
N GLN A 85 -16.03 7.69 4.97
CA GLN A 85 -17.35 7.71 5.59
C GLN A 85 -17.29 7.17 7.01
N PRO A 86 -17.33 8.08 7.99
CA PRO A 86 -17.43 9.52 7.73
C PRO A 86 -16.15 10.08 7.13
N VAL A 87 -16.17 11.37 6.81
CA VAL A 87 -15.00 12.04 6.23
C VAL A 87 -14.02 12.49 7.30
N MET A 88 -12.74 12.52 6.96
CA MET A 88 -11.70 12.93 7.90
C MET A 88 -11.46 14.43 7.80
N LYS A 89 -11.66 15.13 8.92
CA LYS A 89 -11.45 16.58 8.96
C LYS A 89 -9.98 16.92 8.79
N SER A 90 -9.11 16.10 9.36
CA SER A 90 -7.68 16.31 9.27
C SER A 90 -6.91 15.01 9.47
N VAL A 91 -5.60 15.07 9.28
CA VAL A 91 -4.75 13.89 9.44
C VAL A 91 -4.17 13.81 10.85
N PRO A 92 -4.32 12.65 11.50
CA PRO A 92 -3.82 12.43 12.85
C PRO A 92 -2.29 12.36 12.90
N THR A 93 -1.66 12.55 11.75
CA THR A 93 -0.21 12.51 11.65
C THR A 93 0.39 11.55 12.69
N ASN A 94 -0.32 10.45 12.93
CA ASN A 94 0.14 9.46 13.90
C ASN A 94 -0.76 8.21 13.86
N GLY A 95 -0.24 7.13 13.29
CA GLY A 95 -1.01 5.91 13.20
C GLY A 95 -2.42 6.14 12.72
N TRP A 96 -2.66 5.95 11.44
CA TRP A 96 -3.99 6.14 10.86
C TRP A 96 -4.59 4.80 10.44
N LYS A 97 -5.69 4.41 11.09
CA LYS A 97 -6.37 3.16 10.79
C LYS A 97 -7.63 3.42 9.98
N CYS A 98 -7.79 2.66 8.89
CA CYS A 98 -8.95 2.80 8.03
C CYS A 98 -10.14 2.01 8.56
N LYS A 99 -11.31 2.24 7.99
CA LYS A 99 -12.52 1.53 8.41
C LYS A 99 -12.40 0.03 8.14
N ASN A 100 -12.30 -0.33 6.87
CA ASN A 100 -12.19 -1.73 6.48
C ASN A 100 -11.29 -2.49 7.46
N CYS A 101 -10.39 -1.78 8.12
CA CYS A 101 -9.49 -2.39 9.09
C CYS A 101 -10.04 -2.25 10.50
N ARG A 102 -10.66 -1.12 10.78
CA ARG A 102 -11.23 -0.86 12.11
C ARG A 102 -12.08 -2.04 12.57
N ILE A 103 -12.72 -2.71 11.62
CA ILE A 103 -13.57 -3.86 11.93
C ILE A 103 -12.90 -4.76 12.96
N CYS A 104 -13.64 -5.07 14.02
CA CYS A 104 -13.12 -5.93 15.09
C CYS A 104 -13.06 -7.37 14.63
N ILE A 105 -11.96 -7.74 13.97
CA ILE A 105 -11.77 -9.10 13.49
C ILE A 105 -10.64 -9.80 14.23
N SER A 106 -10.85 -11.06 14.56
CA SER A 106 -9.85 -11.85 15.28
C SER A 106 -10.23 -13.33 15.29
N GLY A 107 -9.22 -14.19 15.36
CA GLY A 107 -9.46 -15.62 15.39
C GLY A 107 -8.53 -16.35 16.33
N PRO A 108 -8.05 -17.53 15.90
CA PRO A 108 -7.14 -18.36 16.70
C PRO A 108 -5.76 -17.73 16.83
N SER A 109 -5.46 -16.77 15.96
CA SER A 109 -4.17 -16.09 15.98
C SER A 109 -4.30 -14.71 16.59
N SER A 110 -4.02 -14.61 17.88
CA SER A 110 -4.10 -13.34 18.60
C SER A 110 -2.71 -12.79 18.89
N GLY A 111 -2.31 -11.77 18.13
CA GLY A 111 -1.00 -11.17 18.33
C GLY A 111 -0.90 -9.78 17.73
N GLY A 1 24.58 -0.67 -12.18
CA GLY A 1 24.84 -1.12 -13.54
C GLY A 1 26.30 -1.41 -13.79
N SER A 2 26.91 -2.18 -12.90
CA SER A 2 28.32 -2.53 -13.01
C SER A 2 28.66 -2.93 -14.45
N SER A 3 28.00 -3.98 -14.94
CA SER A 3 28.24 -4.46 -16.30
C SER A 3 27.08 -4.08 -17.21
N GLY A 4 25.87 -4.42 -16.79
CA GLY A 4 24.69 -4.11 -17.58
C GLY A 4 23.63 -5.19 -17.49
N SER A 5 22.90 -5.21 -16.38
CA SER A 5 21.85 -6.20 -16.17
C SER A 5 20.49 -5.63 -16.53
N SER A 6 19.50 -6.51 -16.64
CA SER A 6 18.15 -6.10 -16.99
C SER A 6 17.11 -6.91 -16.21
N GLY A 7 16.22 -6.22 -15.51
CA GLY A 7 15.19 -6.89 -14.73
C GLY A 7 14.49 -5.95 -13.78
N ALA A 8 13.36 -6.41 -13.24
CA ALA A 8 12.58 -5.60 -12.31
C ALA A 8 13.31 -5.45 -10.98
N ASN A 9 13.99 -4.32 -10.81
CA ASN A 9 14.74 -4.05 -9.59
C ASN A 9 14.01 -3.01 -8.72
N CYS A 10 14.44 -2.90 -7.47
CA CYS A 10 13.83 -1.95 -6.54
C CYS A 10 13.73 -0.56 -7.16
N ALA A 11 12.52 -0.03 -7.25
CA ALA A 11 12.30 1.29 -7.82
C ALA A 11 12.76 2.38 -6.86
N VAL A 12 13.35 1.98 -5.75
CA VAL A 12 13.85 2.93 -4.76
C VAL A 12 15.37 2.85 -4.64
N CYS A 13 15.91 1.66 -4.84
CA CYS A 13 17.36 1.45 -4.75
C CYS A 13 17.88 0.70 -5.97
N ASP A 14 17.08 0.70 -7.03
CA ASP A 14 17.47 0.03 -8.27
C ASP A 14 18.30 -1.21 -7.97
N SER A 15 17.88 -1.99 -6.98
CA SER A 15 18.59 -3.20 -6.60
C SER A 15 17.62 -4.38 -6.45
N PRO A 16 18.10 -5.57 -6.85
CA PRO A 16 17.29 -6.80 -6.78
C PRO A 16 17.05 -7.25 -5.33
N GLY A 17 18.05 -7.09 -4.49
CA GLY A 17 17.93 -7.48 -3.10
C GLY A 17 17.11 -8.74 -2.93
N ASP A 18 16.05 -8.65 -2.12
CA ASP A 18 15.19 -9.80 -1.87
C ASP A 18 13.97 -9.76 -2.79
N LEU A 19 13.60 -10.93 -3.32
CA LEU A 19 12.45 -11.03 -4.21
C LEU A 19 11.19 -11.43 -3.45
N LEU A 20 11.39 -12.02 -2.27
CA LEU A 20 10.27 -12.45 -1.44
C LEU A 20 9.87 -11.35 -0.46
N ASP A 21 10.85 -10.60 0.01
CA ASP A 21 10.60 -9.51 0.94
C ASP A 21 9.85 -8.37 0.27
N GLN A 22 10.28 -8.01 -0.93
CA GLN A 22 9.65 -6.94 -1.69
C GLN A 22 8.25 -7.36 -2.18
N PHE A 23 7.42 -6.37 -2.49
CA PHE A 23 6.07 -6.64 -2.96
C PHE A 23 5.99 -6.48 -4.48
N PHE A 24 5.06 -7.20 -5.10
CA PHE A 24 4.89 -7.14 -6.55
C PHE A 24 3.56 -6.48 -6.90
N CYS A 25 3.63 -5.34 -7.58
CA CYS A 25 2.43 -4.61 -7.99
C CYS A 25 1.66 -5.37 -9.05
N THR A 26 0.34 -5.18 -9.08
CA THR A 26 -0.50 -5.85 -10.05
C THR A 26 -0.79 -4.95 -11.25
N THR A 27 -0.71 -3.63 -11.03
CA THR A 27 -0.96 -2.67 -12.08
C THR A 27 0.24 -2.53 -13.01
N CYS A 28 1.31 -1.93 -12.49
CA CYS A 28 2.53 -1.74 -13.26
C CYS A 28 3.40 -3.00 -13.23
N GLY A 29 3.56 -3.58 -12.05
CA GLY A 29 4.36 -4.78 -11.91
C GLY A 29 5.80 -4.48 -11.53
N GLN A 30 5.98 -3.66 -10.50
CA GLN A 30 7.31 -3.29 -10.04
C GLN A 30 7.63 -3.94 -8.69
N HIS A 31 8.90 -3.92 -8.31
CA HIS A 31 9.33 -4.52 -7.05
C HIS A 31 9.82 -3.44 -6.09
N TYR A 32 9.39 -3.53 -4.84
CA TYR A 32 9.78 -2.55 -3.83
C TYR A 32 10.15 -3.25 -2.52
N HIS A 33 11.36 -2.99 -2.04
CA HIS A 33 11.83 -3.59 -0.79
C HIS A 33 11.01 -3.11 0.39
N GLY A 34 10.72 -4.02 1.32
CA GLY A 34 9.94 -3.66 2.49
C GLY A 34 10.63 -2.63 3.36
N MET A 35 11.94 -2.50 3.19
CA MET A 35 12.72 -1.54 3.96
C MET A 35 12.85 -0.22 3.22
N CYS A 36 13.28 -0.28 1.97
CA CYS A 36 13.45 0.92 1.15
C CYS A 36 12.20 1.79 1.21
N LEU A 37 11.05 1.15 1.42
CA LEU A 37 9.78 1.88 1.49
C LEU A 37 9.38 2.11 2.95
N ASP A 38 9.90 1.30 3.85
CA ASP A 38 9.60 1.42 5.27
C ASP A 38 8.18 0.94 5.57
N ILE A 39 7.79 -0.15 4.92
CA ILE A 39 6.46 -0.71 5.12
C ILE A 39 6.51 -1.96 5.98
N ALA A 40 5.50 -2.13 6.84
CA ALA A 40 5.42 -3.29 7.72
C ALA A 40 4.91 -4.52 6.97
N VAL A 41 5.82 -5.45 6.68
CA VAL A 41 5.45 -6.67 5.98
C VAL A 41 4.38 -7.45 6.73
N THR A 42 3.14 -7.34 6.27
CA THR A 42 2.03 -8.03 6.90
C THR A 42 1.40 -9.04 5.94
N PRO A 43 0.78 -10.09 6.52
CA PRO A 43 0.13 -11.15 5.74
C PRO A 43 -1.13 -10.65 5.03
N LEU A 44 -1.42 -9.36 5.17
CA LEU A 44 -2.59 -8.77 4.54
C LEU A 44 -2.23 -8.10 3.22
N LYS A 45 -1.06 -7.47 3.19
CA LYS A 45 -0.58 -6.79 1.99
C LYS A 45 -0.07 -7.79 0.97
N ARG A 46 0.83 -8.67 1.41
CA ARG A 46 1.41 -9.69 0.54
C ARG A 46 0.37 -10.20 -0.47
N ALA A 47 -0.86 -10.36 0.00
CA ALA A 47 -1.95 -10.84 -0.85
C ALA A 47 -2.77 -9.68 -1.40
N GLY A 48 -2.34 -9.15 -2.54
CA GLY A 48 -3.06 -8.04 -3.15
C GLY A 48 -2.45 -6.70 -2.80
N TRP A 49 -1.13 -6.60 -2.91
CA TRP A 49 -0.42 -5.36 -2.61
C TRP A 49 -0.41 -4.43 -3.80
N GLN A 50 -0.37 -3.12 -3.53
CA GLN A 50 -0.35 -2.12 -4.60
C GLN A 50 0.73 -1.08 -4.34
N CYS A 51 1.56 -0.84 -5.34
CA CYS A 51 2.64 0.15 -5.23
C CYS A 51 2.07 1.56 -5.12
N PRO A 52 2.86 2.47 -4.53
CA PRO A 52 2.47 3.87 -4.36
C PRO A 52 2.41 4.63 -5.67
N GLU A 53 2.95 4.02 -6.72
CA GLU A 53 2.96 4.65 -8.04
C GLU A 53 1.71 4.26 -8.83
N CYS A 54 0.94 3.33 -8.28
CA CYS A 54 -0.29 2.88 -8.92
C CYS A 54 -1.49 3.01 -7.99
N LYS A 55 -1.37 2.43 -6.80
CA LYS A 55 -2.44 2.50 -5.81
C LYS A 55 -3.25 3.78 -5.96
N VAL A 56 -4.56 3.67 -5.73
CA VAL A 56 -5.45 4.82 -5.84
C VAL A 56 -6.59 4.73 -4.84
N CYS A 57 -7.42 5.77 -4.80
CA CYS A 57 -8.55 5.81 -3.89
C CYS A 57 -9.55 4.71 -4.20
N GLN A 58 -10.31 4.29 -3.19
CA GLN A 58 -11.30 3.24 -3.37
C GLN A 58 -12.71 3.82 -3.35
N ASN A 59 -12.85 5.01 -2.79
CA ASN A 59 -14.14 5.68 -2.71
C ASN A 59 -14.46 6.42 -4.00
N CYS A 60 -13.49 7.20 -4.48
CA CYS A 60 -13.67 7.96 -5.71
C CYS A 60 -12.90 7.31 -6.87
N LYS A 61 -11.79 6.66 -6.54
CA LYS A 61 -10.97 5.99 -7.55
C LYS A 61 -10.36 7.02 -8.51
N GLN A 62 -9.79 8.08 -7.95
CA GLN A 62 -9.17 9.11 -8.75
C GLN A 62 -7.78 9.47 -8.22
N SER A 63 -6.75 9.08 -8.97
CA SER A 63 -5.37 9.35 -8.56
C SER A 63 -5.00 10.80 -8.82
N GLY A 64 -4.67 11.52 -7.76
CA GLY A 64 -4.30 12.92 -7.89
C GLY A 64 -3.82 13.52 -6.58
N GLU A 65 -4.69 13.56 -5.59
CA GLU A 65 -4.35 14.11 -4.29
C GLU A 65 -3.58 13.09 -3.45
N ASP A 66 -2.26 13.21 -3.44
CA ASP A 66 -1.41 12.31 -2.68
C ASP A 66 -1.37 12.71 -1.21
N SER A 67 -1.04 13.97 -0.95
CA SER A 67 -0.95 14.49 0.41
C SER A 67 -2.24 14.21 1.18
N LYS A 68 -3.37 14.49 0.54
CA LYS A 68 -4.68 14.27 1.15
C LYS A 68 -5.16 12.85 0.90
N MET A 69 -4.28 11.88 1.10
CA MET A 69 -4.63 10.47 0.90
C MET A 69 -4.15 9.62 2.07
N LEU A 70 -5.07 9.30 2.97
CA LEU A 70 -4.75 8.49 4.14
C LEU A 70 -4.42 7.05 3.72
N VAL A 71 -3.13 6.76 3.61
CA VAL A 71 -2.68 5.42 3.23
C VAL A 71 -2.77 4.46 4.41
N CYS A 72 -3.79 3.60 4.38
CA CYS A 72 -4.00 2.63 5.45
C CYS A 72 -2.71 1.88 5.76
N ASP A 73 -2.65 1.30 6.95
CA ASP A 73 -1.46 0.55 7.37
C ASP A 73 -1.67 -0.95 7.20
N THR A 74 -2.86 -1.41 7.55
CA THR A 74 -3.20 -2.82 7.43
C THR A 74 -3.27 -3.25 5.97
N CYS A 75 -4.29 -2.78 5.27
CA CYS A 75 -4.48 -3.12 3.87
C CYS A 75 -3.52 -2.32 2.99
N ASP A 76 -3.29 -1.07 3.37
CA ASP A 76 -2.39 -0.20 2.62
C ASP A 76 -2.89 -0.01 1.19
N LYS A 77 -4.14 0.43 1.05
CA LYS A 77 -4.74 0.65 -0.26
C LYS A 77 -4.65 2.12 -0.66
N GLY A 78 -5.43 2.96 0.01
CA GLY A 78 -5.42 4.39 -0.29
C GLY A 78 -6.81 5.00 -0.26
N TYR A 79 -7.00 5.98 0.61
CA TYR A 79 -8.29 6.65 0.73
C TYR A 79 -8.11 8.12 1.08
N HIS A 80 -8.78 8.99 0.31
CA HIS A 80 -8.69 10.43 0.54
C HIS A 80 -9.51 10.84 1.77
N THR A 81 -8.94 11.72 2.58
CA THR A 81 -9.61 12.19 3.79
C THR A 81 -10.99 12.74 3.47
N PHE A 82 -11.09 13.48 2.36
CA PHE A 82 -12.36 14.06 1.94
C PHE A 82 -13.23 13.02 1.24
N CYS A 83 -12.78 11.77 1.25
CA CYS A 83 -13.51 10.69 0.61
C CYS A 83 -14.08 9.73 1.65
N LEU A 84 -13.80 10.01 2.92
CA LEU A 84 -14.29 9.17 4.01
C LEU A 84 -15.62 9.68 4.53
N GLN A 85 -16.39 8.79 5.14
CA GLN A 85 -17.70 9.14 5.68
C GLN A 85 -17.82 8.72 7.15
N PRO A 86 -17.70 9.71 8.05
CA PRO A 86 -17.47 11.10 7.68
C PRO A 86 -16.08 11.34 7.10
N VAL A 87 -15.78 12.59 6.79
CA VAL A 87 -14.48 12.95 6.24
C VAL A 87 -13.54 13.47 7.31
N MET A 88 -12.26 13.14 7.19
CA MET A 88 -11.26 13.58 8.15
C MET A 88 -10.84 15.02 7.89
N LYS A 89 -11.53 15.96 8.52
CA LYS A 89 -11.22 17.37 8.36
C LYS A 89 -9.71 17.60 8.29
N SER A 90 -8.97 16.87 9.10
CA SER A 90 -7.52 16.98 9.13
C SER A 90 -6.86 15.61 9.09
N VAL A 91 -5.53 15.60 8.99
CA VAL A 91 -4.77 14.36 8.94
C VAL A 91 -4.09 14.08 10.28
N PRO A 92 -4.32 12.86 10.81
CA PRO A 92 -3.73 12.44 12.09
C PRO A 92 -2.23 12.22 12.00
N THR A 93 -1.64 11.73 13.08
CA THR A 93 -0.20 11.48 13.12
C THR A 93 0.12 10.05 12.74
N ASN A 94 -0.52 9.10 13.43
CA ASN A 94 -0.30 7.69 13.16
C ASN A 94 -1.33 6.82 13.89
N GLY A 95 -1.71 5.72 13.26
CA GLY A 95 -2.69 4.83 13.87
C GLY A 95 -4.07 4.97 13.24
N TRP A 96 -4.12 4.87 11.92
CA TRP A 96 -5.38 4.99 11.20
C TRP A 96 -5.79 3.65 10.59
N LYS A 97 -7.10 3.44 10.44
CA LYS A 97 -7.61 2.20 9.86
C LYS A 97 -8.84 2.47 9.00
N CYS A 98 -8.79 2.03 7.74
CA CYS A 98 -9.90 2.22 6.82
C CYS A 98 -11.07 1.32 7.19
N LYS A 99 -12.26 1.74 6.77
CA LYS A 99 -13.48 0.96 7.05
C LYS A 99 -13.28 -0.50 6.69
N ASN A 100 -12.96 -0.75 5.42
CA ASN A 100 -12.75 -2.12 4.95
C ASN A 100 -11.88 -2.91 5.91
N CYS A 101 -11.11 -2.19 6.73
CA CYS A 101 -10.23 -2.82 7.71
C CYS A 101 -10.91 -2.89 9.08
N ARG A 102 -11.56 -1.80 9.48
CA ARG A 102 -12.23 -1.75 10.76
C ARG A 102 -13.21 -2.91 10.91
N ILE A 103 -13.62 -3.48 9.78
CA ILE A 103 -14.55 -4.60 9.78
C ILE A 103 -14.21 -5.59 10.89
N CYS A 104 -15.23 -6.07 11.59
CA CYS A 104 -15.05 -7.02 12.67
C CYS A 104 -15.81 -8.31 12.40
N ILE A 105 -16.84 -8.22 11.57
CA ILE A 105 -17.67 -9.38 11.22
C ILE A 105 -17.32 -9.89 9.82
N SER A 106 -16.25 -10.67 9.73
CA SER A 106 -15.82 -11.22 8.46
C SER A 106 -15.49 -12.70 8.59
N GLY A 107 -16.40 -13.46 9.20
CA GLY A 107 -16.18 -14.88 9.39
C GLY A 107 -16.97 -15.72 8.40
N PRO A 108 -16.36 -16.83 7.94
CA PRO A 108 -16.99 -17.74 6.98
C PRO A 108 -18.16 -18.51 7.60
N SER A 109 -18.51 -18.15 8.83
CA SER A 109 -19.61 -18.81 9.53
C SER A 109 -20.63 -19.36 8.53
N SER A 110 -20.80 -20.68 8.54
CA SER A 110 -21.73 -21.35 7.64
C SER A 110 -22.88 -22.00 8.42
N GLY A 111 -23.83 -22.57 7.70
CA GLY A 111 -24.96 -23.22 8.34
C GLY A 111 -24.79 -24.72 8.43
N GLY A 1 28.11 -16.26 -19.24
CA GLY A 1 28.66 -15.46 -18.16
C GLY A 1 27.86 -14.20 -17.90
N SER A 2 27.26 -14.11 -16.72
CA SER A 2 26.46 -12.94 -16.36
C SER A 2 25.63 -12.47 -17.55
N SER A 3 25.06 -13.41 -18.28
CA SER A 3 24.25 -13.08 -19.44
C SER A 3 22.94 -12.40 -19.03
N GLY A 4 22.24 -13.02 -18.09
CA GLY A 4 20.99 -12.46 -17.61
C GLY A 4 21.18 -11.19 -16.82
N SER A 5 20.90 -10.05 -17.46
CA SER A 5 21.05 -8.75 -16.81
C SER A 5 19.91 -8.50 -15.82
N SER A 6 20.18 -7.67 -14.81
CA SER A 6 19.18 -7.35 -13.80
C SER A 6 17.88 -6.90 -14.44
N GLY A 7 16.77 -7.45 -13.96
CA GLY A 7 15.47 -7.09 -14.50
C GLY A 7 14.74 -6.08 -13.64
N ALA A 8 13.56 -6.45 -13.16
CA ALA A 8 12.76 -5.55 -12.33
C ALA A 8 13.34 -5.47 -10.92
N ASN A 9 14.08 -4.39 -10.65
CA ASN A 9 14.69 -4.19 -9.34
C ASN A 9 13.95 -3.11 -8.55
N CYS A 10 14.28 -2.98 -7.28
CA CYS A 10 13.65 -2.00 -6.42
C CYS A 10 13.71 -0.61 -7.05
N ALA A 11 12.63 0.16 -6.90
CA ALA A 11 12.57 1.50 -7.45
C ALA A 11 13.05 2.54 -6.44
N VAL A 12 13.52 2.07 -5.30
CA VAL A 12 14.01 2.95 -4.25
C VAL A 12 15.52 2.81 -4.07
N CYS A 13 15.97 1.58 -3.84
CA CYS A 13 17.39 1.32 -3.65
C CYS A 13 18.04 0.87 -4.96
N ASP A 14 17.25 0.23 -5.81
CA ASP A 14 17.74 -0.26 -7.09
C ASP A 14 18.61 -1.50 -6.91
N SER A 15 18.13 -2.45 -6.11
CA SER A 15 18.88 -3.67 -5.85
C SER A 15 17.95 -4.89 -5.89
N PRO A 16 18.48 -6.02 -6.38
CA PRO A 16 17.73 -7.27 -6.48
C PRO A 16 17.41 -7.88 -5.12
N GLY A 17 18.41 -7.90 -4.23
CA GLY A 17 18.22 -8.46 -2.91
C GLY A 17 17.24 -9.62 -2.91
N ASP A 18 16.09 -9.42 -2.30
CA ASP A 18 15.07 -10.47 -2.23
C ASP A 18 13.86 -10.11 -3.08
N LEU A 19 13.25 -11.11 -3.70
CA LEU A 19 12.08 -10.90 -4.54
C LEU A 19 10.80 -11.06 -3.73
N LEU A 20 10.70 -12.16 -3.00
CA LEU A 20 9.52 -12.44 -2.18
C LEU A 20 9.41 -11.43 -1.04
N ASP A 21 10.55 -11.05 -0.48
CA ASP A 21 10.57 -10.09 0.62
C ASP A 21 9.80 -8.82 0.25
N GLN A 22 10.09 -8.29 -0.93
CA GLN A 22 9.42 -7.08 -1.41
C GLN A 22 8.12 -7.42 -2.12
N PHE A 23 7.21 -6.45 -2.15
CA PHE A 23 5.90 -6.64 -2.80
C PHE A 23 6.02 -6.45 -4.30
N PHE A 24 4.94 -6.76 -5.02
CA PHE A 24 4.91 -6.62 -6.46
C PHE A 24 3.60 -5.99 -6.93
N CYS A 25 3.71 -4.84 -7.57
CA CYS A 25 2.53 -4.13 -8.06
C CYS A 25 1.88 -4.89 -9.22
N THR A 26 0.58 -4.68 -9.39
CA THR A 26 -0.16 -5.35 -10.46
C THR A 26 -0.40 -4.40 -11.63
N THR A 27 -0.45 -3.11 -11.33
CA THR A 27 -0.68 -2.10 -12.35
C THR A 27 0.58 -1.85 -13.19
N CYS A 28 1.62 -1.35 -12.54
CA CYS A 28 2.88 -1.08 -13.23
C CYS A 28 3.79 -2.29 -13.20
N GLY A 29 3.91 -2.92 -12.03
CA GLY A 29 4.75 -4.09 -11.89
C GLY A 29 6.09 -3.77 -11.28
N GLN A 30 6.12 -2.84 -10.35
CA GLN A 30 7.35 -2.43 -9.68
C GLN A 30 7.55 -3.20 -8.39
N HIS A 31 8.75 -3.12 -7.83
CA HIS A 31 9.08 -3.81 -6.59
C HIS A 31 9.55 -2.83 -5.52
N TYR A 32 9.33 -3.19 -4.27
CA TYR A 32 9.73 -2.33 -3.15
C TYR A 32 9.90 -3.15 -1.87
N HIS A 33 11.09 -3.07 -1.28
CA HIS A 33 11.37 -3.79 -0.04
C HIS A 33 10.65 -3.16 1.14
N GLY A 34 10.24 -4.00 2.09
CA GLY A 34 9.54 -3.51 3.26
C GLY A 34 10.35 -2.48 4.03
N MET A 35 11.66 -2.44 3.78
CA MET A 35 12.54 -1.49 4.45
C MET A 35 12.66 -0.20 3.64
N CYS A 36 12.81 -0.34 2.33
CA CYS A 36 12.93 0.82 1.45
C CYS A 36 11.69 1.70 1.53
N LEU A 37 10.56 1.09 1.88
CA LEU A 37 9.30 1.81 1.99
C LEU A 37 8.84 1.89 3.44
N ASP A 38 9.59 1.26 4.33
CA ASP A 38 9.27 1.25 5.75
C ASP A 38 7.89 0.66 5.99
N ILE A 39 7.58 -0.43 5.28
CA ILE A 39 6.30 -1.10 5.42
C ILE A 39 6.42 -2.37 6.25
N ALA A 40 5.41 -2.65 7.06
CA ALA A 40 5.40 -3.84 7.91
C ALA A 40 4.89 -5.05 7.14
N VAL A 41 5.82 -5.87 6.64
CA VAL A 41 5.47 -7.06 5.89
C VAL A 41 4.43 -7.90 6.64
N THR A 42 3.25 -8.02 6.05
CA THR A 42 2.18 -8.79 6.66
C THR A 42 1.60 -9.81 5.68
N PRO A 43 1.07 -10.92 6.23
CA PRO A 43 0.48 -11.99 5.41
C PRO A 43 -0.84 -11.56 4.76
N LEU A 44 -1.30 -10.38 5.12
CA LEU A 44 -2.55 -9.84 4.57
C LEU A 44 -2.27 -8.79 3.49
N LYS A 45 -1.41 -7.84 3.82
CA LYS A 45 -1.06 -6.78 2.89
C LYS A 45 -0.49 -7.36 1.60
N ARG A 46 0.34 -8.39 1.73
CA ARG A 46 0.95 -9.03 0.58
C ARG A 46 -0.08 -9.25 -0.54
N ALA A 47 -1.23 -9.82 -0.17
CA ALA A 47 -2.29 -10.08 -1.13
C ALA A 47 -2.94 -8.77 -1.60
N GLY A 48 -3.19 -8.67 -2.90
CA GLY A 48 -3.81 -7.48 -3.44
C GLY A 48 -3.06 -6.21 -3.07
N TRP A 49 -1.75 -6.22 -3.29
CA TRP A 49 -0.91 -5.07 -2.97
C TRP A 49 -0.78 -4.14 -4.18
N GLN A 50 -0.75 -2.84 -3.92
CA GLN A 50 -0.63 -1.85 -4.98
C GLN A 50 0.36 -0.75 -4.60
N CYS A 51 1.39 -0.57 -5.42
CA CYS A 51 2.40 0.45 -5.16
C CYS A 51 1.76 1.84 -5.03
N PRO A 52 2.46 2.75 -4.34
CA PRO A 52 1.99 4.11 -4.12
C PRO A 52 1.99 4.94 -5.41
N GLU A 53 2.65 4.42 -6.43
CA GLU A 53 2.73 5.11 -7.72
C GLU A 53 1.55 4.74 -8.61
N CYS A 54 0.80 3.72 -8.19
CA CYS A 54 -0.37 3.27 -8.94
C CYS A 54 -1.63 3.32 -8.09
N LYS A 55 -1.55 2.73 -6.90
CA LYS A 55 -2.68 2.71 -5.98
C LYS A 55 -3.54 3.97 -6.14
N VAL A 56 -4.83 3.83 -5.92
CA VAL A 56 -5.75 4.95 -6.04
C VAL A 56 -6.89 4.84 -5.03
N CYS A 57 -7.63 5.93 -4.84
CA CYS A 57 -8.75 5.94 -3.90
C CYS A 57 -9.76 4.86 -4.24
N GLN A 58 -10.27 4.20 -3.21
CA GLN A 58 -11.25 3.12 -3.40
C GLN A 58 -12.67 3.68 -3.34
N ASN A 59 -12.81 4.89 -2.82
CA ASN A 59 -14.11 5.53 -2.71
C ASN A 59 -14.53 6.15 -4.04
N CYS A 60 -13.65 6.99 -4.59
CA CYS A 60 -13.92 7.66 -5.86
C CYS A 60 -13.19 6.97 -7.01
N LYS A 61 -12.62 5.80 -6.71
CA LYS A 61 -11.88 5.03 -7.72
C LYS A 61 -11.00 5.96 -8.56
N GLN A 62 -10.48 7.00 -7.93
CA GLN A 62 -9.62 7.95 -8.63
C GLN A 62 -8.39 8.28 -7.81
N SER A 63 -7.47 9.06 -8.38
CA SER A 63 -6.25 9.44 -7.70
C SER A 63 -5.88 10.89 -7.99
N GLY A 64 -5.49 11.62 -6.95
CA GLY A 64 -5.13 13.02 -7.12
C GLY A 64 -4.23 13.52 -6.00
N GLU A 65 -4.86 14.10 -4.97
CA GLU A 65 -4.10 14.63 -3.84
C GLU A 65 -3.38 13.51 -3.10
N ASP A 66 -2.10 13.36 -3.38
CA ASP A 66 -1.28 12.33 -2.74
C ASP A 66 -1.05 12.65 -1.26
N SER A 67 -0.57 13.86 -1.00
CA SER A 67 -0.30 14.29 0.37
C SER A 67 -1.51 14.05 1.26
N LYS A 68 -2.66 14.56 0.84
CA LYS A 68 -3.90 14.40 1.60
C LYS A 68 -4.31 12.93 1.65
N MET A 69 -4.16 12.24 0.53
CA MET A 69 -4.53 10.83 0.45
C MET A 69 -4.01 10.06 1.66
N LEU A 70 -4.90 9.33 2.32
CA LEU A 70 -4.53 8.55 3.49
C LEU A 70 -4.08 7.15 3.10
N VAL A 71 -2.94 6.72 3.63
CA VAL A 71 -2.40 5.41 3.33
C VAL A 71 -2.50 4.49 4.55
N CYS A 72 -3.35 3.47 4.44
CA CYS A 72 -3.55 2.52 5.52
C CYS A 72 -2.22 1.89 5.94
N ASP A 73 -2.19 1.30 7.14
CA ASP A 73 -0.99 0.66 7.65
C ASP A 73 -1.10 -0.86 7.55
N THR A 74 -2.32 -1.36 7.67
CA THR A 74 -2.57 -2.80 7.60
C THR A 74 -2.65 -3.28 6.15
N CYS A 75 -3.57 -2.70 5.40
CA CYS A 75 -3.76 -3.07 4.00
C CYS A 75 -3.11 -2.03 3.08
N ASP A 76 -2.76 -0.88 3.64
CA ASP A 76 -2.13 0.19 2.88
C ASP A 76 -2.77 0.32 1.50
N LYS A 77 -4.10 0.41 1.48
CA LYS A 77 -4.84 0.54 0.23
C LYS A 77 -4.78 1.97 -0.29
N GLY A 78 -5.42 2.89 0.43
CA GLY A 78 -5.43 4.28 0.03
C GLY A 78 -6.82 4.87 -0.01
N TYR A 79 -7.03 5.92 0.77
CA TYR A 79 -8.34 6.58 0.82
C TYR A 79 -8.18 8.08 1.05
N HIS A 80 -8.92 8.86 0.28
CA HIS A 80 -8.88 10.32 0.40
C HIS A 80 -9.47 10.77 1.73
N THR A 81 -9.27 12.05 2.05
CA THR A 81 -9.77 12.61 3.30
C THR A 81 -11.17 13.18 3.11
N PHE A 82 -11.52 13.50 1.86
CA PHE A 82 -12.83 14.05 1.55
C PHE A 82 -13.70 13.02 0.85
N CYS A 83 -13.33 11.75 0.98
CA CYS A 83 -14.07 10.67 0.36
C CYS A 83 -14.65 9.73 1.42
N LEU A 84 -14.13 9.84 2.64
CA LEU A 84 -14.60 9.00 3.74
C LEU A 84 -15.93 9.52 4.29
N GLN A 85 -16.67 8.63 4.95
CA GLN A 85 -17.95 9.00 5.53
C GLN A 85 -18.03 8.57 7.00
N PRO A 86 -17.85 9.55 7.91
CA PRO A 86 -17.60 10.94 7.54
C PRO A 86 -16.22 11.13 6.92
N VAL A 87 -15.95 12.34 6.44
CA VAL A 87 -14.67 12.65 5.81
C VAL A 87 -13.65 13.12 6.86
N MET A 88 -12.38 12.85 6.60
CA MET A 88 -11.31 13.24 7.52
C MET A 88 -10.71 14.57 7.11
N LYS A 89 -11.40 15.66 7.42
CA LYS A 89 -10.93 17.00 7.10
C LYS A 89 -9.41 17.07 7.15
N SER A 90 -8.84 16.58 8.25
CA SER A 90 -7.39 16.59 8.44
C SER A 90 -6.85 15.16 8.52
N VAL A 91 -5.53 15.05 8.58
CA VAL A 91 -4.88 13.75 8.67
C VAL A 91 -4.25 13.54 10.04
N PRO A 92 -4.38 12.31 10.56
CA PRO A 92 -3.84 11.94 11.87
C PRO A 92 -2.31 11.88 11.86
N THR A 93 -1.71 12.22 13.01
CA THR A 93 -0.25 12.21 13.13
C THR A 93 0.34 10.99 12.44
N ASN A 94 0.00 9.80 12.93
CA ASN A 94 0.50 8.55 12.36
C ASN A 94 -0.26 7.35 12.92
N GLY A 95 -0.49 6.36 12.08
CA GLY A 95 -1.20 5.17 12.51
C GLY A 95 -2.68 5.25 12.22
N TRP A 96 -3.03 5.22 10.93
CA TRP A 96 -4.43 5.28 10.52
C TRP A 96 -4.91 3.94 9.98
N LYS A 97 -6.08 3.51 10.41
CA LYS A 97 -6.65 2.24 9.96
C LYS A 97 -7.93 2.47 9.16
N CYS A 98 -7.96 1.93 7.94
CA CYS A 98 -9.12 2.08 7.08
C CYS A 98 -10.30 1.27 7.61
N LYS A 99 -11.49 1.59 7.11
CA LYS A 99 -12.71 0.89 7.53
C LYS A 99 -12.66 -0.58 7.13
N ASN A 100 -12.19 -0.84 5.92
CA ASN A 100 -12.09 -2.20 5.41
C ASN A 100 -11.20 -3.06 6.32
N CYS A 101 -10.34 -2.40 7.07
CA CYS A 101 -9.43 -3.10 7.98
C CYS A 101 -10.02 -3.16 9.38
N ARG A 102 -10.58 -2.05 9.84
CA ARG A 102 -11.18 -1.97 11.16
C ARG A 102 -12.33 -2.97 11.30
N ILE A 103 -12.78 -3.51 10.17
CA ILE A 103 -13.87 -4.47 10.16
C ILE A 103 -13.67 -5.54 11.24
N CYS A 104 -14.77 -5.92 11.88
CA CYS A 104 -14.71 -6.94 12.93
C CYS A 104 -15.03 -8.31 12.36
N ILE A 105 -14.03 -9.18 12.34
CA ILE A 105 -14.20 -10.54 11.82
C ILE A 105 -15.15 -11.34 12.70
N SER A 106 -15.45 -12.57 12.29
CA SER A 106 -16.35 -13.44 13.03
C SER A 106 -16.19 -13.23 14.53
N GLY A 107 -17.26 -12.77 15.17
CA GLY A 107 -17.22 -12.52 16.60
C GLY A 107 -18.13 -13.46 17.37
N PRO A 108 -17.74 -13.78 18.61
CA PRO A 108 -18.51 -14.68 19.48
C PRO A 108 -19.82 -14.05 19.95
N SER A 109 -20.03 -12.79 19.59
CA SER A 109 -21.24 -12.07 19.97
C SER A 109 -22.47 -12.74 19.38
N SER A 110 -23.31 -13.30 20.25
CA SER A 110 -24.52 -13.98 19.81
C SER A 110 -25.75 -13.36 20.47
N GLY A 111 -25.79 -12.03 20.52
CA GLY A 111 -26.91 -11.34 21.12
C GLY A 111 -26.53 -10.62 22.40
N GLY A 1 27.11 1.73 -9.27
CA GLY A 1 25.83 1.51 -8.63
C GLY A 1 25.49 0.03 -8.51
N SER A 2 25.49 -0.66 -9.64
CA SER A 2 25.17 -2.08 -9.67
C SER A 2 25.88 -2.78 -10.83
N SER A 3 26.53 -3.89 -10.54
CA SER A 3 27.25 -4.65 -11.56
C SER A 3 26.37 -5.77 -12.12
N GLY A 4 26.12 -5.72 -13.42
CA GLY A 4 25.30 -6.73 -14.06
C GLY A 4 23.86 -6.30 -14.21
N SER A 5 22.96 -7.26 -14.41
CA SER A 5 21.55 -6.98 -14.57
C SER A 5 20.81 -7.10 -13.25
N SER A 6 19.52 -6.77 -13.26
CA SER A 6 18.70 -6.83 -12.05
C SER A 6 17.25 -7.15 -12.40
N GLY A 7 16.66 -8.08 -11.66
CA GLY A 7 15.28 -8.46 -11.91
C GLY A 7 14.30 -7.67 -11.07
N ALA A 8 13.47 -6.87 -11.73
CA ALA A 8 12.48 -6.05 -11.04
C ALA A 8 13.14 -5.19 -9.97
N ASN A 9 14.29 -4.60 -10.30
CA ASN A 9 15.01 -3.75 -9.37
C ASN A 9 14.06 -2.80 -8.64
N CYS A 10 14.35 -2.53 -7.37
CA CYS A 10 13.52 -1.65 -6.57
C CYS A 10 13.42 -0.27 -7.23
N ALA A 11 12.19 0.17 -7.47
CA ALA A 11 11.95 1.47 -8.09
C ALA A 11 12.25 2.61 -7.12
N VAL A 12 12.75 2.25 -5.93
CA VAL A 12 13.08 3.24 -4.92
C VAL A 12 14.58 3.27 -4.65
N CYS A 13 15.18 2.10 -4.51
CA CYS A 13 16.62 1.99 -4.25
C CYS A 13 17.34 1.35 -5.43
N ASP A 14 16.57 0.68 -6.29
CA ASP A 14 17.14 0.02 -7.46
C ASP A 14 18.14 -1.06 -7.06
N SER A 15 17.69 -1.97 -6.20
CA SER A 15 18.54 -3.06 -5.73
C SER A 15 17.77 -4.37 -5.66
N PRO A 16 18.42 -5.47 -6.07
CA PRO A 16 17.83 -6.80 -6.05
C PRO A 16 17.61 -7.33 -4.64
N GLY A 17 18.67 -7.30 -3.84
CA GLY A 17 18.58 -7.79 -2.47
C GLY A 17 17.56 -8.89 -2.32
N ASP A 18 16.47 -8.60 -1.63
CA ASP A 18 15.41 -9.59 -1.41
C ASP A 18 14.22 -9.32 -2.31
N LEU A 19 13.92 -10.27 -3.19
CA LEU A 19 12.79 -10.13 -4.11
C LEU A 19 11.47 -10.36 -3.39
N LEU A 20 11.41 -11.44 -2.62
CA LEU A 20 10.19 -11.77 -1.87
C LEU A 20 9.88 -10.70 -0.84
N ASP A 21 10.92 -10.18 -0.20
CA ASP A 21 10.75 -9.14 0.82
C ASP A 21 9.93 -7.98 0.27
N GLN A 22 10.29 -7.52 -0.93
CA GLN A 22 9.59 -6.40 -1.56
C GLN A 22 8.31 -6.88 -2.23
N PHE A 23 7.22 -6.13 -2.03
CA PHE A 23 5.94 -6.48 -2.62
C PHE A 23 6.03 -6.50 -4.14
N PHE A 24 4.96 -6.97 -4.79
CA PHE A 24 4.92 -7.03 -6.24
C PHE A 24 3.57 -6.52 -6.77
N CYS A 25 3.62 -5.43 -7.53
CA CYS A 25 2.42 -4.85 -8.10
C CYS A 25 1.85 -5.73 -9.21
N THR A 26 0.55 -5.60 -9.45
CA THR A 26 -0.12 -6.38 -10.49
C THR A 26 -0.40 -5.54 -11.72
N THR A 27 -0.69 -4.26 -11.50
CA THR A 27 -0.98 -3.34 -12.60
C THR A 27 0.26 -3.09 -13.46
N CYS A 28 1.27 -2.48 -12.84
CA CYS A 28 2.52 -2.18 -13.55
C CYS A 28 3.49 -3.36 -13.47
N GLY A 29 3.60 -3.95 -12.28
CA GLY A 29 4.49 -5.08 -12.09
C GLY A 29 5.83 -4.67 -11.52
N GLN A 30 5.82 -3.66 -10.66
CA GLN A 30 7.06 -3.17 -10.04
C GLN A 30 7.20 -3.70 -8.62
N HIS A 31 8.44 -3.74 -8.14
CA HIS A 31 8.72 -4.23 -6.79
C HIS A 31 9.08 -3.07 -5.86
N TYR A 32 8.89 -3.29 -4.56
CA TYR A 32 9.19 -2.27 -3.57
C TYR A 32 9.43 -2.90 -2.19
N HIS A 33 10.60 -2.66 -1.63
CA HIS A 33 10.95 -3.21 -0.32
C HIS A 33 10.02 -2.65 0.76
N GLY A 34 9.94 -3.35 1.88
CA GLY A 34 9.09 -2.91 2.98
C GLY A 34 9.70 -1.75 3.74
N MET A 35 11.01 -1.58 3.60
CA MET A 35 11.70 -0.49 4.29
C MET A 35 11.83 0.74 3.39
N CYS A 36 12.11 0.49 2.11
CA CYS A 36 12.25 1.58 1.15
C CYS A 36 11.01 2.48 1.14
N LEU A 37 9.87 1.89 1.49
CA LEU A 37 8.62 2.64 1.52
C LEU A 37 8.13 2.82 2.96
N ASP A 38 8.94 2.38 3.91
CA ASP A 38 8.60 2.49 5.33
C ASP A 38 7.29 1.78 5.63
N ILE A 39 7.08 0.65 4.97
CA ILE A 39 5.87 -0.14 5.16
C ILE A 39 6.13 -1.34 6.06
N ALA A 40 5.12 -1.71 6.84
CA ALA A 40 5.24 -2.84 7.75
C ALA A 40 4.76 -4.13 7.09
N VAL A 41 5.71 -4.92 6.59
CA VAL A 41 5.38 -6.19 5.92
C VAL A 41 4.37 -6.98 6.74
N THR A 42 3.21 -7.24 6.13
CA THR A 42 2.16 -7.99 6.80
C THR A 42 1.59 -9.08 5.89
N PRO A 43 1.04 -10.14 6.50
CA PRO A 43 0.47 -11.26 5.75
C PRO A 43 -0.82 -10.88 5.04
N LEU A 44 -1.18 -9.60 5.11
CA LEU A 44 -2.39 -9.10 4.47
C LEU A 44 -2.06 -8.33 3.20
N LYS A 45 -1.09 -7.42 3.31
CA LYS A 45 -0.68 -6.61 2.17
C LYS A 45 -0.12 -7.48 1.05
N ARG A 46 0.87 -8.32 1.39
CA ARG A 46 1.48 -9.20 0.42
C ARG A 46 0.45 -9.69 -0.60
N ALA A 47 -0.74 -10.00 -0.13
CA ALA A 47 -1.81 -10.49 -0.99
C ALA A 47 -2.47 -9.33 -1.74
N GLY A 48 -2.47 -9.42 -3.06
CA GLY A 48 -3.07 -8.37 -3.88
C GLY A 48 -2.54 -7.00 -3.53
N TRP A 49 -1.22 -6.85 -3.57
CA TRP A 49 -0.58 -5.57 -3.26
C TRP A 49 -0.55 -4.66 -4.48
N GLN A 50 -0.76 -3.37 -4.27
CA GLN A 50 -0.75 -2.40 -5.35
C GLN A 50 0.19 -1.24 -5.04
N CYS A 51 1.29 -1.16 -5.79
CA CYS A 51 2.26 -0.09 -5.60
C CYS A 51 1.59 1.26 -5.48
N PRO A 52 2.27 2.22 -4.83
CA PRO A 52 1.75 3.57 -4.64
C PRO A 52 1.68 4.36 -5.95
N GLU A 53 2.16 3.75 -7.03
CA GLU A 53 2.15 4.39 -8.33
C GLU A 53 0.93 3.97 -9.14
N CYS A 54 0.35 2.83 -8.78
CA CYS A 54 -0.83 2.32 -9.47
C CYS A 54 -2.07 2.39 -8.57
N LYS A 55 -1.85 2.25 -7.27
CA LYS A 55 -2.94 2.30 -6.31
C LYS A 55 -3.67 3.64 -6.37
N VAL A 56 -4.99 3.61 -6.29
CA VAL A 56 -5.79 4.82 -6.33
C VAL A 56 -6.93 4.77 -5.31
N CYS A 57 -7.63 5.89 -5.16
CA CYS A 57 -8.73 5.97 -4.21
C CYS A 57 -9.84 4.99 -4.57
N GLN A 58 -10.12 4.06 -3.67
CA GLN A 58 -11.15 3.06 -3.90
C GLN A 58 -12.54 3.65 -3.66
N ASN A 59 -12.59 4.95 -3.44
CA ASN A 59 -13.86 5.63 -3.19
C ASN A 59 -14.27 6.47 -4.40
N CYS A 60 -13.30 7.12 -5.03
CA CYS A 60 -13.55 7.95 -6.19
C CYS A 60 -12.74 7.47 -7.39
N LYS A 61 -11.67 6.73 -7.12
CA LYS A 61 -10.81 6.22 -8.18
C LYS A 61 -10.17 7.35 -8.97
N GLN A 62 -9.52 8.27 -8.26
CA GLN A 62 -8.86 9.40 -8.90
C GLN A 62 -7.47 9.61 -8.34
N SER A 63 -6.46 9.26 -9.14
CA SER A 63 -5.06 9.41 -8.73
C SER A 63 -4.59 10.84 -8.90
N GLY A 64 -3.81 11.32 -7.95
CA GLY A 64 -3.29 12.68 -8.00
C GLY A 64 -2.82 13.19 -6.66
N GLU A 65 -3.73 13.19 -5.68
CA GLU A 65 -3.40 13.66 -4.34
C GLU A 65 -2.78 12.53 -3.50
N ASP A 66 -1.52 12.70 -3.13
CA ASP A 66 -0.81 11.71 -2.34
C ASP A 66 -0.88 12.04 -0.86
N SER A 67 -0.44 13.25 -0.51
CA SER A 67 -0.45 13.70 0.87
C SER A 67 -1.82 13.46 1.52
N LYS A 68 -2.84 14.06 0.94
CA LYS A 68 -4.20 13.91 1.46
C LYS A 68 -4.62 12.46 1.48
N MET A 69 -4.30 11.74 0.40
CA MET A 69 -4.64 10.33 0.30
C MET A 69 -4.12 9.55 1.51
N LEU A 70 -5.04 9.14 2.37
CA LEU A 70 -4.68 8.38 3.56
C LEU A 70 -4.48 6.90 3.24
N VAL A 71 -3.24 6.44 3.33
CA VAL A 71 -2.92 5.04 3.05
C VAL A 71 -3.02 4.20 4.31
N CYS A 72 -4.02 3.33 4.36
CA CYS A 72 -4.22 2.45 5.52
C CYS A 72 -2.96 1.64 5.80
N ASP A 73 -2.55 1.64 7.06
CA ASP A 73 -1.36 0.90 7.47
C ASP A 73 -1.69 -0.57 7.69
N THR A 74 -2.82 -1.01 7.14
CA THR A 74 -3.25 -2.39 7.28
C THR A 74 -3.44 -3.05 5.92
N CYS A 75 -4.32 -2.48 5.10
CA CYS A 75 -4.59 -3.01 3.78
C CYS A 75 -3.83 -2.23 2.71
N ASP A 76 -3.80 -0.91 2.87
CA ASP A 76 -3.10 -0.05 1.92
C ASP A 76 -3.88 0.07 0.61
N LYS A 77 -5.16 0.41 0.72
CA LYS A 77 -6.01 0.55 -0.45
C LYS A 77 -5.97 1.98 -0.98
N GLY A 78 -6.04 2.95 -0.08
CA GLY A 78 -6.00 4.34 -0.47
C GLY A 78 -7.35 5.02 -0.35
N TYR A 79 -7.43 6.05 0.49
CA TYR A 79 -8.68 6.78 0.70
C TYR A 79 -8.40 8.25 0.98
N HIS A 80 -8.98 9.12 0.16
CA HIS A 80 -8.80 10.56 0.33
C HIS A 80 -9.56 11.06 1.55
N THR A 81 -8.93 11.94 2.32
CA THR A 81 -9.55 12.50 3.51
C THR A 81 -10.99 12.91 3.24
N PHE A 82 -11.19 13.64 2.14
CA PHE A 82 -12.52 14.10 1.77
C PHE A 82 -13.40 12.94 1.32
N CYS A 83 -12.76 11.86 0.88
CA CYS A 83 -13.48 10.67 0.41
C CYS A 83 -13.78 9.74 1.58
N LEU A 84 -13.76 10.28 2.79
CA LEU A 84 -14.04 9.49 3.98
C LEU A 84 -15.35 9.92 4.63
N GLN A 85 -16.14 8.94 5.07
CA GLN A 85 -17.42 9.21 5.71
C GLN A 85 -17.45 8.65 7.13
N PRO A 86 -17.34 9.56 8.11
CA PRO A 86 -17.20 10.99 7.87
C PRO A 86 -15.85 11.36 7.27
N VAL A 87 -15.68 12.63 6.91
CA VAL A 87 -14.43 13.09 6.34
C VAL A 87 -13.41 13.43 7.42
N MET A 88 -12.13 13.28 7.09
CA MET A 88 -11.06 13.57 8.03
C MET A 88 -10.67 15.04 7.97
N LYS A 89 -10.44 15.64 9.14
CA LYS A 89 -10.05 17.05 9.20
C LYS A 89 -8.54 17.20 9.13
N SER A 90 -7.82 16.30 9.80
CA SER A 90 -6.37 16.34 9.82
C SER A 90 -5.79 14.95 9.58
N VAL A 91 -4.46 14.87 9.47
CA VAL A 91 -3.78 13.60 9.24
C VAL A 91 -3.18 13.07 10.53
N PRO A 92 -3.66 11.88 10.96
CA PRO A 92 -3.18 11.24 12.17
C PRO A 92 -1.75 10.72 12.04
N THR A 93 -0.92 11.03 13.03
CA THR A 93 0.48 10.60 13.03
C THR A 93 0.73 9.53 14.09
N ASN A 94 -0.18 8.58 14.19
CA ASN A 94 -0.06 7.51 15.17
C ASN A 94 -0.31 6.14 14.51
N GLY A 95 -1.43 6.02 13.83
CA GLY A 95 -1.77 4.78 13.17
C GLY A 95 -3.22 4.73 12.70
N TRP A 96 -3.46 5.25 11.51
CA TRP A 96 -4.81 5.26 10.94
C TRP A 96 -5.22 3.88 10.47
N LYS A 97 -6.51 3.57 10.59
CA LYS A 97 -7.03 2.27 10.16
C LYS A 97 -8.39 2.43 9.47
N CYS A 98 -8.50 1.89 8.27
CA CYS A 98 -9.74 1.97 7.51
C CYS A 98 -10.77 0.98 8.04
N LYS A 99 -12.03 1.40 8.07
CA LYS A 99 -13.11 0.55 8.56
C LYS A 99 -12.95 -0.89 8.05
N ASN A 100 -12.98 -1.05 6.74
CA ASN A 100 -12.83 -2.37 6.13
C ASN A 100 -11.87 -3.23 6.94
N CYS A 101 -10.82 -2.60 7.47
CA CYS A 101 -9.83 -3.32 8.26
C CYS A 101 -10.27 -3.41 9.72
N ARG A 102 -10.69 -2.29 10.28
CA ARG A 102 -11.14 -2.25 11.67
C ARG A 102 -12.08 -3.41 11.97
N ILE A 103 -12.90 -3.78 11.00
CA ILE A 103 -13.84 -4.88 11.16
C ILE A 103 -13.29 -5.95 12.11
N CYS A 104 -14.07 -6.29 13.11
CA CYS A 104 -13.66 -7.29 14.10
C CYS A 104 -14.01 -8.70 13.61
N ILE A 105 -13.11 -9.65 13.85
CA ILE A 105 -13.32 -11.02 13.44
C ILE A 105 -14.17 -11.78 14.45
N SER A 106 -14.80 -12.85 14.00
CA SER A 106 -15.66 -13.66 14.86
C SER A 106 -15.03 -15.02 15.13
N GLY A 107 -14.52 -15.65 14.07
CA GLY A 107 -13.90 -16.96 14.22
C GLY A 107 -12.42 -16.86 14.55
N PRO A 108 -11.92 -17.82 15.34
CA PRO A 108 -10.52 -17.85 15.75
C PRO A 108 -9.58 -18.19 14.59
N SER A 109 -8.92 -17.18 14.05
CA SER A 109 -8.01 -17.37 12.93
C SER A 109 -6.62 -17.78 13.43
N SER A 110 -6.11 -17.02 14.39
CA SER A 110 -4.78 -17.29 14.95
C SER A 110 -4.90 -18.13 16.22
N GLY A 111 -5.92 -17.85 17.02
CA GLY A 111 -6.11 -18.58 18.26
C GLY A 111 -5.30 -18.02 19.41
N GLY A 1 22.71 -8.58 -29.82
CA GLY A 1 21.51 -9.28 -29.45
C GLY A 1 20.42 -8.35 -28.96
N SER A 2 19.52 -8.87 -28.14
CA SER A 2 18.42 -8.08 -27.60
C SER A 2 18.92 -6.73 -27.09
N SER A 3 18.02 -5.76 -27.02
CA SER A 3 18.37 -4.42 -26.55
C SER A 3 17.47 -3.99 -25.40
N GLY A 4 18.01 -3.20 -24.49
CA GLY A 4 17.24 -2.73 -23.36
C GLY A 4 16.78 -3.86 -22.46
N SER A 5 17.73 -4.46 -21.75
CA SER A 5 17.42 -5.58 -20.86
C SER A 5 17.70 -5.21 -19.40
N SER A 6 16.65 -4.94 -18.65
CA SER A 6 16.77 -4.56 -17.25
C SER A 6 15.70 -5.23 -16.39
N GLY A 7 16.12 -6.07 -15.46
CA GLY A 7 15.17 -6.75 -14.59
C GLY A 7 14.42 -5.79 -13.69
N ALA A 8 13.34 -6.29 -13.08
CA ALA A 8 12.53 -5.48 -12.18
C ALA A 8 13.22 -5.30 -10.83
N ASN A 9 13.90 -4.16 -10.67
CA ASN A 9 14.59 -3.87 -9.42
C ASN A 9 13.83 -2.84 -8.60
N CYS A 10 14.33 -2.56 -7.40
CA CYS A 10 13.70 -1.59 -6.51
C CYS A 10 13.81 -0.17 -7.08
N ALA A 11 12.68 0.53 -7.12
CA ALA A 11 12.66 1.90 -7.64
C ALA A 11 13.02 2.91 -6.55
N VAL A 12 13.41 2.39 -5.39
CA VAL A 12 13.79 3.25 -4.27
C VAL A 12 15.28 3.17 -3.99
N CYS A 13 15.83 1.96 -4.07
CA CYS A 13 17.25 1.73 -3.82
C CYS A 13 17.96 1.27 -5.08
N ASP A 14 17.21 0.59 -5.96
CA ASP A 14 17.77 0.09 -7.21
C ASP A 14 18.64 -1.14 -6.97
N SER A 15 18.12 -2.08 -6.20
CA SER A 15 18.86 -3.30 -5.88
C SER A 15 17.95 -4.53 -5.95
N PRO A 16 18.50 -5.64 -6.43
CA PRO A 16 17.76 -6.90 -6.57
C PRO A 16 17.43 -7.53 -5.22
N GLY A 17 18.46 -7.68 -4.38
CA GLY A 17 18.25 -8.27 -3.07
C GLY A 17 17.27 -9.42 -3.10
N ASP A 18 16.16 -9.26 -2.38
CA ASP A 18 15.13 -10.30 -2.33
C ASP A 18 13.85 -9.82 -3.00
N LEU A 19 13.45 -10.53 -4.06
CA LEU A 19 12.24 -10.18 -4.79
C LEU A 19 11.00 -10.67 -4.06
N LEU A 20 11.05 -11.92 -3.60
CA LEU A 20 9.92 -12.51 -2.87
C LEU A 20 9.68 -11.78 -1.56
N ASP A 21 10.75 -11.42 -0.88
CA ASP A 21 10.66 -10.71 0.40
C ASP A 21 9.87 -9.42 0.24
N GLN A 22 10.25 -8.61 -0.75
CA GLN A 22 9.58 -7.34 -1.00
C GLN A 22 8.27 -7.55 -1.76
N PHE A 23 7.45 -6.52 -1.82
CA PHE A 23 6.17 -6.59 -2.52
C PHE A 23 6.36 -6.45 -4.03
N PHE A 24 5.36 -6.87 -4.78
CA PHE A 24 5.41 -6.79 -6.24
C PHE A 24 4.08 -6.27 -6.80
N CYS A 25 4.11 -5.06 -7.34
CA CYS A 25 2.91 -4.45 -7.91
C CYS A 25 2.39 -5.29 -9.08
N THR A 26 1.09 -5.15 -9.37
CA THR A 26 0.47 -5.89 -10.45
C THR A 26 0.24 -5.00 -11.66
N THR A 27 -0.06 -3.73 -11.41
CA THR A 27 -0.29 -2.77 -12.49
C THR A 27 0.99 -2.47 -13.25
N CYS A 28 1.93 -1.82 -12.60
CA CYS A 28 3.21 -1.48 -13.22
C CYS A 28 4.17 -2.67 -13.16
N GLY A 29 4.09 -3.44 -12.08
CA GLY A 29 4.96 -4.59 -11.93
C GLY A 29 6.31 -4.22 -11.34
N GLN A 30 6.31 -3.25 -10.43
CA GLN A 30 7.55 -2.81 -9.79
C GLN A 30 7.75 -3.51 -8.45
N HIS A 31 8.95 -3.38 -7.90
CA HIS A 31 9.27 -4.00 -6.62
C HIS A 31 9.82 -2.97 -5.64
N TYR A 32 9.50 -3.15 -4.37
CA TYR A 32 9.96 -2.22 -3.32
C TYR A 32 10.07 -2.94 -1.98
N HIS A 33 11.27 -2.92 -1.41
CA HIS A 33 11.52 -3.56 -0.12
C HIS A 33 10.72 -2.87 0.98
N GLY A 34 10.57 -3.56 2.11
CA GLY A 34 9.83 -3.00 3.22
C GLY A 34 10.60 -1.92 3.95
N MET A 35 11.92 -2.05 3.97
CA MET A 35 12.78 -1.07 4.62
C MET A 35 12.94 0.18 3.75
N CYS A 36 12.83 0.01 2.44
CA CYS A 36 12.97 1.11 1.51
C CYS A 36 11.77 2.05 1.60
N LEU A 37 10.64 1.52 2.06
CA LEU A 37 9.42 2.32 2.21
C LEU A 37 8.93 2.30 3.65
N ASP A 38 9.53 1.45 4.47
CA ASP A 38 9.15 1.35 5.87
C ASP A 38 7.79 0.68 6.01
N ILE A 39 7.56 -0.36 5.22
CA ILE A 39 6.30 -1.09 5.26
C ILE A 39 6.44 -2.41 6.01
N ALA A 40 5.42 -2.75 6.79
CA ALA A 40 5.42 -3.98 7.56
C ALA A 40 4.85 -5.14 6.75
N VAL A 41 5.68 -6.14 6.47
CA VAL A 41 5.24 -7.31 5.72
C VAL A 41 4.06 -8.00 6.39
N THR A 42 2.85 -7.59 6.01
CA THR A 42 1.64 -8.17 6.58
C THR A 42 1.03 -9.21 5.64
N PRO A 43 0.37 -10.22 6.21
CA PRO A 43 -0.26 -11.30 5.44
C PRO A 43 -1.48 -10.82 4.68
N LEU A 44 -1.73 -9.50 4.72
CA LEU A 44 -2.86 -8.91 4.03
C LEU A 44 -2.41 -8.22 2.74
N LYS A 45 -1.47 -7.29 2.88
CA LYS A 45 -0.96 -6.55 1.73
C LYS A 45 -0.41 -7.50 0.68
N ARG A 46 0.50 -8.39 1.10
CA ARG A 46 1.11 -9.36 0.20
C ARG A 46 0.08 -9.89 -0.79
N ALA A 47 -1.08 -10.28 -0.29
CA ALA A 47 -2.14 -10.81 -1.13
C ALA A 47 -2.87 -9.69 -1.86
N GLY A 48 -2.41 -9.39 -3.08
CA GLY A 48 -3.03 -8.34 -3.87
C GLY A 48 -2.52 -6.96 -3.49
N TRP A 49 -1.21 -6.80 -3.44
CA TRP A 49 -0.60 -5.53 -3.09
C TRP A 49 -0.67 -4.55 -4.26
N GLN A 50 -0.41 -3.28 -3.97
CA GLN A 50 -0.43 -2.24 -5.00
C GLN A 50 0.48 -1.08 -4.63
N CYS A 51 1.55 -0.90 -5.39
CA CYS A 51 2.50 0.17 -5.14
C CYS A 51 1.79 1.51 -5.02
N PRO A 52 2.42 2.46 -4.32
CA PRO A 52 1.86 3.80 -4.10
C PRO A 52 1.84 4.63 -5.38
N GLU A 53 2.42 4.07 -6.45
CA GLU A 53 2.45 4.77 -7.74
C GLU A 53 1.31 4.32 -8.63
N CYS A 54 0.70 3.19 -8.28
CA CYS A 54 -0.41 2.66 -9.06
C CYS A 54 -1.69 2.64 -8.23
N LYS A 55 -1.54 2.60 -6.91
CA LYS A 55 -2.68 2.59 -6.01
C LYS A 55 -3.48 3.89 -6.11
N VAL A 56 -4.80 3.76 -6.04
CA VAL A 56 -5.67 4.92 -6.12
C VAL A 56 -6.88 4.78 -5.20
N CYS A 57 -7.69 5.82 -5.12
CA CYS A 57 -8.88 5.81 -4.27
C CYS A 57 -9.87 4.75 -4.75
N GLN A 58 -10.69 4.26 -3.81
CA GLN A 58 -11.68 3.24 -4.14
C GLN A 58 -13.09 3.83 -4.11
N ASN A 59 -13.24 4.96 -3.42
CA ASN A 59 -14.53 5.62 -3.32
C ASN A 59 -14.84 6.40 -4.59
N CYS A 60 -13.90 7.23 -5.03
CA CYS A 60 -14.08 8.03 -6.23
C CYS A 60 -13.31 7.43 -7.41
N LYS A 61 -12.21 6.76 -7.09
CA LYS A 61 -11.38 6.12 -8.12
C LYS A 61 -10.73 7.18 -9.01
N GLN A 62 -10.15 8.20 -8.39
CA GLN A 62 -9.48 9.27 -9.12
C GLN A 62 -8.15 9.64 -8.47
N SER A 63 -7.05 9.21 -9.07
CA SER A 63 -5.73 9.49 -8.54
C SER A 63 -5.35 10.95 -8.80
N GLY A 64 -4.67 11.55 -7.84
CA GLY A 64 -4.25 12.94 -7.96
C GLY A 64 -3.93 13.59 -6.64
N GLU A 65 -4.94 13.72 -5.79
CA GLU A 65 -4.76 14.33 -4.47
C GLU A 65 -4.06 13.37 -3.51
N ASP A 66 -2.90 12.88 -3.92
CA ASP A 66 -2.14 11.94 -3.10
C ASP A 66 -1.97 12.48 -1.68
N SER A 67 -1.56 13.75 -1.58
CA SER A 67 -1.35 14.38 -0.29
C SER A 67 -2.53 14.14 0.64
N LYS A 68 -3.73 14.43 0.14
CA LYS A 68 -4.95 14.24 0.93
C LYS A 68 -5.46 12.81 0.81
N MET A 69 -4.53 11.85 0.78
CA MET A 69 -4.89 10.45 0.67
C MET A 69 -4.34 9.65 1.85
N LEU A 70 -5.21 9.26 2.76
CA LEU A 70 -4.82 8.49 3.94
C LEU A 70 -4.52 7.04 3.56
N VAL A 71 -3.24 6.71 3.46
CA VAL A 71 -2.83 5.35 3.12
C VAL A 71 -2.81 4.46 4.35
N CYS A 72 -3.78 3.56 4.44
CA CYS A 72 -3.87 2.64 5.56
C CYS A 72 -2.53 1.96 5.82
N ASP A 73 -2.38 1.39 7.01
CA ASP A 73 -1.15 0.71 7.39
C ASP A 73 -1.33 -0.81 7.37
N THR A 74 -2.53 -1.26 7.72
CA THR A 74 -2.84 -2.67 7.75
C THR A 74 -3.09 -3.21 6.35
N CYS A 75 -4.24 -2.85 5.77
CA CYS A 75 -4.60 -3.29 4.43
C CYS A 75 -3.90 -2.43 3.37
N ASP A 76 -3.57 -1.20 3.74
CA ASP A 76 -2.90 -0.29 2.83
C ASP A 76 -3.82 0.10 1.67
N LYS A 77 -5.00 0.61 2.01
CA LYS A 77 -5.97 1.01 1.00
C LYS A 77 -6.06 2.53 0.91
N GLY A 78 -5.74 3.07 -0.26
CA GLY A 78 -5.79 4.51 -0.46
C GLY A 78 -7.20 5.07 -0.29
N TYR A 79 -7.32 6.11 0.53
CA TYR A 79 -8.62 6.73 0.78
C TYR A 79 -8.47 8.23 1.03
N HIS A 80 -9.00 9.03 0.11
CA HIS A 80 -8.93 10.48 0.23
C HIS A 80 -9.64 10.96 1.49
N THR A 81 -9.03 11.91 2.19
CA THR A 81 -9.62 12.46 3.40
C THR A 81 -11.07 12.87 3.19
N PHE A 82 -11.34 13.42 2.01
CA PHE A 82 -12.70 13.87 1.67
C PHE A 82 -13.58 12.68 1.30
N CYS A 83 -12.96 11.62 0.79
CA CYS A 83 -13.69 10.42 0.39
C CYS A 83 -13.91 9.50 1.59
N LEU A 84 -13.79 10.05 2.78
CA LEU A 84 -13.97 9.28 4.01
C LEU A 84 -15.35 9.53 4.61
N GLN A 85 -15.88 8.52 5.30
CA GLN A 85 -17.19 8.63 5.92
C GLN A 85 -17.13 8.22 7.39
N PRO A 86 -17.11 9.22 8.29
CA PRO A 86 -17.14 10.63 7.89
C PRO A 86 -15.84 11.08 7.22
N VAL A 87 -15.79 12.34 6.83
CA VAL A 87 -14.61 12.89 6.18
C VAL A 87 -13.59 13.38 7.20
N MET A 88 -12.31 13.24 6.86
CA MET A 88 -11.24 13.67 7.75
C MET A 88 -10.80 15.10 7.44
N LYS A 89 -10.70 15.92 8.47
CA LYS A 89 -10.29 17.31 8.31
C LYS A 89 -8.79 17.42 8.10
N SER A 90 -8.04 16.62 8.87
CA SER A 90 -6.59 16.63 8.77
C SER A 90 -6.03 15.21 8.83
N VAL A 91 -4.74 15.07 8.54
CA VAL A 91 -4.09 13.77 8.56
C VAL A 91 -3.38 13.52 9.90
N PRO A 92 -3.87 12.53 10.65
CA PRO A 92 -3.32 12.17 11.96
C PRO A 92 -1.93 11.54 11.84
N THR A 93 -1.12 11.70 12.88
CA THR A 93 0.23 11.15 12.89
C THR A 93 0.42 10.19 14.06
N ASN A 94 -0.61 9.41 14.35
CA ASN A 94 -0.56 8.45 15.45
C ASN A 94 -1.09 7.09 15.01
N GLY A 95 -0.90 6.77 13.74
CA GLY A 95 -1.37 5.49 13.21
C GLY A 95 -2.81 5.55 12.76
N TRP A 96 -3.03 5.46 11.45
CA TRP A 96 -4.37 5.49 10.90
C TRP A 96 -4.89 4.10 10.63
N LYS A 97 -6.22 3.96 10.62
CA LYS A 97 -6.84 2.66 10.38
C LYS A 97 -8.18 2.83 9.66
N CYS A 98 -8.28 2.29 8.45
CA CYS A 98 -9.49 2.38 7.67
C CYS A 98 -10.60 1.53 8.28
N LYS A 99 -11.82 1.71 7.78
CA LYS A 99 -12.97 0.96 8.28
C LYS A 99 -12.77 -0.55 8.08
N ASN A 100 -12.72 -0.97 6.82
CA ASN A 100 -12.53 -2.38 6.50
C ASN A 100 -11.54 -3.03 7.46
N CYS A 101 -10.66 -2.22 8.03
CA CYS A 101 -9.67 -2.72 8.97
C CYS A 101 -10.15 -2.57 10.41
N ARG A 102 -10.81 -1.45 10.69
CA ARG A 102 -11.32 -1.17 12.03
C ARG A 102 -12.02 -2.41 12.60
N ILE A 103 -12.74 -3.13 11.74
CA ILE A 103 -13.44 -4.32 12.16
C ILE A 103 -12.68 -5.07 13.24
N CYS A 104 -13.29 -5.21 14.41
CA CYS A 104 -12.66 -5.91 15.52
C CYS A 104 -12.91 -7.42 15.43
N ILE A 105 -11.94 -8.20 15.90
CA ILE A 105 -12.05 -9.66 15.87
C ILE A 105 -13.32 -10.12 16.57
N SER A 106 -14.05 -11.02 15.93
CA SER A 106 -15.29 -11.56 16.48
C SER A 106 -16.25 -10.43 16.85
N GLY A 107 -16.39 -9.47 15.94
CA GLY A 107 -17.27 -8.34 16.18
C GLY A 107 -18.72 -8.66 15.85
N PRO A 108 -19.66 -7.99 16.54
CA PRO A 108 -21.09 -8.20 16.33
C PRO A 108 -21.56 -7.65 14.99
N SER A 109 -21.00 -6.52 14.58
CA SER A 109 -21.37 -5.91 13.31
C SER A 109 -20.34 -6.22 12.23
N SER A 110 -20.51 -7.38 11.58
CA SER A 110 -19.60 -7.81 10.53
C SER A 110 -20.37 -8.25 9.30
N GLY A 111 -19.67 -8.35 8.17
CA GLY A 111 -20.30 -8.77 6.93
C GLY A 111 -19.80 -10.10 6.45
N GLY A 1 25.21 6.68 -13.27
CA GLY A 1 24.17 7.08 -14.21
C GLY A 1 23.15 5.99 -14.44
N SER A 2 21.88 6.38 -14.55
CA SER A 2 20.80 5.43 -14.77
C SER A 2 21.11 4.52 -15.96
N SER A 3 20.76 3.25 -15.84
CA SER A 3 21.00 2.28 -16.90
C SER A 3 20.34 0.93 -16.57
N GLY A 4 19.63 0.39 -17.55
CA GLY A 4 18.95 -0.88 -17.35
C GLY A 4 19.83 -2.06 -17.68
N SER A 5 20.16 -2.86 -16.67
CA SER A 5 21.02 -4.03 -16.86
C SER A 5 20.29 -5.30 -16.45
N SER A 6 19.92 -5.38 -15.17
CA SER A 6 19.22 -6.54 -14.65
C SER A 6 17.79 -6.62 -15.20
N GLY A 7 16.99 -5.61 -14.85
CA GLY A 7 15.61 -5.58 -15.31
C GLY A 7 14.63 -5.32 -14.18
N ALA A 8 14.19 -6.39 -13.52
CA ALA A 8 13.25 -6.27 -12.42
C ALA A 8 13.95 -5.87 -11.13
N ASN A 9 13.96 -4.57 -10.84
CA ASN A 9 14.61 -4.07 -9.63
C ASN A 9 13.73 -3.03 -8.94
N CYS A 10 14.16 -2.59 -7.76
CA CYS A 10 13.42 -1.60 -7.00
C CYS A 10 13.34 -0.28 -7.74
N ALA A 11 12.21 0.41 -7.63
CA ALA A 11 12.02 1.69 -8.29
C ALA A 11 12.36 2.85 -7.35
N VAL A 12 12.85 2.51 -6.16
CA VAL A 12 13.21 3.52 -5.17
C VAL A 12 14.71 3.53 -4.93
N CYS A 13 15.29 2.35 -4.77
CA CYS A 13 16.73 2.22 -4.53
C CYS A 13 17.45 1.71 -5.78
N ASP A 14 16.73 0.94 -6.59
CA ASP A 14 17.30 0.39 -7.81
C ASP A 14 18.28 -0.74 -7.50
N SER A 15 17.88 -1.64 -6.63
CA SER A 15 18.72 -2.76 -6.24
C SER A 15 17.90 -4.05 -6.14
N PRO A 16 18.56 -5.19 -6.45
CA PRO A 16 17.91 -6.50 -6.40
C PRO A 16 17.60 -6.95 -4.98
N GLY A 17 18.58 -6.80 -4.10
CA GLY A 17 18.40 -7.20 -2.71
C GLY A 17 17.54 -8.44 -2.57
N ASP A 18 16.46 -8.32 -1.81
CA ASP A 18 15.54 -9.44 -1.61
C ASP A 18 14.28 -9.28 -2.44
N LEU A 19 13.82 -10.38 -3.03
CA LEU A 19 12.62 -10.35 -3.85
C LEU A 19 11.38 -10.71 -3.03
N LEU A 20 11.57 -11.57 -2.03
CA LEU A 20 10.47 -11.99 -1.17
C LEU A 20 10.05 -10.86 -0.24
N ASP A 21 11.01 -10.32 0.52
CA ASP A 21 10.73 -9.24 1.44
C ASP A 21 9.94 -8.12 0.76
N GLN A 22 10.36 -7.76 -0.45
CA GLN A 22 9.69 -6.71 -1.20
C GLN A 22 8.35 -7.19 -1.73
N PHE A 23 7.53 -6.26 -2.21
CA PHE A 23 6.22 -6.58 -2.74
C PHE A 23 6.21 -6.49 -4.27
N PHE A 24 5.23 -7.14 -4.89
CA PHE A 24 5.10 -7.12 -6.34
C PHE A 24 3.72 -6.63 -6.77
N CYS A 25 3.67 -5.42 -7.31
CA CYS A 25 2.41 -4.84 -7.76
C CYS A 25 1.72 -5.76 -8.77
N THR A 26 0.39 -5.64 -8.86
CA THR A 26 -0.39 -6.46 -9.78
C THR A 26 -0.76 -5.67 -11.02
N THR A 27 -0.94 -4.36 -10.87
CA THR A 27 -1.30 -3.49 -11.98
C THR A 27 -0.13 -3.31 -12.93
N CYS A 28 0.93 -2.67 -12.45
CA CYS A 28 2.12 -2.45 -13.26
C CYS A 28 3.08 -3.62 -13.18
N GLY A 29 3.28 -4.14 -11.97
CA GLY A 29 4.17 -5.26 -11.78
C GLY A 29 5.58 -4.84 -11.42
N GLN A 30 5.70 -3.83 -10.56
CA GLN A 30 6.99 -3.32 -10.14
C GLN A 30 7.43 -3.96 -8.83
N HIS A 31 8.63 -3.62 -8.38
CA HIS A 31 9.16 -4.17 -7.13
C HIS A 31 9.51 -3.06 -6.15
N TYR A 32 9.25 -3.31 -4.87
CA TYR A 32 9.53 -2.32 -3.84
C TYR A 32 9.77 -3.00 -2.49
N HIS A 33 10.92 -2.71 -1.88
CA HIS A 33 11.27 -3.29 -0.58
C HIS A 33 10.40 -2.72 0.52
N GLY A 34 10.28 -3.46 1.62
CA GLY A 34 9.47 -3.00 2.74
C GLY A 34 10.05 -1.77 3.41
N MET A 35 11.38 -1.67 3.42
CA MET A 35 12.06 -0.53 4.03
C MET A 35 12.03 0.68 3.11
N CYS A 36 12.48 0.49 1.87
CA CYS A 36 12.52 1.57 0.89
C CYS A 36 11.25 2.42 0.98
N LEU A 37 10.12 1.76 1.14
CA LEU A 37 8.84 2.46 1.25
C LEU A 37 8.46 2.70 2.70
N ASP A 38 9.11 1.97 3.60
CA ASP A 38 8.85 2.10 5.03
C ASP A 38 7.47 1.55 5.38
N ILE A 39 7.15 0.39 4.83
CA ILE A 39 5.86 -0.24 5.08
C ILE A 39 6.02 -1.46 5.99
N ALA A 40 5.01 -1.73 6.80
CA ALA A 40 5.03 -2.86 7.71
C ALA A 40 4.53 -4.13 7.02
N VAL A 41 5.45 -5.06 6.78
CA VAL A 41 5.09 -6.32 6.13
C VAL A 41 3.99 -7.05 6.89
N THR A 42 2.84 -7.20 6.24
CA THR A 42 1.71 -7.88 6.85
C THR A 42 1.11 -8.93 5.92
N PRO A 43 0.44 -9.92 6.50
CA PRO A 43 -0.19 -11.01 5.73
C PRO A 43 -1.40 -10.52 4.93
N LEU A 44 -1.66 -9.22 4.98
CA LEU A 44 -2.77 -8.64 4.26
C LEU A 44 -2.29 -7.93 2.99
N LYS A 45 -1.27 -7.08 3.15
CA LYS A 45 -0.72 -6.34 2.02
C LYS A 45 -0.14 -7.29 0.98
N ARG A 46 0.68 -8.25 1.44
CA ARG A 46 1.29 -9.21 0.54
C ARG A 46 0.31 -9.67 -0.53
N ALA A 47 -0.93 -9.93 -0.11
CA ALA A 47 -1.97 -10.38 -1.02
C ALA A 47 -2.22 -9.34 -2.11
N GLY A 48 -1.65 -9.58 -3.28
CA GLY A 48 -1.84 -8.65 -4.39
C GLY A 48 -1.53 -7.22 -4.01
N TRP A 49 -0.39 -7.02 -3.32
CA TRP A 49 0.00 -5.69 -2.89
C TRP A 49 -0.14 -4.68 -4.03
N GLN A 50 -0.29 -3.41 -3.66
CA GLN A 50 -0.45 -2.35 -4.64
C GLN A 50 0.59 -1.25 -4.44
N CYS A 51 1.33 -0.95 -5.49
CA CYS A 51 2.36 0.09 -5.43
C CYS A 51 1.74 1.47 -5.35
N PRO A 52 2.51 2.44 -4.84
CA PRO A 52 2.06 3.82 -4.69
C PRO A 52 1.91 4.53 -6.04
N GLU A 53 2.31 3.85 -7.10
CA GLU A 53 2.23 4.42 -8.45
C GLU A 53 0.95 3.94 -9.14
N CYS A 54 0.37 2.87 -8.63
CA CYS A 54 -0.85 2.32 -9.22
C CYS A 54 -2.03 2.48 -8.25
N LYS A 55 -1.73 2.47 -6.96
CA LYS A 55 -2.76 2.62 -5.94
C LYS A 55 -3.52 3.93 -6.12
N VAL A 56 -4.82 3.90 -5.78
CA VAL A 56 -5.65 5.08 -5.90
C VAL A 56 -6.88 5.00 -4.99
N CYS A 57 -7.57 6.11 -4.83
CA CYS A 57 -8.76 6.16 -3.99
C CYS A 57 -9.78 5.12 -4.43
N GLN A 58 -10.61 4.67 -3.48
CA GLN A 58 -11.63 3.68 -3.78
C GLN A 58 -13.03 4.30 -3.76
N ASN A 59 -13.13 5.47 -3.12
CA ASN A 59 -14.41 6.17 -3.04
C ASN A 59 -14.66 7.00 -4.29
N CYS A 60 -13.65 7.73 -4.73
CA CYS A 60 -13.76 8.57 -5.92
C CYS A 60 -12.97 7.97 -7.09
N LYS A 61 -11.90 7.27 -6.77
CA LYS A 61 -11.06 6.63 -7.79
C LYS A 61 -10.36 7.68 -8.64
N GLN A 62 -9.70 8.63 -7.98
CA GLN A 62 -8.99 9.69 -8.67
C GLN A 62 -7.62 9.92 -8.04
N SER A 63 -6.56 9.59 -8.78
CA SER A 63 -5.20 9.75 -8.29
C SER A 63 -4.73 11.19 -8.47
N GLY A 64 -4.24 11.80 -7.40
CA GLY A 64 -3.77 13.16 -7.46
C GLY A 64 -3.17 13.63 -6.14
N GLU A 65 -3.96 13.52 -5.07
CA GLU A 65 -3.51 13.94 -3.75
C GLU A 65 -2.94 12.77 -2.96
N ASP A 66 -1.65 12.51 -3.15
CA ASP A 66 -0.98 11.41 -2.47
C ASP A 66 -0.77 11.73 -0.99
N SER A 67 -0.15 12.88 -0.73
CA SER A 67 0.11 13.30 0.64
C SER A 67 -1.13 13.19 1.50
N LYS A 68 -2.19 13.89 1.09
CA LYS A 68 -3.45 13.86 1.82
C LYS A 68 -4.01 12.44 1.90
N MET A 69 -3.92 11.72 0.79
CA MET A 69 -4.41 10.34 0.73
C MET A 69 -3.92 9.54 1.93
N LEU A 70 -4.85 8.95 2.67
CA LEU A 70 -4.51 8.15 3.84
C LEU A 70 -4.24 6.71 3.46
N VAL A 71 -2.99 6.28 3.58
CA VAL A 71 -2.60 4.92 3.25
C VAL A 71 -2.80 3.99 4.44
N CYS A 72 -3.90 3.24 4.43
CA CYS A 72 -4.21 2.31 5.50
C CYS A 72 -2.99 1.45 5.84
N ASP A 73 -2.61 1.44 7.10
CA ASP A 73 -1.46 0.66 7.56
C ASP A 73 -1.88 -0.77 7.88
N THR A 74 -2.95 -1.23 7.25
CA THR A 74 -3.45 -2.58 7.47
C THR A 74 -3.67 -3.31 6.15
N CYS A 75 -4.36 -2.66 5.23
CA CYS A 75 -4.64 -3.25 3.92
C CYS A 75 -3.92 -2.48 2.81
N ASP A 76 -3.69 -1.19 3.04
CA ASP A 76 -3.01 -0.34 2.08
C ASP A 76 -3.83 -0.22 0.79
N LYS A 77 -5.09 0.18 0.93
CA LYS A 77 -5.98 0.33 -0.21
C LYS A 77 -5.86 1.73 -0.80
N GLY A 78 -6.17 2.73 0.01
CA GLY A 78 -6.09 4.11 -0.45
C GLY A 78 -7.40 4.85 -0.29
N TYR A 79 -7.42 5.84 0.59
CA TYR A 79 -8.63 6.62 0.84
C TYR A 79 -8.27 8.07 1.18
N HIS A 80 -8.78 9.00 0.37
CA HIS A 80 -8.53 10.42 0.58
C HIS A 80 -9.06 10.88 1.93
N THR A 81 -8.83 12.15 2.25
CA THR A 81 -9.29 12.71 3.51
C THR A 81 -10.70 13.28 3.39
N PHE A 82 -11.07 13.67 2.18
CA PHE A 82 -12.38 14.24 1.93
C PHE A 82 -13.26 13.26 1.16
N CYS A 83 -12.94 11.97 1.26
CA CYS A 83 -13.68 10.93 0.57
C CYS A 83 -14.26 9.94 1.56
N LEU A 84 -13.73 9.94 2.78
CA LEU A 84 -14.19 9.03 3.83
C LEU A 84 -15.52 9.51 4.42
N GLN A 85 -16.24 8.60 5.06
CA GLN A 85 -17.52 8.93 5.67
C GLN A 85 -17.58 8.45 7.12
N PRO A 86 -17.37 9.37 8.06
CA PRO A 86 -17.11 10.78 7.75
C PRO A 86 -15.73 10.98 7.12
N VAL A 87 -15.40 12.23 6.83
CA VAL A 87 -14.12 12.56 6.22
C VAL A 87 -13.07 12.87 7.29
N MET A 88 -11.79 12.75 6.91
CA MET A 88 -10.70 13.01 7.83
C MET A 88 -10.08 14.38 7.56
N LYS A 89 -10.73 15.44 8.03
CA LYS A 89 -10.24 16.79 7.84
C LYS A 89 -8.71 16.82 7.83
N SER A 90 -8.10 16.05 8.71
CA SER A 90 -6.66 15.98 8.81
C SER A 90 -6.17 14.55 9.01
N VAL A 91 -4.87 14.37 9.11
CA VAL A 91 -4.28 13.05 9.30
C VAL A 91 -3.62 12.94 10.67
N PRO A 92 -4.10 11.97 11.47
CA PRO A 92 -3.56 11.74 12.82
C PRO A 92 -2.15 11.17 12.80
N THR A 93 -1.63 10.92 11.59
CA THR A 93 -0.30 10.37 11.43
C THR A 93 0.05 9.42 12.57
N ASN A 94 -0.95 8.69 13.05
CA ASN A 94 -0.74 7.73 14.14
C ASN A 94 -1.26 6.36 13.76
N GLY A 95 -0.92 5.92 12.55
CA GLY A 95 -1.37 4.61 12.08
C GLY A 95 -2.87 4.54 11.89
N TRP A 96 -3.37 5.24 10.88
CA TRP A 96 -4.80 5.25 10.61
C TRP A 96 -5.26 3.90 10.06
N LYS A 97 -6.52 3.56 10.32
CA LYS A 97 -7.09 2.30 9.86
C LYS A 97 -8.40 2.52 9.13
N CYS A 98 -8.52 1.97 7.93
CA CYS A 98 -9.73 2.11 7.13
C CYS A 98 -10.86 1.28 7.72
N LYS A 99 -12.08 1.80 7.63
CA LYS A 99 -13.25 1.12 8.15
C LYS A 99 -13.19 -0.38 7.84
N ASN A 100 -13.17 -0.71 6.55
CA ASN A 100 -13.10 -2.10 6.12
C ASN A 100 -12.22 -2.92 7.06
N CYS A 101 -11.13 -2.33 7.52
CA CYS A 101 -10.21 -3.00 8.43
C CYS A 101 -10.71 -2.93 9.86
N ARG A 102 -11.07 -1.73 10.30
CA ARG A 102 -11.57 -1.53 11.66
C ARG A 102 -12.61 -2.59 12.02
N ILE A 103 -13.39 -3.00 11.03
CA ILE A 103 -14.42 -4.02 11.25
C ILE A 103 -13.99 -5.02 12.31
N CYS A 104 -14.79 -5.13 13.37
CA CYS A 104 -14.49 -6.05 14.46
C CYS A 104 -15.19 -7.38 14.25
N ILE A 105 -14.69 -8.42 14.92
CA ILE A 105 -15.26 -9.75 14.80
C ILE A 105 -16.20 -10.06 15.98
N SER A 106 -17.50 -10.00 15.71
CA SER A 106 -18.50 -10.27 16.74
C SER A 106 -19.08 -11.66 16.58
N GLY A 107 -18.38 -12.66 17.10
CA GLY A 107 -18.85 -14.03 17.01
C GLY A 107 -19.20 -14.62 18.36
N PRO A 108 -19.49 -15.93 18.38
CA PRO A 108 -19.86 -16.63 19.61
C PRO A 108 -18.67 -16.79 20.56
N SER A 109 -18.77 -16.16 21.72
CA SER A 109 -17.70 -16.22 22.71
C SER A 109 -18.12 -17.05 23.92
N SER A 110 -17.33 -18.06 24.24
CA SER A 110 -17.63 -18.94 25.37
C SER A 110 -18.02 -18.12 26.60
N GLY A 111 -18.50 -18.82 27.64
CA GLY A 111 -18.90 -18.14 28.86
C GLY A 111 -17.80 -17.25 29.41
N GLY A 1 18.36 -20.90 -26.84
CA GLY A 1 17.52 -19.72 -26.83
C GLY A 1 18.31 -18.43 -26.91
N SER A 2 17.76 -17.36 -26.34
CA SER A 2 18.42 -16.06 -26.35
C SER A 2 18.03 -15.25 -25.12
N SER A 3 19.02 -14.89 -24.31
CA SER A 3 18.77 -14.11 -23.10
C SER A 3 18.51 -12.64 -23.45
N GLY A 4 18.24 -11.85 -22.42
CA GLY A 4 17.97 -10.43 -22.64
C GLY A 4 16.89 -9.90 -21.72
N SER A 5 17.13 -9.97 -20.42
CA SER A 5 16.17 -9.49 -19.43
C SER A 5 16.80 -8.46 -18.51
N SER A 6 15.96 -7.59 -17.94
CA SER A 6 16.45 -6.56 -17.03
C SER A 6 16.17 -6.92 -15.59
N GLY A 7 14.92 -7.28 -15.31
CA GLY A 7 14.54 -7.65 -13.95
C GLY A 7 13.85 -6.52 -13.21
N ALA A 8 12.92 -6.87 -12.33
CA ALA A 8 12.19 -5.88 -11.55
C ALA A 8 12.89 -5.61 -10.22
N ASN A 9 13.74 -4.59 -10.19
CA ASN A 9 14.46 -4.24 -8.98
C ASN A 9 13.70 -3.18 -8.18
N CYS A 10 14.12 -2.96 -6.94
CA CYS A 10 13.49 -1.99 -6.07
C CYS A 10 13.55 -0.59 -6.69
N ALA A 11 12.39 0.03 -6.89
CA ALA A 11 12.31 1.36 -7.47
C ALA A 11 12.75 2.42 -6.47
N VAL A 12 13.20 1.97 -5.30
CA VAL A 12 13.63 2.89 -4.25
C VAL A 12 15.13 2.76 -4.00
N CYS A 13 15.63 1.53 -4.03
CA CYS A 13 17.05 1.28 -3.81
C CYS A 13 17.67 0.59 -5.02
N ASP A 14 16.83 -0.05 -5.83
CA ASP A 14 17.30 -0.74 -7.03
C ASP A 14 18.24 -1.88 -6.65
N SER A 15 17.82 -2.72 -5.71
CA SER A 15 18.63 -3.84 -5.26
C SER A 15 17.82 -5.14 -5.30
N PRO A 16 18.27 -6.09 -6.15
CA PRO A 16 17.60 -7.39 -6.30
C PRO A 16 17.76 -8.26 -5.06
N GLY A 17 18.58 -7.81 -4.11
CA GLY A 17 18.80 -8.56 -2.90
C GLY A 17 17.62 -9.44 -2.53
N ASP A 18 16.70 -8.89 -1.73
CA ASP A 18 15.52 -9.63 -1.30
C ASP A 18 14.36 -9.39 -2.27
N LEU A 19 13.78 -10.48 -2.77
CA LEU A 19 12.67 -10.39 -3.71
C LEU A 19 11.33 -10.48 -2.97
N LEU A 20 11.26 -11.40 -2.01
CA LEU A 20 10.04 -11.59 -1.23
C LEU A 20 9.74 -10.36 -0.39
N ASP A 21 10.71 -9.93 0.40
CA ASP A 21 10.54 -8.75 1.25
C ASP A 21 9.73 -7.68 0.54
N GLN A 22 10.14 -7.33 -0.67
CA GLN A 22 9.46 -6.32 -1.46
C GLN A 22 8.18 -6.88 -2.07
N PHE A 23 7.09 -6.12 -1.96
CA PHE A 23 5.81 -6.55 -2.49
C PHE A 23 5.84 -6.55 -4.02
N PHE A 24 4.73 -6.95 -4.63
CA PHE A 24 4.62 -7.00 -6.08
C PHE A 24 3.32 -6.36 -6.56
N CYS A 25 3.45 -5.38 -7.44
CA CYS A 25 2.29 -4.67 -7.98
C CYS A 25 1.69 -5.43 -9.16
N THR A 26 0.40 -5.22 -9.40
CA THR A 26 -0.29 -5.88 -10.51
C THR A 26 -0.51 -4.93 -11.67
N THR A 27 -0.71 -3.65 -11.35
CA THR A 27 -0.93 -2.63 -12.37
C THR A 27 0.33 -2.37 -13.19
N CYS A 28 1.34 -1.81 -12.53
CA CYS A 28 2.60 -1.51 -13.20
C CYS A 28 3.51 -2.74 -13.21
N GLY A 29 3.58 -3.43 -12.08
CA GLY A 29 4.41 -4.61 -11.98
C GLY A 29 5.79 -4.30 -11.44
N GLN A 30 5.85 -3.37 -10.50
CA GLN A 30 7.13 -2.98 -9.89
C GLN A 30 7.27 -3.59 -8.50
N HIS A 31 8.49 -3.56 -7.97
CA HIS A 31 8.76 -4.12 -6.66
C HIS A 31 9.24 -3.02 -5.69
N TYR A 32 8.94 -3.20 -4.41
CA TYR A 32 9.34 -2.23 -3.40
C TYR A 32 9.52 -2.91 -2.04
N HIS A 33 10.73 -2.78 -1.50
CA HIS A 33 11.04 -3.39 -0.21
C HIS A 33 10.20 -2.76 0.90
N GLY A 34 9.74 -3.59 1.83
CA GLY A 34 8.92 -3.10 2.93
C GLY A 34 9.67 -2.11 3.80
N MET A 35 11.00 -2.18 3.77
CA MET A 35 11.82 -1.27 4.57
C MET A 35 12.12 0.01 3.80
N CYS A 36 12.50 -0.14 2.53
CA CYS A 36 12.82 0.99 1.68
C CYS A 36 11.68 2.01 1.68
N LEU A 37 10.46 1.51 1.84
CA LEU A 37 9.28 2.37 1.85
C LEU A 37 8.80 2.61 3.28
N ASP A 38 9.52 2.05 4.24
CA ASP A 38 9.17 2.20 5.65
C ASP A 38 7.79 1.62 5.94
N ILE A 39 7.43 0.58 5.19
CA ILE A 39 6.12 -0.06 5.37
C ILE A 39 6.27 -1.42 6.03
N ALA A 40 5.40 -1.71 6.98
CA ALA A 40 5.43 -3.00 7.69
C ALA A 40 4.76 -4.09 6.87
N VAL A 41 5.59 -4.93 6.24
CA VAL A 41 5.07 -6.03 5.42
C VAL A 41 4.26 -7.00 6.26
N THR A 42 2.94 -6.97 6.05
CA THR A 42 2.04 -7.86 6.79
C THR A 42 1.53 -8.98 5.91
N PRO A 43 1.08 -10.08 6.54
CA PRO A 43 0.56 -11.25 5.82
C PRO A 43 -0.79 -10.96 5.16
N LEU A 44 -1.31 -9.78 5.39
CA LEU A 44 -2.59 -9.38 4.82
C LEU A 44 -2.39 -8.39 3.66
N LYS A 45 -1.23 -7.75 3.64
CA LYS A 45 -0.91 -6.77 2.60
C LYS A 45 -0.48 -7.48 1.32
N ARG A 46 0.50 -8.36 1.44
CA ARG A 46 1.01 -9.10 0.29
C ARG A 46 -0.12 -9.42 -0.69
N ALA A 47 -1.18 -10.03 -0.17
CA ALA A 47 -2.32 -10.39 -1.01
C ALA A 47 -2.89 -9.18 -1.72
N GLY A 48 -2.97 -9.24 -3.05
CA GLY A 48 -3.48 -8.14 -3.82
C GLY A 48 -2.92 -6.80 -3.38
N TRP A 49 -1.61 -6.66 -3.47
CA TRP A 49 -0.95 -5.42 -3.08
C TRP A 49 -0.83 -4.47 -4.26
N GLN A 50 -1.01 -3.17 -4.00
CA GLN A 50 -0.92 -2.17 -5.05
C GLN A 50 0.08 -1.08 -4.66
N CYS A 51 1.22 -1.06 -5.36
CA CYS A 51 2.26 -0.07 -5.09
C CYS A 51 1.65 1.31 -4.91
N PRO A 52 2.38 2.19 -4.20
CA PRO A 52 1.94 3.57 -3.94
C PRO A 52 1.95 4.42 -5.20
N GLU A 53 2.55 3.90 -6.27
CA GLU A 53 2.62 4.62 -7.53
C GLU A 53 1.41 4.32 -8.40
N CYS A 54 0.68 3.26 -8.05
CA CYS A 54 -0.50 2.86 -8.80
C CYS A 54 -1.76 2.99 -7.95
N LYS A 55 -1.74 2.38 -6.77
CA LYS A 55 -2.88 2.43 -5.86
C LYS A 55 -3.63 3.76 -6.00
N VAL A 56 -4.95 3.69 -5.97
CA VAL A 56 -5.78 4.87 -6.10
C VAL A 56 -7.00 4.80 -5.17
N CYS A 57 -7.81 5.85 -5.19
CA CYS A 57 -9.01 5.89 -4.36
C CYS A 57 -10.06 4.90 -4.85
N GLN A 58 -10.90 4.44 -3.94
CA GLN A 58 -11.95 3.48 -4.28
C GLN A 58 -13.32 4.14 -4.21
N ASN A 59 -13.39 5.30 -3.58
CA ASN A 59 -14.65 6.04 -3.44
C ASN A 59 -14.92 6.89 -4.68
N CYS A 60 -13.88 7.54 -5.18
CA CYS A 60 -14.00 8.39 -6.36
C CYS A 60 -13.22 7.81 -7.53
N LYS A 61 -12.16 7.06 -7.22
CA LYS A 61 -11.34 6.44 -8.25
C LYS A 61 -10.57 7.50 -9.04
N GLN A 62 -9.83 8.33 -8.33
CA GLN A 62 -9.04 9.39 -8.97
C GLN A 62 -7.69 9.55 -8.29
N SER A 63 -6.62 9.43 -9.08
CA SER A 63 -5.27 9.55 -8.57
C SER A 63 -4.75 10.97 -8.73
N GLY A 64 -4.52 11.65 -7.61
CA GLY A 64 -4.02 13.02 -7.65
C GLY A 64 -3.71 13.56 -6.28
N GLU A 65 -4.70 13.56 -5.40
CA GLU A 65 -4.53 14.06 -4.04
C GLU A 65 -3.85 13.01 -3.16
N ASP A 66 -2.78 12.42 -3.67
CA ASP A 66 -2.04 11.41 -2.93
C ASP A 66 -1.80 11.85 -1.49
N SER A 67 -1.07 12.95 -1.33
CA SER A 67 -0.77 13.48 -0.01
C SER A 67 -1.97 13.38 0.92
N LYS A 68 -3.09 13.96 0.48
CA LYS A 68 -4.32 13.94 1.27
C LYS A 68 -4.81 12.51 1.47
N MET A 69 -4.59 11.67 0.46
CA MET A 69 -5.02 10.28 0.53
C MET A 69 -4.25 9.53 1.62
N LEU A 70 -4.99 8.89 2.51
CA LEU A 70 -4.38 8.14 3.61
C LEU A 70 -3.98 6.74 3.15
N VAL A 71 -2.86 6.24 3.68
CA VAL A 71 -2.38 4.91 3.33
C VAL A 71 -2.50 3.96 4.51
N CYS A 72 -3.52 3.10 4.47
CA CYS A 72 -3.74 2.14 5.54
C CYS A 72 -2.48 1.32 5.81
N ASP A 73 -2.09 1.24 7.07
CA ASP A 73 -0.90 0.48 7.46
C ASP A 73 -1.23 -1.01 7.61
N THR A 74 -2.28 -1.45 6.93
CA THR A 74 -2.70 -2.84 6.99
C THR A 74 -2.90 -3.42 5.60
N CYS A 75 -3.56 -2.65 4.74
CA CYS A 75 -3.83 -3.09 3.37
C CYS A 75 -3.13 -2.17 2.36
N ASP A 76 -3.12 -0.88 2.66
CA ASP A 76 -2.48 0.10 1.79
C ASP A 76 -3.32 0.33 0.54
N LYS A 77 -4.58 0.68 0.73
CA LYS A 77 -5.49 0.93 -0.38
C LYS A 77 -5.38 2.38 -0.85
N GLY A 78 -5.83 3.31 -0.01
CA GLY A 78 -5.77 4.72 -0.37
C GLY A 78 -7.15 5.34 -0.46
N TYR A 79 -7.41 6.31 0.42
CA TYR A 79 -8.70 6.99 0.43
C TYR A 79 -8.54 8.46 0.83
N HIS A 80 -8.98 9.36 -0.03
CA HIS A 80 -8.89 10.79 0.23
C HIS A 80 -9.64 11.16 1.51
N THR A 81 -9.03 12.02 2.31
CA THR A 81 -9.65 12.44 3.57
C THR A 81 -11.13 12.79 3.37
N PHE A 82 -11.40 13.57 2.33
CA PHE A 82 -12.77 13.97 2.02
C PHE A 82 -13.59 12.79 1.52
N CYS A 83 -12.90 11.80 0.97
CA CYS A 83 -13.56 10.61 0.44
C CYS A 83 -13.84 9.59 1.55
N LEU A 84 -13.89 10.09 2.79
CA LEU A 84 -14.15 9.23 3.94
C LEU A 84 -15.44 9.64 4.64
N GLN A 85 -16.18 8.65 5.12
CA GLN A 85 -17.45 8.91 5.81
C GLN A 85 -17.44 8.28 7.20
N PRO A 86 -17.32 9.13 8.23
CA PRO A 86 -17.19 10.58 8.06
C PRO A 86 -15.85 10.97 7.45
N VAL A 87 -15.73 12.24 7.08
CA VAL A 87 -14.49 12.75 6.49
C VAL A 87 -13.46 13.07 7.55
N MET A 88 -12.19 13.01 7.18
CA MET A 88 -11.10 13.29 8.11
C MET A 88 -10.55 14.70 7.88
N LYS A 89 -10.95 15.64 8.72
CA LYS A 89 -10.50 17.02 8.60
C LYS A 89 -8.98 17.08 8.44
N SER A 90 -8.27 16.27 9.21
CA SER A 90 -6.82 16.24 9.15
C SER A 90 -6.31 14.80 9.08
N VAL A 91 -5.00 14.64 8.98
CA VAL A 91 -4.39 13.32 8.90
C VAL A 91 -3.65 12.99 10.19
N PRO A 92 -3.82 11.75 10.67
CA PRO A 92 -3.17 11.27 11.90
C PRO A 92 -1.67 11.10 11.73
N THR A 93 -0.97 10.85 12.83
CA THR A 93 0.47 10.66 12.81
C THR A 93 0.86 9.30 13.38
N ASN A 94 -0.06 8.70 14.13
CA ASN A 94 0.19 7.39 14.74
C ASN A 94 -0.39 6.27 13.90
N GLY A 95 -0.04 6.26 12.62
CA GLY A 95 -0.54 5.24 11.72
C GLY A 95 -2.04 5.30 11.54
N TRP A 96 -2.50 5.19 10.30
CA TRP A 96 -3.92 5.22 10.00
C TRP A 96 -4.43 3.85 9.60
N LYS A 97 -5.67 3.54 9.98
CA LYS A 97 -6.27 2.26 9.66
C LYS A 97 -7.63 2.45 8.97
N CYS A 98 -7.77 1.86 7.79
CA CYS A 98 -9.01 1.96 7.03
C CYS A 98 -10.12 1.14 7.69
N LYS A 99 -11.35 1.36 7.23
CA LYS A 99 -12.50 0.65 7.77
C LYS A 99 -12.44 -0.84 7.40
N ASN A 100 -12.41 -1.12 6.10
CA ASN A 100 -12.35 -2.49 5.62
C ASN A 100 -11.39 -3.32 6.47
N CYS A 101 -10.43 -2.65 7.10
CA CYS A 101 -9.46 -3.33 7.95
C CYS A 101 -9.88 -3.29 9.41
N ARG A 102 -10.59 -2.23 9.79
CA ARG A 102 -11.05 -2.08 11.16
C ARG A 102 -11.79 -3.33 11.64
N ILE A 103 -12.49 -3.98 10.70
CA ILE A 103 -13.24 -5.19 11.03
C ILE A 103 -12.42 -6.12 11.91
N CYS A 104 -13.02 -6.57 13.01
CA CYS A 104 -12.35 -7.47 13.94
C CYS A 104 -12.26 -8.88 13.36
N ILE A 105 -11.41 -9.70 13.97
CA ILE A 105 -11.23 -11.08 13.51
C ILE A 105 -11.27 -12.06 14.68
N SER A 106 -11.81 -13.24 14.43
CA SER A 106 -11.91 -14.27 15.47
C SER A 106 -10.57 -14.44 16.19
N GLY A 107 -10.47 -13.86 17.38
CA GLY A 107 -9.26 -13.96 18.15
C GLY A 107 -9.49 -13.78 19.64
N PRO A 108 -8.68 -14.48 20.46
CA PRO A 108 -8.79 -14.40 21.92
C PRO A 108 -8.36 -13.05 22.47
N SER A 109 -8.34 -12.92 23.79
CA SER A 109 -7.95 -11.68 24.44
C SER A 109 -6.62 -11.85 25.17
N SER A 110 -6.49 -12.96 25.90
CA SER A 110 -5.28 -13.23 26.66
C SER A 110 -4.49 -14.38 26.01
N GLY A 111 -5.12 -15.55 25.93
CA GLY A 111 -4.47 -16.69 25.35
C GLY A 111 -4.06 -16.45 23.91
N GLY A 1 22.46 -2.22 -21.95
CA GLY A 1 22.71 -2.56 -20.56
C GLY A 1 22.17 -3.94 -20.20
N SER A 2 20.91 -3.99 -19.81
CA SER A 2 20.28 -5.25 -19.43
C SER A 2 19.00 -5.48 -20.22
N SER A 3 19.14 -6.00 -21.43
CA SER A 3 17.99 -6.27 -22.29
C SER A 3 17.68 -7.75 -22.33
N GLY A 4 16.45 -8.11 -21.95
CA GLY A 4 16.04 -9.50 -21.95
C GLY A 4 15.00 -9.79 -20.89
N SER A 5 15.39 -9.69 -19.62
CA SER A 5 14.47 -9.96 -18.52
C SER A 5 13.93 -8.66 -17.94
N SER A 6 12.60 -8.56 -17.89
CA SER A 6 11.95 -7.36 -17.37
C SER A 6 12.63 -6.88 -16.09
N GLY A 7 12.53 -5.58 -15.83
CA GLY A 7 13.15 -5.01 -14.64
C GLY A 7 12.38 -5.33 -13.38
N ALA A 8 12.55 -6.56 -12.88
CA ALA A 8 11.86 -6.99 -11.67
C ALA A 8 12.66 -6.60 -10.42
N ASN A 9 13.42 -5.52 -10.53
CA ASN A 9 14.23 -5.05 -9.41
C ASN A 9 13.50 -3.95 -8.65
N CYS A 10 13.96 -3.67 -7.43
CA CYS A 10 13.36 -2.65 -6.60
C CYS A 10 13.35 -1.29 -7.31
N ALA A 11 12.17 -0.74 -7.52
CA ALA A 11 12.03 0.55 -8.19
C ALA A 11 12.50 1.68 -7.29
N VAL A 12 13.06 1.33 -6.14
CA VAL A 12 13.55 2.33 -5.18
C VAL A 12 15.06 2.25 -5.04
N CYS A 13 15.57 1.06 -4.77
CA CYS A 13 17.01 0.87 -4.61
C CYS A 13 17.61 0.22 -5.86
N ASP A 14 16.75 -0.14 -6.80
CA ASP A 14 17.19 -0.76 -8.04
C ASP A 14 18.14 -1.93 -7.75
N SER A 15 17.80 -2.72 -6.74
CA SER A 15 18.63 -3.86 -6.35
C SER A 15 17.76 -5.07 -6.02
N PRO A 16 18.23 -6.26 -6.41
CA PRO A 16 17.51 -7.52 -6.16
C PRO A 16 17.50 -7.90 -4.67
N GLY A 17 18.68 -7.91 -4.06
CA GLY A 17 18.78 -8.25 -2.66
C GLY A 17 17.75 -9.28 -2.24
N ASP A 18 17.05 -9.00 -1.14
CA ASP A 18 16.02 -9.90 -0.63
C ASP A 18 14.70 -9.69 -1.37
N LEU A 19 14.25 -10.72 -2.07
CA LEU A 19 13.00 -10.66 -2.82
C LEU A 19 11.85 -11.22 -1.99
N LEU A 20 12.15 -12.16 -1.11
CA LEU A 20 11.14 -12.78 -0.26
C LEU A 20 10.30 -11.71 0.45
N ASP A 21 10.90 -10.56 0.69
CA ASP A 21 10.21 -9.47 1.36
C ASP A 21 9.96 -8.31 0.38
N GLN A 22 9.67 -8.66 -0.87
CA GLN A 22 9.41 -7.66 -1.90
C GLN A 22 7.96 -7.74 -2.37
N PHE A 23 7.25 -6.61 -2.27
CA PHE A 23 5.85 -6.55 -2.68
C PHE A 23 5.73 -6.62 -4.20
N PHE A 24 4.53 -6.92 -4.68
CA PHE A 24 4.29 -7.02 -6.11
C PHE A 24 2.97 -6.33 -6.49
N CYS A 25 3.06 -5.27 -7.27
CA CYS A 25 1.88 -4.53 -7.70
C CYS A 25 1.06 -5.33 -8.71
N THR A 26 -0.23 -5.06 -8.77
CA THR A 26 -1.12 -5.76 -9.69
C THR A 26 -1.37 -4.94 -10.95
N THR A 27 -1.27 -3.62 -10.82
CA THR A 27 -1.48 -2.72 -11.94
C THR A 27 -0.26 -2.70 -12.87
N CYS A 28 0.86 -2.20 -12.35
CA CYS A 28 2.09 -2.13 -13.12
C CYS A 28 2.88 -3.42 -13.01
N GLY A 29 3.00 -3.95 -11.80
CA GLY A 29 3.73 -5.18 -11.58
C GLY A 29 5.18 -4.93 -11.18
N GLN A 30 5.39 -3.94 -10.34
CA GLN A 30 6.74 -3.59 -9.89
C GLN A 30 7.05 -4.27 -8.55
N HIS A 31 8.29 -4.11 -8.09
CA HIS A 31 8.72 -4.70 -6.82
C HIS A 31 9.32 -3.64 -5.90
N TYR A 32 9.18 -3.84 -4.60
CA TYR A 32 9.70 -2.90 -3.62
C TYR A 32 9.99 -3.60 -2.30
N HIS A 33 10.99 -3.10 -1.58
CA HIS A 33 11.36 -3.68 -0.29
C HIS A 33 10.59 -3.02 0.85
N GLY A 34 10.44 -3.74 1.95
CA GLY A 34 9.72 -3.20 3.10
C GLY A 34 10.44 -2.03 3.74
N MET A 35 11.77 -2.04 3.63
CA MET A 35 12.58 -0.97 4.22
C MET A 35 12.71 0.20 3.24
N CYS A 36 12.96 -0.10 1.97
CA CYS A 36 13.11 0.92 0.96
C CYS A 36 11.92 1.87 0.97
N LEU A 37 10.73 1.34 1.26
CA LEU A 37 9.52 2.14 1.31
C LEU A 37 9.02 2.28 2.74
N ASP A 38 9.75 1.69 3.68
CA ASP A 38 9.37 1.75 5.09
C ASP A 38 7.94 1.25 5.30
N ILE A 39 7.61 0.14 4.65
CA ILE A 39 6.27 -0.44 4.76
C ILE A 39 6.27 -1.64 5.70
N ALA A 40 5.22 -1.76 6.49
CA ALA A 40 5.09 -2.87 7.44
C ALA A 40 4.67 -4.15 6.73
N VAL A 41 5.64 -5.03 6.50
CA VAL A 41 5.37 -6.30 5.83
C VAL A 41 4.35 -7.13 6.61
N THR A 42 3.25 -7.48 5.95
CA THR A 42 2.20 -8.26 6.57
C THR A 42 1.63 -9.29 5.61
N PRO A 43 1.20 -10.43 6.14
CA PRO A 43 0.62 -11.52 5.34
C PRO A 43 -0.75 -11.16 4.77
N LEU A 44 -1.19 -9.94 5.05
CA LEU A 44 -2.48 -9.47 4.57
C LEU A 44 -2.32 -8.54 3.36
N LYS A 45 -1.22 -7.79 3.35
CA LYS A 45 -0.94 -6.87 2.26
C LYS A 45 -0.28 -7.59 1.09
N ARG A 46 0.76 -8.36 1.38
CA ARG A 46 1.46 -9.11 0.35
C ARG A 46 0.52 -9.55 -0.76
N ALA A 47 -0.69 -9.92 -0.37
CA ALA A 47 -1.69 -10.36 -1.34
C ALA A 47 -2.26 -9.18 -2.12
N GLY A 48 -2.15 -9.23 -3.44
CA GLY A 48 -2.66 -8.17 -4.28
C GLY A 48 -2.28 -6.80 -3.75
N TRP A 49 -0.99 -6.53 -3.65
CA TRP A 49 -0.50 -5.25 -3.16
C TRP A 49 -0.58 -4.18 -4.25
N GLN A 50 -0.82 -2.93 -3.83
CA GLN A 50 -0.92 -1.82 -4.77
C GLN A 50 0.16 -0.78 -4.49
N CYS A 51 1.10 -0.65 -5.43
CA CYS A 51 2.18 0.31 -5.29
C CYS A 51 1.64 1.74 -5.26
N PRO A 52 2.43 2.66 -4.67
CA PRO A 52 2.05 4.07 -4.56
C PRO A 52 2.07 4.78 -5.91
N GLU A 53 2.45 4.04 -6.96
CA GLU A 53 2.51 4.60 -8.30
C GLU A 53 1.26 4.26 -9.09
N CYS A 54 0.53 3.25 -8.62
CA CYS A 54 -0.70 2.81 -9.29
C CYS A 54 -1.90 2.97 -8.36
N LYS A 55 -1.66 2.89 -7.06
CA LYS A 55 -2.72 3.03 -6.07
C LYS A 55 -3.49 4.32 -6.28
N VAL A 56 -4.78 4.31 -5.93
CA VAL A 56 -5.63 5.48 -6.07
C VAL A 56 -6.87 5.38 -5.19
N CYS A 57 -7.53 6.51 -4.97
CA CYS A 57 -8.73 6.55 -4.15
C CYS A 57 -9.87 5.80 -4.82
N GLN A 58 -10.31 4.71 -4.19
CA GLN A 58 -11.40 3.91 -4.73
C GLN A 58 -12.74 4.60 -4.52
N ASN A 59 -12.77 5.57 -3.61
CA ASN A 59 -13.99 6.30 -3.32
C ASN A 59 -14.40 7.17 -4.51
N CYS A 60 -13.47 8.00 -4.97
CA CYS A 60 -13.74 8.89 -6.10
C CYS A 60 -13.09 8.35 -7.37
N LYS A 61 -12.22 7.36 -7.21
CA LYS A 61 -11.52 6.76 -8.34
C LYS A 61 -10.60 7.77 -9.01
N GLN A 62 -9.79 8.44 -8.20
CA GLN A 62 -8.85 9.43 -8.72
C GLN A 62 -7.53 9.37 -7.96
N SER A 63 -6.42 9.43 -8.70
CA SER A 63 -5.10 9.37 -8.11
C SER A 63 -4.66 10.75 -7.61
N GLY A 64 -5.58 11.70 -7.67
CA GLY A 64 -5.28 13.05 -7.22
C GLY A 64 -5.22 13.15 -5.70
N GLU A 65 -5.03 14.37 -5.21
CA GLU A 65 -4.94 14.61 -3.77
C GLU A 65 -4.09 13.53 -3.09
N ASP A 66 -2.88 13.34 -3.60
CA ASP A 66 -1.97 12.34 -3.04
C ASP A 66 -1.59 12.70 -1.60
N SER A 67 -1.17 13.94 -1.40
CA SER A 67 -0.78 14.40 -0.07
C SER A 67 -1.82 14.01 0.98
N LYS A 68 -3.03 14.54 0.82
CA LYS A 68 -4.11 14.25 1.75
C LYS A 68 -4.39 12.75 1.82
N MET A 69 -4.36 12.10 0.66
CA MET A 69 -4.60 10.66 0.59
C MET A 69 -4.09 9.96 1.84
N LEU A 70 -4.92 9.10 2.41
CA LEU A 70 -4.56 8.36 3.62
C LEU A 70 -4.20 6.92 3.28
N VAL A 71 -2.92 6.58 3.34
CA VAL A 71 -2.46 5.24 3.06
C VAL A 71 -2.61 4.32 4.27
N CYS A 72 -3.49 3.33 4.17
CA CYS A 72 -3.72 2.40 5.26
C CYS A 72 -2.47 1.58 5.55
N ASP A 73 -2.05 1.58 6.80
CA ASP A 73 -0.87 0.83 7.22
C ASP A 73 -1.21 -0.64 7.48
N THR A 74 -2.27 -1.12 6.82
CA THR A 74 -2.70 -2.50 6.98
C THR A 74 -2.94 -3.16 5.63
N CYS A 75 -3.65 -2.47 4.75
CA CYS A 75 -3.96 -2.99 3.43
C CYS A 75 -3.31 -2.13 2.34
N ASP A 76 -3.21 -0.83 2.61
CA ASP A 76 -2.60 0.09 1.67
C ASP A 76 -3.44 0.19 0.39
N LYS A 77 -4.71 0.50 0.54
CA LYS A 77 -5.61 0.63 -0.60
C LYS A 77 -5.60 2.05 -1.15
N GLY A 78 -5.83 3.02 -0.28
CA GLY A 78 -5.83 4.41 -0.70
C GLY A 78 -7.19 5.06 -0.53
N TYR A 79 -7.27 6.01 0.41
CA TYR A 79 -8.53 6.70 0.67
C TYR A 79 -8.27 8.15 1.08
N HIS A 80 -8.85 9.08 0.33
CA HIS A 80 -8.69 10.50 0.61
C HIS A 80 -9.34 10.88 1.93
N THR A 81 -9.04 12.08 2.42
CA THR A 81 -9.59 12.56 3.67
C THR A 81 -11.01 13.09 3.49
N PHE A 82 -11.28 13.66 2.32
CA PHE A 82 -12.59 14.21 2.02
C PHE A 82 -13.41 13.22 1.19
N CYS A 83 -13.07 11.94 1.28
CA CYS A 83 -13.77 10.91 0.53
C CYS A 83 -14.30 9.82 1.47
N LEU A 84 -13.71 9.72 2.65
CA LEU A 84 -14.12 8.73 3.64
C LEU A 84 -15.50 9.07 4.20
N GLN A 85 -16.11 8.09 4.86
CA GLN A 85 -17.43 8.28 5.45
C GLN A 85 -17.51 7.67 6.85
N PRO A 86 -17.40 8.53 7.88
CA PRO A 86 -17.23 9.97 7.69
C PRO A 86 -15.86 10.33 7.13
N VAL A 87 -15.66 11.60 6.83
CA VAL A 87 -14.40 12.08 6.29
C VAL A 87 -13.44 12.50 7.41
N MET A 88 -12.15 12.55 7.09
CA MET A 88 -11.14 12.94 8.07
C MET A 88 -10.63 14.34 7.78
N LYS A 89 -11.41 15.35 8.17
CA LYS A 89 -11.04 16.74 7.96
C LYS A 89 -9.53 16.92 8.11
N SER A 90 -8.95 16.21 9.08
CA SER A 90 -7.51 16.31 9.32
C SER A 90 -6.85 14.93 9.23
N VAL A 91 -5.53 14.91 9.31
CA VAL A 91 -4.79 13.66 9.24
C VAL A 91 -4.19 13.29 10.60
N PRO A 92 -4.25 12.00 10.94
CA PRO A 92 -3.72 11.48 12.21
C PRO A 92 -2.20 11.53 12.26
N THR A 93 -1.65 11.15 13.41
CA THR A 93 -0.20 11.15 13.59
C THR A 93 0.29 9.78 14.08
N ASN A 94 -0.27 9.33 15.19
CA ASN A 94 0.11 8.04 15.77
C ASN A 94 0.00 6.93 14.73
N GLY A 95 -1.18 6.81 14.13
CA GLY A 95 -1.40 5.78 13.12
C GLY A 95 -2.82 5.77 12.60
N TRP A 96 -2.98 5.55 11.30
CA TRP A 96 -4.30 5.52 10.69
C TRP A 96 -4.64 4.12 10.21
N LYS A 97 -5.93 3.85 10.04
CA LYS A 97 -6.39 2.55 9.59
C LYS A 97 -7.74 2.65 8.89
N CYS A 98 -7.84 2.04 7.71
CA CYS A 98 -9.07 2.07 6.93
C CYS A 98 -10.16 1.26 7.62
N LYS A 99 -11.39 1.39 7.13
CA LYS A 99 -12.53 0.68 7.70
C LYS A 99 -12.48 -0.80 7.31
N ASN A 100 -12.28 -1.06 6.03
CA ASN A 100 -12.21 -2.44 5.53
C ASN A 100 -11.26 -3.28 6.38
N CYS A 101 -10.35 -2.62 7.06
CA CYS A 101 -9.39 -3.30 7.93
C CYS A 101 -9.86 -3.32 9.38
N ARG A 102 -10.31 -2.16 9.86
CA ARG A 102 -10.80 -2.04 11.22
C ARG A 102 -11.76 -3.17 11.56
N ILE A 103 -12.47 -3.66 10.55
CA ILE A 103 -13.43 -4.74 10.74
C ILE A 103 -12.94 -5.74 11.78
N CYS A 104 -13.83 -6.15 12.67
CA CYS A 104 -13.50 -7.10 13.72
C CYS A 104 -12.40 -6.54 14.63
N ILE A 105 -12.54 -5.28 15.01
CA ILE A 105 -11.56 -4.63 15.87
C ILE A 105 -11.10 -5.56 16.98
N SER A 106 -12.05 -6.28 17.58
CA SER A 106 -11.74 -7.21 18.66
C SER A 106 -12.70 -8.39 18.64
N GLY A 107 -12.15 -9.59 18.39
CA GLY A 107 -12.97 -10.78 18.35
C GLY A 107 -13.91 -10.81 17.16
N PRO A 108 -14.36 -12.01 16.78
CA PRO A 108 -15.26 -12.20 15.65
C PRO A 108 -16.67 -11.66 15.93
N SER A 109 -17.35 -11.21 14.89
CA SER A 109 -18.70 -10.67 15.03
C SER A 109 -19.72 -11.58 14.36
N SER A 110 -20.98 -11.44 14.75
CA SER A 110 -22.05 -12.25 14.19
C SER A 110 -23.08 -11.38 13.48
N GLY A 111 -22.91 -11.22 12.17
CA GLY A 111 -23.83 -10.42 11.40
C GLY A 111 -23.15 -9.71 10.25
N GLY A 1 22.71 2.48 -24.77
CA GLY A 1 22.70 1.05 -24.46
C GLY A 1 21.34 0.43 -24.68
N SER A 2 20.84 -0.27 -23.65
CA SER A 2 19.55 -0.93 -23.73
C SER A 2 18.43 0.10 -23.85
N SER A 3 17.36 -0.28 -24.56
CA SER A 3 16.23 0.62 -24.76
C SER A 3 15.44 0.78 -23.47
N GLY A 4 15.03 2.01 -23.18
CA GLY A 4 14.28 2.28 -21.97
C GLY A 4 15.07 2.00 -20.71
N SER A 5 14.66 2.60 -19.60
CA SER A 5 15.34 2.42 -18.33
C SER A 5 14.38 1.93 -17.26
N SER A 6 14.18 0.62 -17.21
CA SER A 6 13.28 0.01 -16.24
C SER A 6 13.46 -1.51 -16.19
N GLY A 7 13.10 -2.10 -15.05
CA GLY A 7 13.23 -3.54 -14.90
C GLY A 7 12.37 -4.09 -13.79
N ALA A 8 12.84 -5.16 -13.15
CA ALA A 8 12.11 -5.77 -12.05
C ALA A 8 12.82 -5.55 -10.71
N ASN A 9 13.59 -4.47 -10.64
CA ASN A 9 14.33 -4.15 -9.42
C ASN A 9 13.59 -3.09 -8.60
N CYS A 10 14.14 -2.77 -7.43
CA CYS A 10 13.53 -1.77 -6.55
C CYS A 10 13.65 -0.38 -7.15
N ALA A 11 12.54 0.35 -7.15
CA ALA A 11 12.51 1.70 -7.69
C ALA A 11 12.92 2.72 -6.64
N VAL A 12 13.35 2.23 -5.48
CA VAL A 12 13.77 3.10 -4.40
C VAL A 12 15.26 2.97 -4.12
N CYS A 13 15.74 1.74 -4.11
CA CYS A 13 17.16 1.46 -3.86
C CYS A 13 17.84 0.97 -5.14
N ASP A 14 17.08 0.35 -6.02
CA ASP A 14 17.61 -0.15 -7.28
C ASP A 14 18.47 -1.39 -7.04
N SER A 15 17.96 -2.32 -6.24
CA SER A 15 18.68 -3.55 -5.94
C SER A 15 17.76 -4.76 -5.99
N PRO A 16 18.27 -5.88 -6.51
CA PRO A 16 17.50 -7.13 -6.63
C PRO A 16 17.23 -7.77 -5.28
N GLY A 17 18.30 -7.94 -4.49
CA GLY A 17 18.15 -8.54 -3.17
C GLY A 17 17.11 -9.64 -3.15
N ASP A 18 16.04 -9.43 -2.38
CA ASP A 18 14.97 -10.40 -2.28
C ASP A 18 13.70 -9.90 -2.96
N LEU A 19 13.13 -10.72 -3.83
CA LEU A 19 11.92 -10.35 -4.55
C LEU A 19 10.68 -10.87 -3.83
N LEU A 20 10.78 -12.09 -3.32
CA LEU A 20 9.67 -12.71 -2.60
C LEU A 20 9.34 -11.93 -1.33
N ASP A 21 10.38 -11.48 -0.63
CA ASP A 21 10.20 -10.72 0.61
C ASP A 21 9.54 -9.38 0.32
N GLN A 22 10.03 -8.69 -0.70
CA GLN A 22 9.48 -7.39 -1.07
C GLN A 22 8.19 -7.54 -1.86
N PHE A 23 7.28 -6.59 -1.69
CA PHE A 23 5.99 -6.62 -2.38
C PHE A 23 6.18 -6.45 -3.89
N PHE A 24 5.18 -6.86 -4.66
CA PHE A 24 5.24 -6.77 -6.11
C PHE A 24 3.91 -6.25 -6.67
N CYS A 25 3.96 -5.11 -7.35
CA CYS A 25 2.77 -4.52 -7.94
C CYS A 25 2.22 -5.39 -9.06
N THR A 26 0.93 -5.24 -9.34
CA THR A 26 0.28 -6.01 -10.39
C THR A 26 -0.01 -5.15 -11.61
N THR A 27 -0.26 -3.87 -11.37
CA THR A 27 -0.56 -2.94 -12.46
C THR A 27 0.69 -2.64 -13.28
N CYS A 28 1.69 -2.04 -12.64
CA CYS A 28 2.94 -1.70 -13.32
C CYS A 28 3.90 -2.89 -13.30
N GLY A 29 3.98 -3.57 -12.16
CA GLY A 29 4.86 -4.70 -12.02
C GLY A 29 6.21 -4.33 -11.45
N GLN A 30 6.21 -3.42 -10.48
CA GLN A 30 7.44 -2.98 -9.84
C GLN A 30 7.69 -3.72 -8.54
N HIS A 31 8.83 -3.44 -7.90
CA HIS A 31 9.18 -4.09 -6.65
C HIS A 31 9.67 -3.07 -5.62
N TYR A 32 9.35 -3.31 -4.36
CA TYR A 32 9.76 -2.40 -3.29
C TYR A 32 9.93 -3.16 -1.98
N HIS A 33 11.14 -3.09 -1.42
CA HIS A 33 11.43 -3.77 -0.16
C HIS A 33 10.66 -3.14 1.00
N GLY A 34 10.18 -3.97 1.91
CA GLY A 34 9.43 -3.46 3.05
C GLY A 34 10.14 -2.32 3.75
N MET A 35 11.47 -2.39 3.78
CA MET A 35 12.26 -1.34 4.43
C MET A 35 12.32 -0.09 3.56
N CYS A 36 12.67 -0.28 2.29
CA CYS A 36 12.76 0.84 1.35
C CYS A 36 11.50 1.70 1.40
N LEU A 37 10.37 1.05 1.64
CA LEU A 37 9.09 1.76 1.71
C LEU A 37 8.71 2.05 3.16
N ASP A 38 9.28 1.28 4.08
CA ASP A 38 9.00 1.46 5.51
C ASP A 38 7.60 0.96 5.85
N ILE A 39 7.23 -0.19 5.29
CA ILE A 39 5.92 -0.77 5.55
C ILE A 39 6.04 -2.08 6.34
N ALA A 40 5.13 -2.28 7.28
CA ALA A 40 5.13 -3.48 8.10
C ALA A 40 4.58 -4.67 7.33
N VAL A 41 5.47 -5.55 6.89
CA VAL A 41 5.07 -6.73 6.13
C VAL A 41 4.05 -7.56 6.91
N THR A 42 2.94 -7.88 6.27
CA THR A 42 1.89 -8.67 6.90
C THR A 42 1.30 -9.68 5.92
N PRO A 43 0.80 -10.81 6.46
CA PRO A 43 0.20 -11.88 5.65
C PRO A 43 -1.14 -11.46 5.05
N LEU A 44 -1.54 -10.22 5.31
CA LEU A 44 -2.81 -9.70 4.80
C LEU A 44 -2.57 -8.78 3.61
N LYS A 45 -1.59 -7.89 3.73
CA LYS A 45 -1.26 -6.95 2.67
C LYS A 45 -0.63 -7.68 1.48
N ARG A 46 0.41 -8.46 1.76
CA ARG A 46 1.10 -9.21 0.72
C ARG A 46 0.12 -9.68 -0.35
N ALA A 47 -1.00 -10.22 0.08
CA ALA A 47 -2.03 -10.70 -0.84
C ALA A 47 -2.75 -9.55 -1.52
N GLY A 48 -2.39 -9.26 -2.76
CA GLY A 48 -3.02 -8.18 -3.48
C GLY A 48 -2.43 -6.82 -3.13
N TRP A 49 -1.11 -6.72 -3.16
CA TRP A 49 -0.43 -5.47 -2.84
C TRP A 49 -0.38 -4.55 -4.05
N GLN A 50 -0.32 -3.24 -3.80
CA GLN A 50 -0.27 -2.27 -4.88
C GLN A 50 0.71 -1.15 -4.54
N CYS A 51 1.54 -0.78 -5.51
CA CYS A 51 2.53 0.28 -5.32
C CYS A 51 1.86 1.64 -5.24
N PRO A 52 2.55 2.61 -4.62
CA PRO A 52 2.04 3.98 -4.46
C PRO A 52 1.97 4.73 -5.78
N GLU A 53 2.57 4.14 -6.82
CA GLU A 53 2.59 4.76 -8.14
C GLU A 53 1.35 4.37 -8.94
N CYS A 54 0.74 3.25 -8.56
CA CYS A 54 -0.44 2.75 -9.25
C CYS A 54 -1.68 2.87 -8.35
N LYS A 55 -1.46 2.78 -7.04
CA LYS A 55 -2.55 2.89 -6.08
C LYS A 55 -3.35 4.17 -6.29
N VAL A 56 -4.67 4.05 -6.24
CA VAL A 56 -5.55 5.20 -6.42
C VAL A 56 -6.77 5.12 -5.50
N CYS A 57 -7.31 6.28 -5.14
CA CYS A 57 -8.47 6.34 -4.26
C CYS A 57 -9.64 5.56 -4.86
N GLN A 58 -10.03 4.49 -4.19
CA GLN A 58 -11.14 3.67 -4.65
C GLN A 58 -12.48 4.39 -4.47
N ASN A 59 -12.49 5.40 -3.61
CA ASN A 59 -13.69 6.18 -3.36
C ASN A 59 -14.10 6.98 -4.59
N CYS A 60 -13.19 7.81 -5.08
CA CYS A 60 -13.46 8.63 -6.25
C CYS A 60 -12.67 8.12 -7.46
N LYS A 61 -12.11 6.92 -7.34
CA LYS A 61 -11.34 6.33 -8.42
C LYS A 61 -10.34 7.32 -8.99
N GLN A 62 -9.53 7.91 -8.11
CA GLN A 62 -8.53 8.88 -8.54
C GLN A 62 -7.31 8.83 -7.62
N SER A 63 -6.14 9.15 -8.19
CA SER A 63 -4.90 9.13 -7.44
C SER A 63 -4.54 10.54 -6.95
N GLY A 64 -5.26 11.53 -7.46
CA GLY A 64 -5.01 12.91 -7.07
C GLY A 64 -5.08 13.11 -5.57
N GLU A 65 -5.06 14.37 -5.14
CA GLU A 65 -5.12 14.69 -3.72
C GLU A 65 -4.27 13.72 -2.90
N ASP A 66 -3.03 13.55 -3.33
CA ASP A 66 -2.11 12.65 -2.64
C ASP A 66 -1.92 13.07 -1.19
N SER A 67 -1.47 14.31 -0.98
CA SER A 67 -1.24 14.84 0.35
C SER A 67 -2.37 14.42 1.29
N LYS A 68 -3.60 14.82 0.96
CA LYS A 68 -4.76 14.48 1.77
C LYS A 68 -4.96 12.97 1.83
N MET A 69 -4.77 12.30 0.70
CA MET A 69 -4.93 10.86 0.62
C MET A 69 -4.32 10.18 1.84
N LEU A 70 -5.08 9.27 2.45
CA LEU A 70 -4.61 8.54 3.63
C LEU A 70 -4.24 7.11 3.27
N VAL A 71 -2.95 6.80 3.33
CA VAL A 71 -2.47 5.47 3.02
C VAL A 71 -2.48 4.58 4.26
N CYS A 72 -3.32 3.55 4.24
CA CYS A 72 -3.42 2.62 5.36
C CYS A 72 -2.07 1.98 5.67
N ASP A 73 -1.96 1.37 6.84
CA ASP A 73 -0.73 0.73 7.26
C ASP A 73 -0.84 -0.79 7.13
N THR A 74 -2.05 -1.31 7.35
CA THR A 74 -2.29 -2.74 7.26
C THR A 74 -2.53 -3.18 5.82
N CYS A 75 -3.63 -2.71 5.25
CA CYS A 75 -3.98 -3.04 3.87
C CYS A 75 -3.36 -2.04 2.89
N ASP A 76 -2.92 -0.91 3.42
CA ASP A 76 -2.29 0.12 2.60
C ASP A 76 -3.08 0.33 1.30
N LYS A 77 -4.37 0.61 1.43
CA LYS A 77 -5.23 0.82 0.27
C LYS A 77 -5.08 2.25 -0.26
N GLY A 78 -5.67 3.20 0.44
CA GLY A 78 -5.59 4.59 0.03
C GLY A 78 -6.95 5.22 -0.18
N TYR A 79 -7.30 6.17 0.68
CA TYR A 79 -8.58 6.85 0.60
C TYR A 79 -8.46 8.30 1.04
N HIS A 80 -9.02 9.20 0.24
CA HIS A 80 -8.97 10.63 0.55
C HIS A 80 -9.87 10.95 1.74
N THR A 81 -9.53 12.02 2.45
CA THR A 81 -10.30 12.45 3.62
C THR A 81 -11.74 12.79 3.23
N PHE A 82 -11.89 13.72 2.31
CA PHE A 82 -13.21 14.15 1.86
C PHE A 82 -13.93 13.00 1.14
N CYS A 83 -13.23 11.88 0.99
CA CYS A 83 -13.80 10.72 0.32
C CYS A 83 -14.25 9.67 1.34
N LEU A 84 -13.92 9.91 2.61
CA LEU A 84 -14.29 8.99 3.68
C LEU A 84 -15.70 9.30 4.20
N GLN A 85 -16.41 8.24 4.58
CA GLN A 85 -17.77 8.39 5.09
C GLN A 85 -17.90 7.79 6.49
N PRO A 86 -17.90 8.65 7.51
CA PRO A 86 -17.80 10.10 7.31
C PRO A 86 -16.42 10.53 6.84
N VAL A 87 -16.26 11.82 6.59
CA VAL A 87 -14.97 12.35 6.13
C VAL A 87 -14.13 12.84 7.31
N MET A 88 -12.82 12.64 7.20
CA MET A 88 -11.90 13.06 8.25
C MET A 88 -11.72 14.57 8.25
N LYS A 89 -11.87 15.18 9.43
CA LYS A 89 -11.73 16.63 9.56
C LYS A 89 -10.28 17.05 9.33
N SER A 90 -9.34 16.19 9.72
CA SER A 90 -7.92 16.48 9.56
C SER A 90 -7.15 15.20 9.28
N VAL A 91 -5.86 15.36 8.96
CA VAL A 91 -5.00 14.22 8.66
C VAL A 91 -4.12 13.88 9.86
N PRO A 92 -4.13 12.59 10.25
CA PRO A 92 -3.34 12.09 11.37
C PRO A 92 -1.84 12.11 11.09
N THR A 93 -1.04 12.28 12.13
CA THR A 93 0.41 12.30 11.98
C THR A 93 0.96 10.92 11.67
N ASN A 94 0.45 9.91 12.36
CA ASN A 94 0.89 8.53 12.15
C ASN A 94 -0.02 7.55 12.90
N GLY A 95 -0.05 6.31 12.43
CA GLY A 95 -0.87 5.30 13.07
C GLY A 95 -2.32 5.37 12.63
N TRP A 96 -2.54 5.44 11.33
CA TRP A 96 -3.89 5.52 10.78
C TRP A 96 -4.35 4.16 10.25
N LYS A 97 -5.61 3.83 10.50
CA LYS A 97 -6.17 2.56 10.05
C LYS A 97 -7.53 2.78 9.37
N CYS A 98 -7.67 2.24 8.17
CA CYS A 98 -8.91 2.38 7.41
C CYS A 98 -10.02 1.56 8.06
N LYS A 99 -11.24 1.74 7.56
CA LYS A 99 -12.39 1.02 8.10
C LYS A 99 -12.25 -0.48 7.86
N ASN A 100 -12.35 -0.89 6.60
CA ASN A 100 -12.23 -2.31 6.25
C ASN A 100 -11.24 -3.01 7.17
N CYS A 101 -10.17 -2.32 7.51
CA CYS A 101 -9.13 -2.87 8.37
C CYS A 101 -9.60 -2.89 9.84
N ARG A 102 -10.13 -1.76 10.29
CA ARG A 102 -10.60 -1.65 11.66
C ARG A 102 -11.67 -2.71 11.95
N ILE A 103 -12.41 -3.10 10.92
CA ILE A 103 -13.46 -4.10 11.07
C ILE A 103 -13.07 -5.16 12.08
N CYS A 104 -13.97 -5.44 13.02
CA CYS A 104 -13.72 -6.43 14.06
C CYS A 104 -13.88 -7.84 13.50
N ILE A 105 -12.76 -8.45 13.13
CA ILE A 105 -12.77 -9.80 12.58
C ILE A 105 -12.48 -10.84 13.66
N SER A 106 -13.34 -11.85 13.75
CA SER A 106 -13.17 -12.90 14.74
C SER A 106 -12.67 -14.19 14.08
N GLY A 107 -12.18 -15.11 14.91
CA GLY A 107 -11.67 -16.37 14.40
C GLY A 107 -12.75 -17.43 14.30
N PRO A 108 -12.92 -18.00 13.09
CA PRO A 108 -13.93 -19.03 12.84
C PRO A 108 -13.58 -20.36 13.51
N SER A 109 -14.59 -21.19 13.72
CA SER A 109 -14.40 -22.49 14.36
C SER A 109 -13.75 -22.32 15.73
N SER A 110 -14.21 -21.32 16.48
CA SER A 110 -13.68 -21.04 17.81
C SER A 110 -14.16 -22.09 18.81
N GLY A 111 -13.49 -22.16 19.95
CA GLY A 111 -13.86 -23.13 20.98
C GLY A 111 -15.36 -23.23 21.14
N GLY A 1 28.74 -2.20 -24.02
CA GLY A 1 29.15 -3.53 -23.61
C GLY A 1 27.99 -4.49 -23.56
N SER A 2 27.73 -5.05 -22.38
CA SER A 2 26.64 -6.00 -22.20
C SER A 2 25.29 -5.35 -22.51
N SER A 3 24.77 -5.61 -23.70
CA SER A 3 23.50 -5.05 -24.12
C SER A 3 22.35 -5.67 -23.34
N GLY A 4 21.80 -4.93 -22.39
CA GLY A 4 20.70 -5.42 -21.58
C GLY A 4 21.17 -6.12 -20.32
N SER A 5 21.60 -5.32 -19.34
CA SER A 5 22.09 -5.86 -18.07
C SER A 5 21.09 -5.58 -16.95
N SER A 6 20.78 -4.30 -16.75
CA SER A 6 19.85 -3.90 -15.70
C SER A 6 18.42 -4.30 -16.07
N GLY A 7 17.76 -5.03 -15.17
CA GLY A 7 16.40 -5.46 -15.41
C GLY A 7 15.47 -5.15 -14.24
N ALA A 8 14.64 -6.11 -13.88
CA ALA A 8 13.71 -5.93 -12.78
C ALA A 8 14.43 -5.86 -11.44
N ASN A 9 14.59 -4.64 -10.92
CA ASN A 9 15.27 -4.44 -9.66
C ASN A 9 14.55 -3.39 -8.80
N CYS A 10 14.84 -3.39 -7.52
CA CYS A 10 14.22 -2.44 -6.59
C CYS A 10 14.33 -1.01 -7.12
N ALA A 11 13.18 -0.36 -7.30
CA ALA A 11 13.15 1.01 -7.80
C ALA A 11 13.67 1.98 -6.76
N VAL A 12 14.07 1.45 -5.61
CA VAL A 12 14.59 2.28 -4.53
C VAL A 12 16.09 2.07 -4.33
N CYS A 13 16.52 0.81 -4.44
CA CYS A 13 17.92 0.45 -4.27
C CYS A 13 18.45 -0.24 -5.52
N ASP A 14 17.76 -0.06 -6.64
CA ASP A 14 18.17 -0.67 -7.90
C ASP A 14 18.82 -2.03 -7.66
N SER A 15 18.26 -2.79 -6.73
CA SER A 15 18.79 -4.11 -6.41
C SER A 15 17.67 -5.15 -6.34
N PRO A 16 17.98 -6.38 -6.79
CA PRO A 16 17.00 -7.48 -6.79
C PRO A 16 16.68 -7.97 -5.39
N GLY A 17 17.70 -8.12 -4.56
CA GLY A 17 17.50 -8.58 -3.20
C GLY A 17 16.44 -9.65 -3.09
N ASP A 18 15.65 -9.60 -2.03
CA ASP A 18 14.59 -10.57 -1.82
C ASP A 18 13.42 -10.33 -2.78
N LEU A 19 12.98 -11.38 -3.45
CA LEU A 19 11.87 -11.27 -4.39
C LEU A 19 10.55 -11.55 -3.70
N LEU A 20 10.58 -12.34 -2.64
CA LEU A 20 9.38 -12.68 -1.89
C LEU A 20 9.07 -11.61 -0.85
N ASP A 21 10.04 -11.33 0.02
CA ASP A 21 9.88 -10.34 1.07
C ASP A 21 9.34 -9.03 0.49
N GLN A 22 9.87 -8.64 -0.67
CA GLN A 22 9.44 -7.41 -1.32
C GLN A 22 8.02 -7.55 -1.87
N PHE A 23 7.45 -6.44 -2.34
CA PHE A 23 6.11 -6.45 -2.89
C PHE A 23 6.14 -6.23 -4.40
N PHE A 24 5.15 -6.78 -5.09
CA PHE A 24 5.06 -6.66 -6.54
C PHE A 24 3.74 -6.02 -6.95
N CYS A 25 3.81 -4.82 -7.52
CA CYS A 25 2.62 -4.10 -7.96
C CYS A 25 1.93 -4.85 -9.09
N THR A 26 0.62 -4.61 -9.22
CA THR A 26 -0.16 -5.27 -10.27
C THR A 26 -0.40 -4.33 -11.44
N THR A 27 -0.43 -3.03 -11.17
CA THR A 27 -0.64 -2.02 -12.20
C THR A 27 0.61 -1.84 -13.05
N CYS A 28 1.69 -1.39 -12.42
CA CYS A 28 2.95 -1.17 -13.12
C CYS A 28 3.81 -2.43 -13.11
N GLY A 29 3.90 -3.08 -11.95
CA GLY A 29 4.69 -4.29 -11.83
C GLY A 29 6.12 -4.00 -11.42
N GLN A 30 6.31 -3.08 -10.49
CA GLN A 30 7.64 -2.72 -10.02
C GLN A 30 8.03 -3.57 -8.81
N HIS A 31 9.24 -3.34 -8.31
CA HIS A 31 9.74 -4.09 -7.15
C HIS A 31 10.17 -3.12 -6.05
N TYR A 32 9.71 -3.41 -4.83
CA TYR A 32 10.02 -2.57 -3.68
C TYR A 32 10.22 -3.42 -2.43
N HIS A 33 11.39 -3.31 -1.81
CA HIS A 33 11.69 -4.07 -0.60
C HIS A 33 10.88 -3.55 0.58
N GLY A 34 10.85 -4.34 1.66
CA GLY A 34 10.11 -3.95 2.83
C GLY A 34 10.85 -2.93 3.69
N MET A 35 12.17 -2.90 3.55
CA MET A 35 12.99 -1.96 4.30
C MET A 35 13.25 -0.68 3.51
N CYS A 36 13.48 -0.85 2.21
CA CYS A 36 13.75 0.29 1.33
C CYS A 36 12.62 1.31 1.41
N LEU A 37 11.39 0.82 1.55
CA LEU A 37 10.22 1.69 1.63
C LEU A 37 9.78 1.87 3.08
N ASP A 38 10.49 1.22 4.00
CA ASP A 38 10.17 1.31 5.42
C ASP A 38 8.77 0.78 5.70
N ILE A 39 8.41 -0.31 5.03
CA ILE A 39 7.10 -0.91 5.21
C ILE A 39 7.18 -2.20 6.02
N ALA A 40 6.21 -2.42 6.89
CA ALA A 40 6.17 -3.62 7.72
C ALA A 40 5.54 -4.79 6.97
N VAL A 41 6.37 -5.73 6.55
CA VAL A 41 5.90 -6.91 5.83
C VAL A 41 4.77 -7.60 6.59
N THR A 42 3.63 -7.77 5.91
CA THR A 42 2.48 -8.42 6.52
C THR A 42 1.78 -9.35 5.53
N PRO A 43 1.21 -10.45 6.05
CA PRO A 43 0.51 -11.43 5.22
C PRO A 43 -0.80 -10.89 4.67
N LEU A 44 -1.10 -9.64 4.97
CA LEU A 44 -2.32 -9.00 4.50
C LEU A 44 -2.04 -8.08 3.31
N LYS A 45 -0.87 -7.47 3.32
CA LYS A 45 -0.47 -6.57 2.24
C LYS A 45 0.09 -7.35 1.05
N ARG A 46 1.10 -8.17 1.31
CA ARG A 46 1.72 -8.97 0.27
C ARG A 46 0.69 -9.41 -0.77
N ALA A 47 -0.37 -10.07 -0.30
CA ALA A 47 -1.43 -10.54 -1.18
C ALA A 47 -2.17 -9.36 -1.83
N GLY A 48 -1.93 -9.16 -3.12
CA GLY A 48 -2.58 -8.08 -3.83
C GLY A 48 -2.11 -6.72 -3.36
N TRP A 49 -0.79 -6.53 -3.29
CA TRP A 49 -0.22 -5.27 -2.85
C TRP A 49 -0.18 -4.26 -4.00
N GLN A 50 -0.06 -2.98 -3.65
CA GLN A 50 0.00 -1.92 -4.65
C GLN A 50 1.05 -0.89 -4.29
N CYS A 51 1.79 -0.43 -5.28
CA CYS A 51 2.84 0.57 -5.06
C CYS A 51 2.24 1.96 -4.94
N PRO A 52 2.97 2.86 -4.27
CA PRO A 52 2.54 4.24 -4.06
C PRO A 52 2.54 5.06 -5.34
N GLU A 53 2.99 4.44 -6.44
CA GLU A 53 3.04 5.11 -7.73
C GLU A 53 1.81 4.77 -8.56
N CYS A 54 1.09 3.73 -8.14
CA CYS A 54 -0.13 3.31 -8.85
C CYS A 54 -1.34 3.36 -7.93
N LYS A 55 -1.17 2.86 -6.72
CA LYS A 55 -2.26 2.84 -5.74
C LYS A 55 -3.20 4.03 -5.95
N VAL A 56 -4.49 3.80 -5.73
CA VAL A 56 -5.49 4.84 -5.90
C VAL A 56 -6.60 4.72 -4.86
N CYS A 57 -7.52 5.68 -4.87
CA CYS A 57 -8.64 5.68 -3.93
C CYS A 57 -9.61 4.54 -4.24
N GLN A 58 -10.29 4.05 -3.22
CA GLN A 58 -11.24 2.96 -3.37
C GLN A 58 -12.68 3.48 -3.31
N ASN A 59 -12.83 4.72 -2.85
CA ASN A 59 -14.15 5.34 -2.75
C ASN A 59 -14.54 6.03 -4.05
N CYS A 60 -13.61 6.80 -4.60
CA CYS A 60 -13.86 7.52 -5.85
C CYS A 60 -13.17 6.82 -7.02
N LYS A 61 -12.03 6.18 -6.74
CA LYS A 61 -11.27 5.47 -7.77
C LYS A 61 -10.69 6.45 -8.78
N GLN A 62 -10.11 7.54 -8.28
CA GLN A 62 -9.50 8.56 -9.13
C GLN A 62 -8.19 9.05 -8.54
N SER A 63 -7.09 8.72 -9.22
CA SER A 63 -5.76 9.13 -8.76
C SER A 63 -5.54 10.61 -8.99
N GLY A 64 -5.11 11.32 -7.95
CA GLY A 64 -4.87 12.74 -8.06
C GLY A 64 -4.32 13.34 -6.78
N GLU A 65 -5.08 13.21 -5.70
CA GLU A 65 -4.68 13.74 -4.40
C GLU A 65 -4.01 12.66 -3.56
N ASP A 66 -2.71 12.79 -3.37
CA ASP A 66 -1.94 11.81 -2.58
C ASP A 66 -1.82 12.28 -1.14
N SER A 67 -1.31 13.49 -0.94
CA SER A 67 -1.14 14.05 0.39
C SER A 67 -2.40 13.85 1.23
N LYS A 68 -3.50 14.46 0.78
CA LYS A 68 -4.77 14.35 1.49
C LYS A 68 -5.19 12.89 1.64
N MET A 69 -4.98 12.11 0.59
CA MET A 69 -5.33 10.70 0.59
C MET A 69 -4.67 9.98 1.77
N LEU A 70 -5.49 9.48 2.69
CA LEU A 70 -4.97 8.78 3.87
C LEU A 70 -4.41 7.41 3.47
N VAL A 71 -3.29 7.04 4.09
CA VAL A 71 -2.66 5.76 3.81
C VAL A 71 -2.73 4.84 5.02
N CYS A 72 -3.67 3.89 4.99
CA CYS A 72 -3.84 2.95 6.07
C CYS A 72 -2.51 2.33 6.47
N ASP A 73 -2.47 1.71 7.66
CA ASP A 73 -1.26 1.08 8.15
C ASP A 73 -1.38 -0.45 8.09
N THR A 74 -2.62 -0.94 8.13
CA THR A 74 -2.86 -2.37 8.09
C THR A 74 -2.97 -2.87 6.66
N CYS A 75 -3.91 -2.31 5.91
CA CYS A 75 -4.11 -2.70 4.51
C CYS A 75 -3.18 -1.92 3.60
N ASP A 76 -2.80 -0.72 4.02
CA ASP A 76 -1.90 0.12 3.24
C ASP A 76 -2.57 0.56 1.94
N LYS A 77 -3.76 1.15 2.06
CA LYS A 77 -4.51 1.61 0.89
C LYS A 77 -4.70 3.12 0.93
N GLY A 78 -5.25 3.67 -0.15
CA GLY A 78 -5.49 5.11 -0.21
C GLY A 78 -6.95 5.46 -0.03
N TYR A 79 -7.21 6.47 0.79
CA TYR A 79 -8.58 6.90 1.05
C TYR A 79 -8.64 8.41 1.29
N HIS A 80 -9.28 9.12 0.36
CA HIS A 80 -9.41 10.57 0.46
C HIS A 80 -10.32 10.95 1.63
N THR A 81 -10.01 12.09 2.26
CA THR A 81 -10.81 12.57 3.39
C THR A 81 -12.24 12.86 2.97
N PHE A 82 -12.40 13.68 1.94
CA PHE A 82 -13.71 14.05 1.44
C PHE A 82 -14.48 12.81 0.97
N CYS A 83 -13.74 11.82 0.49
CA CYS A 83 -14.35 10.58 0.01
C CYS A 83 -14.95 9.78 1.16
N LEU A 84 -14.44 10.01 2.36
CA LEU A 84 -14.93 9.31 3.55
C LEU A 84 -16.27 9.87 3.99
N GLN A 85 -17.14 9.00 4.48
CA GLN A 85 -18.46 9.41 4.95
C GLN A 85 -18.70 8.95 6.39
N PRO A 86 -18.59 9.89 7.34
CA PRO A 86 -18.27 11.29 7.04
C PRO A 86 -16.82 11.46 6.56
N VAL A 87 -16.45 12.70 6.29
CA VAL A 87 -15.09 13.00 5.83
C VAL A 87 -14.22 13.48 6.99
N MET A 88 -12.95 13.05 6.98
CA MET A 88 -12.01 13.44 8.03
C MET A 88 -11.78 14.95 8.02
N LYS A 89 -11.18 15.45 9.10
CA LYS A 89 -10.91 16.88 9.22
C LYS A 89 -9.41 17.15 9.12
N SER A 90 -8.61 16.30 9.76
CA SER A 90 -7.16 16.44 9.74
C SER A 90 -6.48 15.12 9.43
N VAL A 91 -5.15 15.14 9.34
CA VAL A 91 -4.38 13.94 9.06
C VAL A 91 -3.64 13.46 10.29
N PRO A 92 -3.93 12.22 10.72
CA PRO A 92 -3.29 11.62 11.89
C PRO A 92 -1.82 11.29 11.64
N THR A 93 -1.20 10.63 12.62
CA THR A 93 0.21 10.26 12.51
C THR A 93 0.38 8.74 12.50
N ASN A 94 0.62 8.18 11.31
CA ASN A 94 0.80 6.74 11.16
C ASN A 94 -0.06 5.99 12.17
N GLY A 95 -1.31 6.41 12.31
CA GLY A 95 -2.22 5.76 13.24
C GLY A 95 -3.66 5.85 12.79
N TRP A 96 -3.90 5.61 11.50
CA TRP A 96 -5.25 5.66 10.95
C TRP A 96 -5.74 4.28 10.57
N LYS A 97 -7.05 4.10 10.53
CA LYS A 97 -7.65 2.82 10.17
C LYS A 97 -8.86 3.01 9.28
N CYS A 98 -8.80 2.45 8.07
CA CYS A 98 -9.90 2.58 7.12
C CYS A 98 -11.08 1.72 7.56
N LYS A 99 -12.29 2.20 7.25
CA LYS A 99 -13.51 1.49 7.62
C LYS A 99 -13.40 0.01 7.26
N ASN A 100 -12.67 -0.29 6.19
CA ASN A 100 -12.48 -1.67 5.75
C ASN A 100 -11.63 -2.45 6.75
N CYS A 101 -10.70 -1.76 7.41
CA CYS A 101 -9.83 -2.39 8.39
C CYS A 101 -10.45 -2.34 9.78
N ARG A 102 -10.89 -1.15 10.18
CA ARG A 102 -11.51 -0.98 11.49
C ARG A 102 -12.47 -2.12 11.80
N ILE A 103 -13.09 -2.66 10.75
CA ILE A 103 -14.04 -3.76 10.91
C ILE A 103 -13.61 -4.69 12.05
N CYS A 104 -14.58 -5.05 12.89
CA CYS A 104 -14.31 -5.93 14.02
C CYS A 104 -13.97 -7.33 13.55
N ILE A 105 -12.70 -7.73 13.71
CA ILE A 105 -12.25 -9.05 13.30
C ILE A 105 -12.52 -10.09 14.39
N SER A 106 -12.21 -9.74 15.63
CA SER A 106 -12.42 -10.64 16.75
C SER A 106 -13.79 -11.29 16.67
N GLY A 107 -13.80 -12.60 16.41
CA GLY A 107 -15.05 -13.33 16.31
C GLY A 107 -14.87 -14.70 15.68
N PRO A 108 -15.82 -15.08 14.82
CA PRO A 108 -15.79 -16.38 14.13
C PRO A 108 -14.67 -16.46 13.10
N SER A 109 -13.49 -16.87 13.54
CA SER A 109 -12.33 -16.98 12.65
C SER A 109 -12.70 -17.78 11.40
N SER A 110 -13.66 -18.67 11.53
CA SER A 110 -14.10 -19.50 10.41
C SER A 110 -15.02 -18.71 9.48
N GLY A 111 -15.30 -19.29 8.32
CA GLY A 111 -16.17 -18.63 7.36
C GLY A 111 -16.86 -19.61 6.42
N GLY A 1 22.16 -9.05 -28.96
CA GLY A 1 21.91 -9.20 -27.53
C GLY A 1 22.96 -8.52 -26.68
N SER A 2 22.96 -8.84 -25.39
CA SER A 2 23.92 -8.25 -24.46
C SER A 2 24.14 -9.16 -23.26
N SER A 3 25.40 -9.35 -22.89
CA SER A 3 25.74 -10.20 -21.75
C SER A 3 25.44 -9.49 -20.44
N GLY A 4 24.50 -10.04 -19.68
CA GLY A 4 24.13 -9.45 -18.40
C GLY A 4 23.06 -8.37 -18.55
N SER A 5 22.03 -8.46 -17.72
CA SER A 5 20.94 -7.49 -17.75
C SER A 5 20.25 -7.40 -16.40
N SER A 6 19.41 -6.38 -16.24
CA SER A 6 18.68 -6.18 -14.99
C SER A 6 17.18 -6.04 -15.25
N GLY A 7 16.38 -6.52 -14.30
CA GLY A 7 14.93 -6.43 -14.44
C GLY A 7 14.20 -6.95 -13.24
N ALA A 8 13.06 -6.35 -12.92
CA ALA A 8 12.26 -6.76 -11.78
C ALA A 8 12.98 -6.45 -10.47
N ASN A 9 13.83 -5.44 -10.50
CA ASN A 9 14.58 -5.04 -9.31
C ASN A 9 13.89 -3.89 -8.58
N CYS A 10 14.43 -3.50 -7.44
CA CYS A 10 13.86 -2.42 -6.64
C CYS A 10 13.81 -1.13 -7.44
N ALA A 11 12.73 -0.38 -7.27
CA ALA A 11 12.56 0.89 -7.98
C ALA A 11 13.04 2.07 -7.14
N VAL A 12 13.63 1.76 -5.98
CA VAL A 12 14.13 2.79 -5.08
C VAL A 12 15.62 2.62 -4.84
N CYS A 13 16.08 1.38 -4.83
CA CYS A 13 17.50 1.09 -4.61
C CYS A 13 18.11 0.42 -5.84
N ASP A 14 17.25 -0.13 -6.70
CA ASP A 14 17.71 -0.81 -7.91
C ASP A 14 18.59 -2.00 -7.57
N SER A 15 18.17 -2.78 -6.58
CA SER A 15 18.93 -3.95 -6.15
C SER A 15 18.03 -5.17 -6.05
N PRO A 16 18.58 -6.35 -6.40
CA PRO A 16 17.84 -7.61 -6.36
C PRO A 16 17.54 -8.07 -4.94
N GLY A 17 18.58 -8.06 -4.10
CA GLY A 17 18.40 -8.48 -2.71
C GLY A 17 17.39 -9.60 -2.57
N ASP A 18 16.33 -9.34 -1.82
CA ASP A 18 15.28 -10.33 -1.60
C ASP A 18 14.04 -9.99 -2.41
N LEU A 19 13.71 -10.85 -3.37
CA LEU A 19 12.54 -10.65 -4.22
C LEU A 19 11.26 -10.97 -3.46
N LEU A 20 11.28 -12.07 -2.71
CA LEU A 20 10.12 -12.49 -1.93
C LEU A 20 9.81 -11.48 -0.83
N ASP A 21 10.86 -10.85 -0.29
CA ASP A 21 10.70 -9.88 0.77
C ASP A 21 10.06 -8.60 0.24
N GLN A 22 10.53 -8.14 -0.91
CA GLN A 22 10.01 -6.93 -1.53
C GLN A 22 8.67 -7.20 -2.21
N PHE A 23 7.71 -6.30 -1.99
CA PHE A 23 6.39 -6.44 -2.58
C PHE A 23 6.46 -6.40 -4.10
N PHE A 24 5.42 -6.88 -4.76
CA PHE A 24 5.36 -6.89 -6.22
C PHE A 24 4.00 -6.39 -6.71
N CYS A 25 3.97 -5.16 -7.19
CA CYS A 25 2.75 -4.56 -7.70
C CYS A 25 2.16 -5.40 -8.84
N THR A 26 0.84 -5.36 -8.98
CA THR A 26 0.16 -6.10 -10.03
C THR A 26 -0.19 -5.20 -11.21
N THR A 27 -0.42 -3.92 -10.91
CA THR A 27 -0.77 -2.96 -11.96
C THR A 27 0.43 -2.67 -12.85
N CYS A 28 1.46 -2.06 -12.27
CA CYS A 28 2.66 -1.71 -13.01
C CYS A 28 3.62 -2.90 -13.09
N GLY A 29 3.71 -3.63 -11.98
CA GLY A 29 4.59 -4.79 -11.93
C GLY A 29 5.98 -4.45 -11.42
N GLN A 30 6.04 -3.53 -10.46
CA GLN A 30 7.31 -3.11 -9.88
C GLN A 30 7.54 -3.80 -8.54
N HIS A 31 8.76 -3.65 -8.01
CA HIS A 31 9.11 -4.25 -6.74
C HIS A 31 9.77 -3.23 -5.81
N TYR A 32 9.63 -3.44 -4.51
CA TYR A 32 10.19 -2.53 -3.52
C TYR A 32 10.46 -3.26 -2.20
N HIS A 33 11.65 -3.05 -1.65
CA HIS A 33 12.03 -3.69 -0.39
C HIS A 33 11.29 -3.06 0.78
N GLY A 34 10.83 -3.89 1.69
CA GLY A 34 10.10 -3.39 2.85
C GLY A 34 10.89 -2.34 3.63
N MET A 35 12.20 -2.32 3.41
CA MET A 35 13.07 -1.36 4.09
C MET A 35 13.26 -0.11 3.24
N CYS A 36 13.49 -0.31 1.94
CA CYS A 36 13.69 0.81 1.03
C CYS A 36 12.51 1.78 1.07
N LEU A 37 11.31 1.24 1.27
CA LEU A 37 10.11 2.05 1.34
C LEU A 37 9.61 2.16 2.77
N ASP A 38 10.18 1.35 3.66
CA ASP A 38 9.80 1.37 5.07
C ASP A 38 8.40 0.78 5.25
N ILE A 39 8.08 -0.26 4.48
CA ILE A 39 6.79 -0.91 4.56
C ILE A 39 6.86 -2.20 5.37
N ALA A 40 5.87 -2.41 6.23
CA ALA A 40 5.82 -3.61 7.06
C ALA A 40 5.21 -4.78 6.29
N VAL A 41 5.99 -5.85 6.13
CA VAL A 41 5.51 -7.03 5.43
C VAL A 41 4.35 -7.69 6.17
N THR A 42 3.18 -7.71 5.54
CA THR A 42 2.00 -8.31 6.13
C THR A 42 1.38 -9.35 5.21
N PRO A 43 0.66 -10.31 5.80
CA PRO A 43 0.00 -11.38 5.05
C PRO A 43 -1.17 -10.88 4.22
N LEU A 44 -1.56 -9.63 4.45
CA LEU A 44 -2.67 -9.03 3.72
C LEU A 44 -2.17 -8.29 2.48
N LYS A 45 -1.18 -7.43 2.66
CA LYS A 45 -0.61 -6.68 1.56
C LYS A 45 -0.08 -7.62 0.47
N ARG A 46 0.89 -8.45 0.84
CA ARG A 46 1.47 -9.39 -0.10
C ARG A 46 0.43 -9.92 -1.08
N ALA A 47 -0.76 -10.21 -0.57
CA ALA A 47 -1.85 -10.71 -1.39
C ALA A 47 -2.30 -9.67 -2.41
N GLY A 48 -1.48 -9.47 -3.44
CA GLY A 48 -1.80 -8.49 -4.47
C GLY A 48 -1.44 -7.08 -4.06
N TRP A 49 -0.33 -6.94 -3.36
CA TRP A 49 0.13 -5.62 -2.90
C TRP A 49 -0.09 -4.57 -3.98
N GLN A 50 -0.11 -3.30 -3.57
CA GLN A 50 -0.30 -2.21 -4.51
C GLN A 50 0.68 -1.07 -4.24
N CYS A 51 1.65 -0.90 -5.13
CA CYS A 51 2.65 0.15 -4.98
C CYS A 51 1.99 1.52 -4.82
N PRO A 52 2.72 2.45 -4.20
CA PRO A 52 2.22 3.82 -3.98
C PRO A 52 2.13 4.62 -5.27
N GLU A 53 2.57 4.01 -6.37
CA GLU A 53 2.53 4.68 -7.67
C GLU A 53 1.27 4.28 -8.44
N CYS A 54 0.67 3.16 -8.04
CA CYS A 54 -0.54 2.67 -8.70
C CYS A 54 -1.73 2.74 -7.75
N LYS A 55 -1.46 2.68 -6.45
CA LYS A 55 -2.52 2.75 -5.45
C LYS A 55 -3.40 3.98 -5.66
N VAL A 56 -4.71 3.79 -5.51
CA VAL A 56 -5.65 4.88 -5.68
C VAL A 56 -6.83 4.75 -4.71
N CYS A 57 -7.70 5.74 -4.72
CA CYS A 57 -8.87 5.75 -3.84
C CYS A 57 -9.86 4.66 -4.26
N GLN A 58 -10.60 4.14 -3.28
CA GLN A 58 -11.58 3.10 -3.55
C GLN A 58 -13.00 3.67 -3.47
N ASN A 59 -13.15 4.78 -2.78
CA ASN A 59 -14.45 5.42 -2.64
C ASN A 59 -14.88 6.10 -3.94
N CYS A 60 -13.97 6.88 -4.52
CA CYS A 60 -14.25 7.58 -5.77
C CYS A 60 -13.57 6.89 -6.95
N LYS A 61 -12.67 5.96 -6.64
CA LYS A 61 -11.96 5.22 -7.67
C LYS A 61 -11.21 6.17 -8.61
N GLN A 62 -10.38 7.02 -8.03
CA GLN A 62 -9.60 7.99 -8.82
C GLN A 62 -8.33 8.39 -8.07
N SER A 63 -7.34 8.89 -8.83
CA SER A 63 -6.07 9.30 -8.25
C SER A 63 -5.90 10.81 -8.36
N GLY A 64 -5.75 11.47 -7.21
CA GLY A 64 -5.59 12.90 -7.19
C GLY A 64 -4.82 13.38 -5.97
N GLU A 65 -5.48 14.19 -5.14
CA GLU A 65 -4.85 14.72 -3.93
C GLU A 65 -4.14 13.60 -3.16
N ASP A 66 -2.81 13.63 -3.18
CA ASP A 66 -2.02 12.62 -2.48
C ASP A 66 -1.74 13.06 -1.04
N SER A 67 -1.25 14.29 -0.88
CA SER A 67 -0.93 14.82 0.43
C SER A 67 -2.10 14.61 1.39
N LYS A 68 -3.30 14.89 0.92
CA LYS A 68 -4.51 14.73 1.74
C LYS A 68 -5.16 13.39 1.48
N MET A 69 -4.35 12.35 1.29
CA MET A 69 -4.86 11.01 1.04
C MET A 69 -4.42 10.04 2.13
N LEU A 70 -5.35 9.68 3.00
CA LEU A 70 -5.07 8.76 4.09
C LEU A 70 -4.69 7.38 3.57
N VAL A 71 -3.58 6.84 4.06
CA VAL A 71 -3.11 5.53 3.64
C VAL A 71 -3.18 4.53 4.79
N CYS A 72 -4.09 3.57 4.67
CA CYS A 72 -4.26 2.54 5.69
C CYS A 72 -2.92 1.89 6.03
N ASP A 73 -2.86 1.24 7.19
CA ASP A 73 -1.65 0.56 7.63
C ASP A 73 -1.76 -0.94 7.42
N THR A 74 -2.96 -1.48 7.60
CA THR A 74 -3.20 -2.90 7.45
C THR A 74 -3.25 -3.29 5.97
N CYS A 75 -4.31 -2.87 5.29
CA CYS A 75 -4.46 -3.18 3.87
C CYS A 75 -3.60 -2.26 3.01
N ASP A 76 -3.41 -1.04 3.49
CA ASP A 76 -2.59 -0.06 2.77
C ASP A 76 -3.30 0.42 1.51
N LYS A 77 -4.53 0.91 1.67
CA LYS A 77 -5.31 1.40 0.56
C LYS A 77 -5.50 2.92 0.64
N GLY A 78 -5.40 3.58 -0.51
CA GLY A 78 -5.56 5.02 -0.55
C GLY A 78 -6.99 5.46 -0.31
N TYR A 79 -7.17 6.50 0.49
CA TYR A 79 -8.50 7.01 0.80
C TYR A 79 -8.47 8.52 1.01
N HIS A 80 -9.12 9.25 0.12
CA HIS A 80 -9.17 10.70 0.20
C HIS A 80 -10.00 11.15 1.41
N THR A 81 -9.63 12.29 1.97
CA THR A 81 -10.33 12.83 3.13
C THR A 81 -11.77 13.21 2.79
N PHE A 82 -11.93 13.96 1.70
CA PHE A 82 -13.25 14.39 1.27
C PHE A 82 -14.06 13.20 0.75
N CYS A 83 -13.45 12.03 0.76
CA CYS A 83 -14.12 10.81 0.29
C CYS A 83 -14.63 9.99 1.47
N LEU A 84 -14.15 10.32 2.66
CA LEU A 84 -14.55 9.61 3.88
C LEU A 84 -15.79 10.25 4.49
N GLN A 85 -16.70 9.43 5.00
CA GLN A 85 -17.92 9.92 5.62
C GLN A 85 -17.99 9.50 7.09
N PRO A 86 -17.80 10.47 8.00
CA PRO A 86 -17.51 11.86 7.62
C PRO A 86 -16.14 12.02 6.98
N VAL A 87 -15.84 13.24 6.53
CA VAL A 87 -14.56 13.53 5.91
C VAL A 87 -13.54 14.03 6.94
N MET A 88 -12.32 13.52 6.87
CA MET A 88 -11.26 13.91 7.78
C MET A 88 -10.72 15.30 7.44
N LYS A 89 -10.39 16.08 8.46
CA LYS A 89 -9.87 17.42 8.26
C LYS A 89 -8.35 17.40 8.10
N SER A 90 -7.70 16.50 8.83
CA SER A 90 -6.24 16.38 8.75
C SER A 90 -5.82 14.92 8.85
N VAL A 91 -4.53 14.67 8.60
CA VAL A 91 -4.00 13.31 8.67
C VAL A 91 -3.36 13.03 10.02
N PRO A 92 -3.90 12.04 10.75
CA PRO A 92 -3.41 11.66 12.06
C PRO A 92 -2.04 10.99 11.99
N THR A 93 -1.07 11.54 12.73
CA THR A 93 0.28 10.99 12.75
C THR A 93 0.44 9.97 13.87
N ASN A 94 -0.57 9.13 14.07
CA ASN A 94 -0.54 8.11 15.11
C ASN A 94 -0.86 6.74 14.53
N GLY A 95 -2.04 6.63 13.92
CA GLY A 95 -2.46 5.37 13.34
C GLY A 95 -3.89 5.41 12.83
N TRP A 96 -4.05 5.38 11.52
CA TRP A 96 -5.37 5.42 10.90
C TRP A 96 -5.73 4.07 10.32
N LYS A 97 -7.00 3.67 10.47
CA LYS A 97 -7.47 2.40 9.95
C LYS A 97 -8.73 2.59 9.10
N CYS A 98 -8.70 2.05 7.89
CA CYS A 98 -9.84 2.16 6.98
C CYS A 98 -10.98 1.23 7.41
N LYS A 99 -12.20 1.66 7.16
CA LYS A 99 -13.38 0.87 7.53
C LYS A 99 -13.18 -0.59 7.17
N ASN A 100 -13.05 -0.87 5.88
CA ASN A 100 -12.85 -2.24 5.41
C ASN A 100 -11.96 -3.02 6.36
N CYS A 101 -11.08 -2.30 7.07
CA CYS A 101 -10.17 -2.93 8.01
C CYS A 101 -10.76 -2.92 9.43
N ARG A 102 -11.28 -1.77 9.84
CA ARG A 102 -11.87 -1.62 11.16
C ARG A 102 -12.68 -2.87 11.53
N ILE A 103 -13.45 -3.37 10.58
CA ILE A 103 -14.27 -4.56 10.81
C ILE A 103 -13.61 -5.49 11.81
N CYS A 104 -14.35 -5.85 12.85
CA CYS A 104 -13.83 -6.75 13.88
C CYS A 104 -13.89 -8.20 13.41
N ILE A 105 -13.40 -9.11 14.25
CA ILE A 105 -13.41 -10.53 13.93
C ILE A 105 -12.58 -10.81 12.67
N SER A 106 -11.33 -10.34 12.68
CA SER A 106 -10.44 -10.53 11.54
C SER A 106 -9.00 -10.77 12.01
N GLY A 107 -8.12 -11.07 11.07
CA GLY A 107 -6.73 -11.33 11.40
C GLY A 107 -6.54 -12.64 12.13
N PRO A 108 -5.27 -12.99 12.41
CA PRO A 108 -4.92 -14.24 13.09
C PRO A 108 -5.35 -14.21 14.56
N SER A 109 -5.90 -13.09 15.00
CA SER A 109 -6.33 -12.95 16.39
C SER A 109 -7.47 -13.91 16.70
N SER A 110 -8.58 -13.77 15.97
CA SER A 110 -9.73 -14.63 16.17
C SER A 110 -9.96 -15.53 14.96
N GLY A 111 -10.26 -16.80 15.21
CA GLY A 111 -10.50 -17.75 14.15
C GLY A 111 -11.54 -18.79 14.50
N GLY A 1 31.80 -6.93 -20.54
CA GLY A 1 30.38 -6.96 -20.83
C GLY A 1 29.67 -8.11 -20.13
N SER A 2 28.58 -7.79 -19.44
CA SER A 2 27.82 -8.80 -18.71
C SER A 2 26.34 -8.72 -19.09
N SER A 3 25.87 -9.74 -19.79
CA SER A 3 24.47 -9.80 -20.22
C SER A 3 23.55 -9.25 -19.13
N GLY A 4 22.37 -8.79 -19.54
CA GLY A 4 21.42 -8.23 -18.59
C GLY A 4 21.56 -6.73 -18.43
N SER A 5 20.54 -5.99 -18.88
CA SER A 5 20.56 -4.54 -18.80
C SER A 5 19.39 -4.04 -17.95
N SER A 6 18.22 -4.61 -18.17
CA SER A 6 17.02 -4.22 -17.44
C SER A 6 16.26 -5.45 -16.94
N GLY A 7 16.19 -5.59 -15.61
CA GLY A 7 15.50 -6.72 -15.03
C GLY A 7 14.54 -6.30 -13.93
N ALA A 8 13.83 -7.28 -13.37
CA ALA A 8 12.87 -7.01 -12.30
C ALA A 8 13.59 -6.76 -10.98
N ASN A 9 13.85 -5.49 -10.68
CA ASN A 9 14.53 -5.12 -9.45
C ASN A 9 13.76 -4.03 -8.70
N CYS A 10 14.27 -3.63 -7.55
CA CYS A 10 13.62 -2.61 -6.74
C CYS A 10 13.61 -1.27 -7.47
N ALA A 11 12.52 -0.51 -7.28
CA ALA A 11 12.38 0.78 -7.92
C ALA A 11 12.87 1.90 -7.00
N VAL A 12 13.43 1.53 -5.86
CA VAL A 12 13.93 2.50 -4.90
C VAL A 12 15.44 2.37 -4.72
N CYS A 13 15.90 1.14 -4.50
CA CYS A 13 17.32 0.87 -4.31
C CYS A 13 17.93 0.31 -5.59
N ASP A 14 17.10 -0.22 -6.46
CA ASP A 14 17.56 -0.79 -7.72
C ASP A 14 18.44 -2.02 -7.47
N SER A 15 17.99 -2.90 -6.60
CA SER A 15 18.74 -4.10 -6.27
C SER A 15 17.80 -5.29 -6.05
N PRO A 16 18.30 -6.50 -6.36
CA PRO A 16 17.52 -7.73 -6.21
C PRO A 16 17.29 -8.10 -4.74
N GLY A 17 18.37 -8.10 -3.97
CA GLY A 17 18.27 -8.43 -2.56
C GLY A 17 17.39 -9.64 -2.31
N ASP A 18 16.42 -9.48 -1.41
CA ASP A 18 15.50 -10.57 -1.08
C ASP A 18 14.15 -10.34 -1.73
N LEU A 19 13.90 -11.07 -2.82
CA LEU A 19 12.63 -10.95 -3.54
C LEU A 19 11.47 -11.45 -2.70
N LEU A 20 11.78 -12.31 -1.73
CA LEU A 20 10.76 -12.86 -0.85
C LEU A 20 10.12 -11.77 0.01
N ASP A 21 10.89 -10.72 0.27
CA ASP A 21 10.42 -9.59 1.08
C ASP A 21 10.18 -8.36 0.20
N GLN A 22 9.82 -8.59 -1.05
CA GLN A 22 9.57 -7.49 -1.99
C GLN A 22 8.12 -7.51 -2.47
N PHE A 23 7.49 -6.34 -2.46
CA PHE A 23 6.10 -6.22 -2.89
C PHE A 23 6.03 -6.08 -4.41
N PHE A 24 5.05 -6.76 -5.01
CA PHE A 24 4.86 -6.72 -6.45
C PHE A 24 3.55 -6.02 -6.81
N CYS A 25 3.60 -5.19 -7.85
CA CYS A 25 2.42 -4.46 -8.31
C CYS A 25 1.71 -5.22 -9.43
N THR A 26 0.39 -5.04 -9.49
CA THR A 26 -0.42 -5.70 -10.52
C THR A 26 -0.67 -4.77 -11.71
N THR A 27 -0.56 -3.47 -11.46
CA THR A 27 -0.78 -2.48 -12.51
C THR A 27 0.45 -2.32 -13.38
N CYS A 28 1.50 -1.72 -12.82
CA CYS A 28 2.74 -1.50 -13.54
C CYS A 28 3.62 -2.76 -13.51
N GLY A 29 3.76 -3.33 -12.31
CA GLY A 29 4.57 -4.53 -12.16
C GLY A 29 5.96 -4.22 -11.64
N GLN A 30 6.04 -3.37 -10.63
CA GLN A 30 7.32 -2.99 -10.04
C GLN A 30 7.57 -3.75 -8.75
N HIS A 31 8.78 -3.61 -8.20
CA HIS A 31 9.15 -4.28 -6.97
C HIS A 31 9.67 -3.29 -5.94
N TYR A 32 9.45 -3.59 -4.66
CA TYR A 32 9.90 -2.73 -3.58
C TYR A 32 10.14 -3.53 -2.30
N HIS A 33 11.21 -3.20 -1.60
CA HIS A 33 11.56 -3.88 -0.35
C HIS A 33 10.79 -3.29 0.82
N GLY A 34 10.52 -4.11 1.83
CA GLY A 34 9.79 -3.65 2.99
C GLY A 34 10.51 -2.54 3.72
N MET A 35 11.83 -2.51 3.59
CA MET A 35 12.64 -1.49 4.24
C MET A 35 12.82 -0.26 3.34
N CYS A 36 12.96 -0.51 2.05
CA CYS A 36 13.13 0.56 1.07
C CYS A 36 11.95 1.52 1.12
N LEU A 37 10.76 0.98 1.37
CA LEU A 37 9.55 1.80 1.44
C LEU A 37 9.06 1.92 2.88
N ASP A 38 9.66 1.14 3.77
CA ASP A 38 9.29 1.16 5.18
C ASP A 38 7.90 0.53 5.39
N ILE A 39 7.62 -0.53 4.65
CA ILE A 39 6.34 -1.22 4.75
C ILE A 39 6.47 -2.49 5.58
N ALA A 40 5.48 -2.72 6.45
CA ALA A 40 5.47 -3.90 7.30
C ALA A 40 4.84 -5.09 6.60
N VAL A 41 5.68 -6.04 6.18
CA VAL A 41 5.20 -7.23 5.49
C VAL A 41 4.06 -7.89 6.26
N THR A 42 2.91 -8.04 5.60
CA THR A 42 1.74 -8.66 6.23
C THR A 42 1.03 -9.58 5.25
N PRO A 43 0.30 -10.57 5.80
CA PRO A 43 -0.45 -11.53 4.99
C PRO A 43 -1.65 -10.90 4.29
N LEU A 44 -1.79 -9.60 4.45
CA LEU A 44 -2.90 -8.87 3.84
C LEU A 44 -2.43 -8.13 2.59
N LYS A 45 -1.37 -7.34 2.74
CA LYS A 45 -0.82 -6.57 1.63
C LYS A 45 -0.36 -7.49 0.51
N ARG A 46 0.56 -8.40 0.84
CA ARG A 46 1.09 -9.34 -0.14
C ARG A 46 0.01 -9.74 -1.14
N ALA A 47 -1.18 -10.03 -0.64
CA ALA A 47 -2.29 -10.42 -1.49
C ALA A 47 -3.17 -9.22 -1.84
N GLY A 48 -2.79 -8.50 -2.89
CA GLY A 48 -3.55 -7.34 -3.31
C GLY A 48 -2.81 -6.04 -3.04
N TRP A 49 -1.50 -6.05 -3.22
CA TRP A 49 -0.69 -4.87 -2.98
C TRP A 49 -0.60 -4.01 -4.24
N GLN A 50 -0.64 -2.69 -4.06
CA GLN A 50 -0.57 -1.76 -5.19
C GLN A 50 0.47 -0.68 -4.93
N CYS A 51 1.59 -0.75 -5.65
CA CYS A 51 2.65 0.23 -5.50
C CYS A 51 2.09 1.63 -5.35
N PRO A 52 2.89 2.53 -4.75
CA PRO A 52 2.49 3.92 -4.53
C PRO A 52 2.42 4.71 -5.82
N GLU A 53 2.86 4.10 -6.92
CA GLU A 53 2.85 4.75 -8.22
C GLU A 53 1.60 4.37 -9.01
N CYS A 54 0.86 3.39 -8.50
CA CYS A 54 -0.36 2.92 -9.15
C CYS A 54 -1.53 2.95 -8.18
N LYS A 55 -1.25 2.90 -6.89
CA LYS A 55 -2.27 2.94 -5.86
C LYS A 55 -3.22 4.12 -6.08
N VAL A 56 -4.46 3.96 -5.64
CA VAL A 56 -5.46 5.02 -5.77
C VAL A 56 -6.59 4.85 -4.76
N CYS A 57 -7.42 5.87 -4.64
CA CYS A 57 -8.54 5.83 -3.71
C CYS A 57 -9.45 4.63 -4.00
N GLN A 58 -10.13 4.15 -2.96
CA GLN A 58 -11.02 3.01 -3.09
C GLN A 58 -12.48 3.46 -3.09
N ASN A 59 -12.71 4.71 -2.69
CA ASN A 59 -14.07 5.25 -2.63
C ASN A 59 -14.46 5.86 -3.98
N CYS A 60 -13.65 6.80 -4.45
CA CYS A 60 -13.91 7.46 -5.73
C CYS A 60 -13.13 6.79 -6.85
N LYS A 61 -12.02 6.15 -6.50
CA LYS A 61 -11.19 5.47 -7.48
C LYS A 61 -10.58 6.46 -8.46
N GLN A 62 -10.01 7.54 -7.93
CA GLN A 62 -9.39 8.57 -8.76
C GLN A 62 -8.06 9.01 -8.18
N SER A 63 -7.01 8.95 -8.99
CA SER A 63 -5.67 9.34 -8.56
C SER A 63 -5.44 10.83 -8.79
N GLY A 64 -4.99 11.53 -7.75
CA GLY A 64 -4.75 12.95 -7.86
C GLY A 64 -4.08 13.52 -6.63
N GLU A 65 -4.87 13.73 -5.58
CA GLU A 65 -4.35 14.29 -4.33
C GLU A 65 -3.67 13.20 -3.50
N ASP A 66 -2.39 13.39 -3.22
CA ASP A 66 -1.63 12.43 -2.42
C ASP A 66 -1.57 12.86 -0.96
N SER A 67 -0.99 14.02 -0.71
CA SER A 67 -0.86 14.53 0.65
C SER A 67 -2.11 14.22 1.47
N LYS A 68 -3.24 14.76 1.04
CA LYS A 68 -4.51 14.55 1.73
C LYS A 68 -4.82 13.06 1.82
N MET A 69 -4.56 12.33 0.75
CA MET A 69 -4.81 10.89 0.70
C MET A 69 -4.19 10.20 1.92
N LEU A 70 -5.04 9.62 2.76
CA LEU A 70 -4.58 8.93 3.96
C LEU A 70 -4.19 7.49 3.64
N VAL A 71 -2.89 7.24 3.56
CA VAL A 71 -2.37 5.90 3.26
C VAL A 71 -2.48 4.98 4.48
N CYS A 72 -3.30 3.95 4.37
CA CYS A 72 -3.49 3.00 5.46
C CYS A 72 -2.21 2.23 5.74
N ASP A 73 -2.15 1.59 6.91
CA ASP A 73 -0.98 0.82 7.29
C ASP A 73 -1.24 -0.68 7.16
N THR A 74 -2.46 -1.09 7.50
CA THR A 74 -2.85 -2.49 7.42
C THR A 74 -3.05 -2.93 5.98
N CYS A 75 -3.98 -2.28 5.29
CA CYS A 75 -4.27 -2.60 3.90
C CYS A 75 -3.41 -1.75 2.96
N ASP A 76 -3.01 -0.58 3.43
CA ASP A 76 -2.18 0.32 2.62
C ASP A 76 -2.79 0.53 1.24
N LYS A 77 -4.11 0.71 1.20
CA LYS A 77 -4.80 0.92 -0.06
C LYS A 77 -4.78 2.40 -0.46
N GLY A 78 -5.43 3.24 0.34
CA GLY A 78 -5.47 4.66 0.06
C GLY A 78 -6.87 5.21 0.07
N TYR A 79 -7.09 6.24 0.88
CA TYR A 79 -8.41 6.87 0.99
C TYR A 79 -8.27 8.36 1.26
N HIS A 80 -8.91 9.16 0.42
CA HIS A 80 -8.88 10.62 0.57
C HIS A 80 -9.53 11.05 1.88
N THR A 81 -9.39 12.33 2.22
CA THR A 81 -9.96 12.86 3.44
C THR A 81 -11.45 13.18 3.25
N PHE A 82 -11.83 13.48 2.03
CA PHE A 82 -13.23 13.81 1.72
C PHE A 82 -13.91 12.64 1.01
N CYS A 83 -13.41 11.44 1.26
CA CYS A 83 -13.97 10.24 0.65
C CYS A 83 -14.37 9.22 1.72
N LEU A 84 -13.86 9.40 2.93
CA LEU A 84 -14.15 8.51 4.03
C LEU A 84 -15.53 8.83 4.62
N GLN A 85 -16.17 7.81 5.20
CA GLN A 85 -17.49 7.97 5.81
C GLN A 85 -17.47 7.53 7.27
N PRO A 86 -17.41 8.51 8.19
CA PRO A 86 -17.36 9.93 7.83
C PRO A 86 -16.03 10.31 7.17
N VAL A 87 -15.93 11.57 6.75
CA VAL A 87 -14.70 12.06 6.11
C VAL A 87 -13.70 12.54 7.16
N MET A 88 -12.44 12.63 6.75
CA MET A 88 -11.38 13.07 7.65
C MET A 88 -10.98 14.51 7.35
N LYS A 89 -11.87 15.45 7.66
CA LYS A 89 -11.61 16.86 7.42
C LYS A 89 -10.13 17.19 7.64
N SER A 90 -9.53 16.52 8.61
CA SER A 90 -8.12 16.74 8.92
C SER A 90 -7.34 15.42 8.88
N VAL A 91 -6.03 15.52 9.06
CA VAL A 91 -5.16 14.35 9.05
C VAL A 91 -4.62 14.05 10.44
N PRO A 92 -4.61 12.77 10.81
CA PRO A 92 -4.11 12.32 12.12
C PRO A 92 -2.60 12.47 12.25
N THR A 93 -2.07 12.21 13.44
CA THR A 93 -0.64 12.31 13.68
C THR A 93 0.07 11.02 13.32
N ASN A 94 -0.27 9.94 14.02
CA ASN A 94 0.35 8.64 13.77
C ASN A 94 -0.56 7.51 14.27
N GLY A 95 -0.62 6.42 13.51
CA GLY A 95 -1.43 5.30 13.89
C GLY A 95 -2.86 5.42 13.39
N TRP A 96 -3.04 5.39 12.07
CA TRP A 96 -4.36 5.51 11.47
C TRP A 96 -4.82 4.17 10.92
N LYS A 97 -6.14 4.01 10.76
CA LYS A 97 -6.70 2.78 10.24
C LYS A 97 -7.98 3.07 9.45
N CYS A 98 -8.02 2.62 8.20
CA CYS A 98 -9.17 2.81 7.34
C CYS A 98 -10.34 1.93 7.79
N LYS A 99 -11.56 2.34 7.44
CA LYS A 99 -12.75 1.59 7.80
C LYS A 99 -12.63 0.14 7.36
N ASN A 100 -12.48 -0.08 6.06
CA ASN A 100 -12.36 -1.42 5.51
C ASN A 100 -11.49 -2.30 6.41
N CYS A 101 -10.62 -1.65 7.19
CA CYS A 101 -9.72 -2.36 8.08
C CYS A 101 -10.30 -2.42 9.50
N ARG A 102 -11.03 -1.38 9.87
CA ARG A 102 -11.65 -1.32 11.20
C ARG A 102 -12.50 -2.54 11.46
N ILE A 103 -13.00 -3.15 10.39
CA ILE A 103 -13.83 -4.34 10.50
C ILE A 103 -13.16 -5.41 11.36
N CYS A 104 -13.93 -6.00 12.27
CA CYS A 104 -13.40 -7.04 13.15
C CYS A 104 -13.30 -8.38 12.42
N ILE A 105 -14.27 -8.64 11.55
CA ILE A 105 -14.29 -9.88 10.78
C ILE A 105 -12.89 -10.30 10.38
N SER A 106 -12.21 -9.44 9.63
CA SER A 106 -10.85 -9.73 9.18
C SER A 106 -9.85 -8.83 9.88
N GLY A 107 -9.28 -9.32 10.98
CA GLY A 107 -8.31 -8.55 11.73
C GLY A 107 -8.20 -8.99 13.17
N PRO A 108 -8.16 -8.03 14.10
CA PRO A 108 -8.05 -8.30 15.54
C PRO A 108 -9.33 -8.90 16.11
N SER A 109 -9.32 -9.19 17.40
CA SER A 109 -10.48 -9.77 18.06
C SER A 109 -11.06 -8.81 19.10
N SER A 110 -11.14 -7.54 18.72
CA SER A 110 -11.66 -6.51 19.61
C SER A 110 -13.02 -6.02 19.14
N GLY A 111 -13.86 -6.95 18.70
CA GLY A 111 -15.18 -6.59 18.21
C GLY A 111 -16.12 -6.21 19.34
N GLY A 1 23.75 2.05 -26.03
CA GLY A 1 24.20 2.49 -24.73
C GLY A 1 25.05 1.46 -24.02
N SER A 2 24.44 0.74 -23.08
CA SER A 2 25.13 -0.29 -22.32
C SER A 2 24.14 -1.22 -21.62
N SER A 3 24.08 -2.46 -22.08
CA SER A 3 23.17 -3.44 -21.49
C SER A 3 23.49 -3.67 -20.02
N GLY A 4 22.49 -3.46 -19.17
CA GLY A 4 22.69 -3.64 -17.74
C GLY A 4 22.01 -4.89 -17.21
N SER A 5 22.72 -5.64 -16.39
CA SER A 5 22.17 -6.88 -15.82
C SER A 5 21.03 -6.57 -14.86
N SER A 6 19.81 -6.61 -15.37
CA SER A 6 18.63 -6.33 -14.55
C SER A 6 17.77 -7.58 -14.40
N GLY A 7 16.71 -7.46 -13.61
CA GLY A 7 15.82 -8.59 -13.38
C GLY A 7 15.01 -8.45 -12.11
N ALA A 8 13.89 -7.74 -12.21
CA ALA A 8 13.03 -7.53 -11.05
C ALA A 8 13.76 -6.81 -9.93
N ASN A 9 14.73 -5.98 -10.31
CA ASN A 9 15.51 -5.23 -9.33
C ASN A 9 14.66 -4.16 -8.66
N CYS A 10 14.92 -3.91 -7.38
CA CYS A 10 14.18 -2.90 -6.62
C CYS A 10 14.15 -1.57 -7.37
N ALA A 11 12.95 -1.05 -7.58
CA ALA A 11 12.79 0.22 -8.28
C ALA A 11 13.19 1.40 -7.39
N VAL A 12 13.72 1.08 -6.22
CA VAL A 12 14.14 2.11 -5.27
C VAL A 12 15.65 2.05 -5.03
N CYS A 13 16.18 0.83 -4.99
CA CYS A 13 17.61 0.62 -4.75
C CYS A 13 18.22 -0.22 -5.88
N ASP A 14 17.52 -0.28 -7.01
CA ASP A 14 18.00 -1.05 -8.15
C ASP A 14 18.77 -2.28 -7.70
N SER A 15 18.26 -2.95 -6.68
CA SER A 15 18.90 -4.14 -6.14
C SER A 15 17.90 -5.30 -6.02
N PRO A 16 18.37 -6.52 -6.32
CA PRO A 16 17.53 -7.72 -6.25
C PRO A 16 17.17 -8.10 -4.82
N GLY A 17 18.19 -8.19 -3.97
CA GLY A 17 17.97 -8.54 -2.58
C GLY A 17 16.98 -9.68 -2.42
N ASP A 18 15.86 -9.41 -1.77
CA ASP A 18 14.83 -10.42 -1.55
C ASP A 18 13.60 -10.13 -2.41
N LEU A 19 13.20 -11.12 -3.20
CA LEU A 19 12.04 -10.98 -4.07
C LEU A 19 10.76 -11.37 -3.34
N LEU A 20 10.78 -12.53 -2.69
CA LEU A 20 9.62 -13.01 -1.96
C LEU A 20 9.29 -12.08 -0.78
N ASP A 21 10.30 -11.37 -0.31
CA ASP A 21 10.11 -10.44 0.80
C ASP A 21 9.50 -9.13 0.33
N GLN A 22 9.89 -8.70 -0.87
CA GLN A 22 9.37 -7.46 -1.45
C GLN A 22 8.05 -7.70 -2.16
N PHE A 23 7.19 -6.69 -2.16
CA PHE A 23 5.89 -6.79 -2.80
C PHE A 23 6.02 -6.69 -4.32
N PHE A 24 5.02 -7.23 -5.02
CA PHE A 24 5.03 -7.20 -6.49
C PHE A 24 3.71 -6.68 -7.03
N CYS A 25 3.72 -5.44 -7.52
CA CYS A 25 2.52 -4.82 -8.07
C CYS A 25 1.86 -5.74 -9.10
N THR A 26 0.53 -5.68 -9.17
CA THR A 26 -0.22 -6.50 -10.11
C THR A 26 -0.66 -5.67 -11.32
N THR A 27 -0.62 -4.35 -11.18
CA THR A 27 -1.02 -3.46 -12.26
C THR A 27 0.13 -3.24 -13.24
N CYS A 28 1.19 -2.59 -12.78
CA CYS A 28 2.35 -2.32 -13.61
C CYS A 28 3.30 -3.51 -13.64
N GLY A 29 3.47 -4.15 -12.48
CA GLY A 29 4.34 -5.30 -12.39
C GLY A 29 5.72 -4.94 -11.85
N GLN A 30 5.77 -3.92 -11.00
CA GLN A 30 7.03 -3.47 -10.42
C GLN A 30 7.24 -4.11 -9.05
N HIS A 31 8.50 -4.13 -8.60
CA HIS A 31 8.84 -4.70 -7.30
C HIS A 31 9.50 -3.66 -6.41
N TYR A 32 9.07 -3.61 -5.16
CA TYR A 32 9.62 -2.65 -4.19
C TYR A 32 9.87 -3.33 -2.85
N HIS A 33 11.08 -3.14 -2.32
CA HIS A 33 11.45 -3.73 -1.04
C HIS A 33 10.54 -3.21 0.07
N GLY A 34 10.53 -3.91 1.19
CA GLY A 34 9.69 -3.52 2.31
C GLY A 34 10.34 -2.44 3.16
N MET A 35 11.65 -2.32 3.07
CA MET A 35 12.39 -1.32 3.84
C MET A 35 12.63 -0.07 2.99
N CYS A 36 13.03 -0.28 1.74
CA CYS A 36 13.29 0.84 0.84
C CYS A 36 12.10 1.79 0.79
N LEU A 37 10.91 1.25 1.02
CA LEU A 37 9.69 2.06 1.00
C LEU A 37 9.16 2.27 2.42
N ASP A 38 9.78 1.62 3.38
CA ASP A 38 9.38 1.74 4.78
C ASP A 38 8.04 1.04 5.01
N ILE A 39 7.81 -0.04 4.29
CA ILE A 39 6.57 -0.79 4.42
C ILE A 39 6.78 -2.06 5.23
N ALA A 40 5.84 -2.35 6.13
CA ALA A 40 5.92 -3.53 6.98
C ALA A 40 5.32 -4.74 6.28
N VAL A 41 6.13 -5.76 6.05
CA VAL A 41 5.68 -6.98 5.40
C VAL A 41 4.60 -7.68 6.22
N THR A 42 3.35 -7.45 5.85
CA THR A 42 2.22 -8.05 6.55
C THR A 42 1.46 -9.01 5.64
N PRO A 43 0.76 -9.98 6.25
CA PRO A 43 -0.02 -10.97 5.51
C PRO A 43 -1.25 -10.36 4.85
N LEU A 44 -1.40 -9.06 4.96
CA LEU A 44 -2.53 -8.36 4.38
C LEU A 44 -2.13 -7.65 3.08
N LYS A 45 -1.05 -6.90 3.13
CA LYS A 45 -0.56 -6.18 1.96
C LYS A 45 -0.15 -7.15 0.86
N ARG A 46 0.75 -8.07 1.19
CA ARG A 46 1.22 -9.06 0.23
C ARG A 46 0.08 -9.57 -0.64
N ALA A 47 -1.10 -9.68 -0.04
CA ALA A 47 -2.28 -10.15 -0.76
C ALA A 47 -2.71 -9.15 -1.83
N GLY A 48 -2.03 -9.20 -2.98
CA GLY A 48 -2.36 -8.30 -4.06
C GLY A 48 -1.87 -6.89 -3.80
N TRP A 49 -0.65 -6.76 -3.29
CA TRP A 49 -0.07 -5.46 -2.99
C TRP A 49 0.09 -4.63 -4.27
N GLN A 50 -0.30 -3.37 -4.21
CA GLN A 50 -0.19 -2.48 -5.36
C GLN A 50 0.78 -1.34 -5.08
N CYS A 51 1.79 -1.20 -5.92
CA CYS A 51 2.79 -0.15 -5.76
C CYS A 51 2.13 1.20 -5.59
N PRO A 52 2.87 2.16 -5.00
CA PRO A 52 2.37 3.52 -4.76
C PRO A 52 2.20 4.31 -6.05
N GLU A 53 2.71 3.76 -7.15
CA GLU A 53 2.62 4.43 -8.45
C GLU A 53 1.33 4.00 -9.17
N CYS A 54 0.74 2.91 -8.72
CA CYS A 54 -0.49 2.40 -9.32
C CYS A 54 -1.66 2.51 -8.34
N LYS A 55 -1.35 2.52 -7.05
CA LYS A 55 -2.37 2.62 -6.02
C LYS A 55 -3.03 3.99 -6.04
N VAL A 56 -4.35 4.01 -5.84
CA VAL A 56 -5.10 5.26 -5.84
C VAL A 56 -6.41 5.11 -5.07
N CYS A 57 -7.08 6.23 -4.81
CA CYS A 57 -8.34 6.21 -4.09
C CYS A 57 -9.35 5.30 -4.77
N GLN A 58 -9.91 4.37 -4.00
CA GLN A 58 -10.89 3.42 -4.53
C GLN A 58 -12.29 4.01 -4.47
N ASN A 59 -12.40 5.22 -3.93
CA ASN A 59 -13.69 5.89 -3.81
C ASN A 59 -13.99 6.72 -5.05
N CYS A 60 -13.06 7.60 -5.41
CA CYS A 60 -13.22 8.45 -6.58
C CYS A 60 -12.34 7.96 -7.73
N LYS A 61 -11.65 6.86 -7.51
CA LYS A 61 -10.77 6.29 -8.53
C LYS A 61 -9.85 7.35 -9.12
N GLN A 62 -9.11 8.03 -8.25
CA GLN A 62 -8.18 9.06 -8.68
C GLN A 62 -6.97 9.13 -7.77
N SER A 63 -5.88 9.71 -8.27
CA SER A 63 -4.65 9.83 -7.50
C SER A 63 -4.29 11.30 -7.27
N GLY A 64 -5.28 12.17 -7.39
CA GLY A 64 -5.05 13.59 -7.19
C GLY A 64 -4.39 13.89 -5.86
N GLU A 65 -5.15 14.44 -4.92
CA GLU A 65 -4.62 14.78 -3.60
C GLU A 65 -3.79 13.64 -3.05
N ASP A 66 -2.49 13.88 -2.89
CA ASP A 66 -1.58 12.88 -2.37
C ASP A 66 -1.34 13.08 -0.88
N SER A 67 -1.10 14.32 -0.48
CA SER A 67 -0.86 14.65 0.92
C SER A 67 -2.04 14.25 1.79
N LYS A 68 -3.20 14.82 1.50
CA LYS A 68 -4.42 14.53 2.26
C LYS A 68 -4.74 13.03 2.20
N MET A 69 -4.52 12.44 1.03
CA MET A 69 -4.78 11.01 0.84
C MET A 69 -4.32 10.21 2.05
N LEU A 70 -5.27 9.80 2.88
CA LEU A 70 -4.96 9.02 4.08
C LEU A 70 -4.46 7.63 3.71
N VAL A 71 -3.16 7.41 3.85
CA VAL A 71 -2.55 6.13 3.53
C VAL A 71 -2.57 5.21 4.75
N CYS A 72 -3.42 4.19 4.71
CA CYS A 72 -3.53 3.23 5.80
C CYS A 72 -2.19 2.55 6.07
N ASP A 73 -2.04 2.00 7.27
CA ASP A 73 -0.81 1.33 7.66
C ASP A 73 -0.99 -0.18 7.61
N THR A 74 -2.13 -0.65 8.06
CA THR A 74 -2.42 -2.08 8.08
C THR A 74 -2.49 -2.65 6.66
N CYS A 75 -3.49 -2.20 5.91
CA CYS A 75 -3.66 -2.66 4.53
C CYS A 75 -2.81 -1.82 3.56
N ASP A 76 -2.80 -0.51 3.78
CA ASP A 76 -2.02 0.39 2.93
C ASP A 76 -2.69 0.55 1.57
N LYS A 77 -3.98 0.83 1.57
CA LYS A 77 -4.73 1.01 0.33
C LYS A 77 -4.64 2.45 -0.15
N GLY A 78 -5.31 3.35 0.55
CA GLY A 78 -5.29 4.76 0.17
C GLY A 78 -6.69 5.32 -0.04
N TYR A 79 -7.07 6.27 0.81
CA TYR A 79 -8.38 6.89 0.71
C TYR A 79 -8.34 8.35 1.14
N HIS A 80 -8.94 9.22 0.33
CA HIS A 80 -8.96 10.64 0.62
C HIS A 80 -9.91 10.95 1.76
N THR A 81 -9.54 11.91 2.59
CA THR A 81 -10.35 12.30 3.74
C THR A 81 -11.80 12.57 3.31
N PHE A 82 -11.97 13.40 2.29
CA PHE A 82 -13.31 13.73 1.80
C PHE A 82 -13.96 12.51 1.15
N CYS A 83 -13.15 11.51 0.84
CA CYS A 83 -13.65 10.29 0.22
C CYS A 83 -13.91 9.21 1.26
N LEU A 84 -14.03 9.63 2.52
CA LEU A 84 -14.28 8.70 3.62
C LEU A 84 -15.67 8.93 4.22
N GLN A 85 -16.23 7.88 4.81
CA GLN A 85 -17.56 7.97 5.42
C GLN A 85 -17.53 7.41 6.84
N PRO A 86 -17.54 8.32 7.83
CA PRO A 86 -17.58 9.77 7.58
C PRO A 86 -16.27 10.28 6.99
N VAL A 87 -16.23 11.58 6.72
CA VAL A 87 -15.03 12.19 6.15
C VAL A 87 -14.04 12.59 7.25
N MET A 88 -12.76 12.67 6.89
CA MET A 88 -11.73 13.04 7.84
C MET A 88 -11.30 14.50 7.66
N LYS A 89 -12.21 15.41 8.00
CA LYS A 89 -11.94 16.84 7.88
C LYS A 89 -10.50 17.16 8.26
N SER A 90 -9.92 16.32 9.13
CA SER A 90 -8.55 16.52 9.59
C SER A 90 -7.75 15.23 9.44
N VAL A 91 -6.44 15.32 9.69
CA VAL A 91 -5.57 14.17 9.58
C VAL A 91 -5.15 13.66 10.96
N PRO A 92 -5.20 12.34 11.14
CA PRO A 92 -4.83 11.70 12.41
C PRO A 92 -3.33 11.78 12.68
N THR A 93 -2.96 12.49 13.75
CA THR A 93 -1.56 12.64 14.12
C THR A 93 -0.76 11.38 13.79
N ASN A 94 -1.26 10.23 14.24
CA ASN A 94 -0.59 8.96 13.99
C ASN A 94 -1.47 7.79 14.45
N GLY A 95 -1.09 6.59 14.03
CA GLY A 95 -1.86 5.41 14.40
C GLY A 95 -3.26 5.42 13.84
N TRP A 96 -3.37 5.48 12.52
CA TRP A 96 -4.68 5.50 11.87
C TRP A 96 -4.98 4.17 11.19
N LYS A 97 -6.26 3.82 11.11
CA LYS A 97 -6.68 2.57 10.50
C LYS A 97 -7.98 2.75 9.72
N CYS A 98 -7.97 2.34 8.45
CA CYS A 98 -9.14 2.46 7.60
C CYS A 98 -10.24 1.49 8.04
N LYS A 99 -11.48 1.89 7.83
CA LYS A 99 -12.63 1.07 8.20
C LYS A 99 -12.45 -0.36 7.71
N ASN A 100 -12.17 -0.50 6.41
CA ASN A 100 -11.97 -1.82 5.81
C ASN A 100 -11.03 -2.67 6.66
N CYS A 101 -10.22 -2.01 7.47
CA CYS A 101 -9.26 -2.70 8.33
C CYS A 101 -9.85 -2.92 9.73
N ARG A 102 -10.42 -1.86 10.29
CA ARG A 102 -11.01 -1.93 11.62
C ARG A 102 -11.98 -3.11 11.72
N ILE A 103 -12.62 -3.45 10.61
CA ILE A 103 -13.56 -4.55 10.57
C ILE A 103 -13.13 -5.67 11.51
N CYS A 104 -13.97 -5.96 12.50
CA CYS A 104 -13.67 -7.02 13.46
C CYS A 104 -14.20 -8.37 12.97
N ILE A 105 -13.39 -9.05 12.18
CA ILE A 105 -13.77 -10.36 11.64
C ILE A 105 -13.51 -11.46 12.66
N SER A 106 -14.17 -12.61 12.46
CA SER A 106 -14.01 -13.74 13.36
C SER A 106 -12.90 -14.67 12.88
N GLY A 107 -12.65 -15.73 13.64
CA GLY A 107 -11.62 -16.68 13.27
C GLY A 107 -11.88 -18.07 13.81
N PRO A 108 -11.34 -19.09 13.14
CA PRO A 108 -11.51 -20.49 13.54
C PRO A 108 -10.76 -20.81 14.83
N SER A 109 -9.96 -19.87 15.30
CA SER A 109 -9.18 -20.06 16.52
C SER A 109 -10.10 -20.34 17.71
N SER A 110 -9.96 -21.54 18.28
CA SER A 110 -10.77 -21.93 19.41
C SER A 110 -10.51 -21.03 20.62
N GLY A 111 -9.25 -20.98 21.05
CA GLY A 111 -8.89 -20.16 22.18
C GLY A 111 -7.86 -19.10 21.82
N GLY A 1 8.23 -17.65 -18.62
CA GLY A 1 9.62 -17.25 -18.58
C GLY A 1 10.12 -16.75 -19.93
N SER A 2 11.17 -15.93 -19.90
CA SER A 2 11.73 -15.37 -21.13
C SER A 2 13.21 -15.72 -21.25
N SER A 3 13.66 -15.91 -22.49
CA SER A 3 15.06 -16.25 -22.74
C SER A 3 16.00 -15.25 -22.06
N GLY A 4 15.74 -13.97 -22.28
CA GLY A 4 16.57 -12.93 -21.69
C GLY A 4 15.97 -12.38 -20.41
N SER A 5 16.77 -11.63 -19.67
CA SER A 5 16.31 -11.03 -18.40
C SER A 5 16.05 -9.55 -18.58
N SER A 6 14.77 -9.19 -18.70
CA SER A 6 14.37 -7.80 -18.87
C SER A 6 15.06 -6.91 -17.83
N GLY A 7 14.76 -7.16 -16.56
CA GLY A 7 15.36 -6.38 -15.49
C GLY A 7 14.36 -6.04 -14.41
N ALA A 8 14.30 -6.85 -13.37
CA ALA A 8 13.38 -6.63 -12.26
C ALA A 8 14.13 -6.21 -11.00
N ASN A 9 14.15 -4.91 -10.74
CA ASN A 9 14.84 -4.37 -9.57
C ASN A 9 13.95 -3.38 -8.82
N CYS A 10 14.45 -2.88 -7.69
CA CYS A 10 13.70 -1.92 -6.89
C CYS A 10 13.61 -0.57 -7.59
N ALA A 11 12.43 0.03 -7.55
CA ALA A 11 12.21 1.33 -8.18
C ALA A 11 12.57 2.46 -7.25
N VAL A 12 13.12 2.11 -6.07
CA VAL A 12 13.52 3.11 -5.09
C VAL A 12 15.03 3.12 -4.90
N CYS A 13 15.60 1.96 -4.58
CA CYS A 13 17.03 1.85 -4.37
C CYS A 13 17.72 1.33 -5.63
N ASP A 14 16.97 0.59 -6.45
CA ASP A 14 17.51 0.03 -7.69
C ASP A 14 18.49 -1.09 -7.39
N SER A 15 18.09 -2.01 -6.51
CA SER A 15 18.94 -3.12 -6.13
C SER A 15 18.12 -4.41 -6.05
N PRO A 16 18.78 -5.55 -6.34
CA PRO A 16 18.15 -6.87 -6.30
C PRO A 16 17.81 -7.31 -4.88
N GLY A 17 18.80 -7.25 -4.00
CA GLY A 17 18.59 -7.65 -2.62
C GLY A 17 17.56 -8.74 -2.48
N ASP A 18 16.44 -8.42 -1.84
CA ASP A 18 15.36 -9.37 -1.63
C ASP A 18 14.31 -9.25 -2.75
N LEU A 19 13.92 -10.40 -3.30
CA LEU A 19 12.93 -10.43 -4.37
C LEU A 19 11.53 -10.68 -3.81
N LEU A 20 11.42 -11.66 -2.92
CA LEU A 20 10.15 -12.00 -2.31
C LEU A 20 9.72 -10.94 -1.31
N ASP A 21 10.60 -10.65 -0.36
CA ASP A 21 10.32 -9.65 0.67
C ASP A 21 9.65 -8.42 0.06
N GLN A 22 10.19 -7.95 -1.06
CA GLN A 22 9.64 -6.78 -1.74
C GLN A 22 8.31 -7.11 -2.39
N PHE A 23 7.30 -6.28 -2.12
CA PHE A 23 5.97 -6.49 -2.68
C PHE A 23 5.98 -6.32 -4.20
N PHE A 24 5.07 -6.99 -4.88
CA PHE A 24 4.98 -6.91 -6.33
C PHE A 24 3.62 -6.35 -6.77
N CYS A 25 3.65 -5.23 -7.48
CA CYS A 25 2.42 -4.60 -7.95
C CYS A 25 1.79 -5.42 -9.07
N THR A 26 0.48 -5.23 -9.26
CA THR A 26 -0.25 -5.95 -10.30
C THR A 26 -0.50 -5.07 -11.51
N THR A 27 -0.65 -3.77 -11.27
CA THR A 27 -0.90 -2.81 -12.34
C THR A 27 0.36 -2.57 -13.17
N CYS A 28 1.39 -2.03 -12.52
CA CYS A 28 2.65 -1.76 -13.19
C CYS A 28 3.54 -2.99 -13.22
N GLY A 29 3.65 -3.67 -12.08
CA GLY A 29 4.46 -4.87 -11.99
C GLY A 29 5.88 -4.57 -11.55
N GLN A 30 6.02 -3.67 -10.58
CA GLN A 30 7.33 -3.30 -10.07
C GLN A 30 7.62 -3.99 -8.75
N HIS A 31 8.80 -3.74 -8.19
CA HIS A 31 9.20 -4.35 -6.93
C HIS A 31 9.68 -3.29 -5.95
N TYR A 32 9.29 -3.44 -4.68
CA TYR A 32 9.69 -2.50 -3.64
C TYR A 32 9.95 -3.22 -2.32
N HIS A 33 11.15 -3.01 -1.78
CA HIS A 33 11.53 -3.64 -0.52
C HIS A 33 10.76 -3.04 0.65
N GLY A 34 10.49 -3.86 1.67
CA GLY A 34 9.76 -3.38 2.83
C GLY A 34 10.45 -2.21 3.51
N MET A 35 11.77 -2.21 3.48
CA MET A 35 12.54 -1.14 4.09
C MET A 35 12.52 0.12 3.23
N CYS A 36 12.77 -0.05 1.94
CA CYS A 36 12.78 1.06 1.01
C CYS A 36 11.48 1.87 1.11
N LEU A 37 10.37 1.17 1.33
CA LEU A 37 9.07 1.82 1.44
C LEU A 37 8.73 2.08 2.90
N ASP A 38 9.35 1.33 3.81
CA ASP A 38 9.11 1.48 5.23
C ASP A 38 7.76 0.88 5.62
N ILE A 39 7.46 -0.29 5.08
CA ILE A 39 6.21 -0.98 5.37
C ILE A 39 6.44 -2.23 6.20
N ALA A 40 5.47 -2.58 7.03
CA ALA A 40 5.57 -3.76 7.88
C ALA A 40 5.06 -4.99 7.15
N VAL A 41 5.99 -5.77 6.59
CA VAL A 41 5.62 -6.98 5.86
C VAL A 41 4.62 -7.82 6.65
N THR A 42 3.40 -7.90 6.14
CA THR A 42 2.35 -8.66 6.80
C THR A 42 1.74 -9.70 5.84
N PRO A 43 1.19 -10.78 6.41
CA PRO A 43 0.58 -11.85 5.63
C PRO A 43 -0.74 -11.41 4.98
N LEU A 44 -1.06 -10.14 5.13
CA LEU A 44 -2.29 -9.59 4.55
C LEU A 44 -1.98 -8.76 3.32
N LYS A 45 -0.96 -7.91 3.42
CA LYS A 45 -0.56 -7.06 2.30
C LYS A 45 -0.06 -7.90 1.13
N ARG A 46 0.91 -8.77 1.41
CA ARG A 46 1.48 -9.63 0.37
C ARG A 46 0.43 -9.99 -0.68
N ALA A 47 -0.69 -10.55 -0.22
CA ALA A 47 -1.77 -10.94 -1.12
C ALA A 47 -2.58 -9.72 -1.55
N GLY A 48 -2.66 -9.52 -2.87
CA GLY A 48 -3.42 -8.39 -3.40
C GLY A 48 -2.83 -7.06 -2.96
N TRP A 49 -1.55 -6.86 -3.23
CA TRP A 49 -0.87 -5.62 -2.86
C TRP A 49 -0.86 -4.65 -4.04
N GLN A 50 -0.56 -3.38 -3.74
CA GLN A 50 -0.52 -2.35 -4.77
C GLN A 50 0.48 -1.26 -4.40
N CYS A 51 1.26 -0.82 -5.38
CA CYS A 51 2.26 0.22 -5.16
C CYS A 51 1.61 1.59 -5.09
N PRO A 52 2.28 2.53 -4.43
CA PRO A 52 1.79 3.91 -4.27
C PRO A 52 1.79 4.69 -5.58
N GLU A 53 2.25 4.04 -6.64
CA GLU A 53 2.30 4.67 -7.96
C GLU A 53 1.10 4.27 -8.79
N CYS A 54 0.46 3.16 -8.43
CA CYS A 54 -0.70 2.67 -9.15
C CYS A 54 -1.95 2.76 -8.27
N LYS A 55 -1.78 2.54 -6.98
CA LYS A 55 -2.89 2.60 -6.04
C LYS A 55 -3.68 3.89 -6.20
N VAL A 56 -5.00 3.78 -6.23
CA VAL A 56 -5.87 4.95 -6.36
C VAL A 56 -7.08 4.85 -5.45
N CYS A 57 -7.79 5.96 -5.29
CA CYS A 57 -8.97 6.01 -4.44
C CYS A 57 -10.00 4.97 -4.89
N GLN A 58 -10.83 4.52 -3.95
CA GLN A 58 -11.86 3.53 -4.25
C GLN A 58 -13.24 4.18 -4.30
N ASN A 59 -13.36 5.35 -3.67
CA ASN A 59 -14.63 6.06 -3.64
C ASN A 59 -14.86 6.80 -4.96
N CYS A 60 -13.93 7.68 -5.31
CA CYS A 60 -14.03 8.45 -6.54
C CYS A 60 -13.19 7.82 -7.65
N LYS A 61 -12.10 7.17 -7.25
CA LYS A 61 -11.22 6.52 -8.21
C LYS A 61 -10.52 7.55 -9.08
N GLN A 62 -9.95 8.57 -8.45
CA GLN A 62 -9.24 9.61 -9.17
C GLN A 62 -7.88 9.89 -8.54
N SER A 63 -6.82 9.48 -9.24
CA SER A 63 -5.46 9.69 -8.74
C SER A 63 -5.02 11.13 -8.92
N GLY A 64 -4.55 11.75 -7.84
CA GLY A 64 -4.11 13.12 -7.90
C GLY A 64 -3.59 13.63 -6.57
N GLU A 65 -4.45 13.60 -5.55
CA GLU A 65 -4.08 14.07 -4.23
C GLU A 65 -3.42 12.95 -3.43
N ASP A 66 -2.09 12.88 -3.50
CA ASP A 66 -1.34 11.86 -2.79
C ASP A 66 -1.29 12.16 -1.29
N SER A 67 -0.77 13.32 -0.94
CA SER A 67 -0.67 13.73 0.45
C SER A 67 -1.98 13.50 1.19
N LYS A 68 -3.02 14.24 0.79
CA LYS A 68 -4.33 14.11 1.41
C LYS A 68 -4.74 12.65 1.53
N MET A 69 -4.58 11.90 0.44
CA MET A 69 -4.93 10.48 0.43
C MET A 69 -4.40 9.79 1.67
N LEU A 70 -5.33 9.37 2.54
CA LEU A 70 -4.95 8.69 3.77
C LEU A 70 -4.64 7.21 3.51
N VAL A 71 -3.40 6.83 3.78
CA VAL A 71 -2.97 5.45 3.58
C VAL A 71 -3.10 4.63 4.86
N CYS A 72 -3.73 3.47 4.75
CA CYS A 72 -3.92 2.59 5.91
C CYS A 72 -2.60 1.99 6.36
N ASP A 73 -2.58 1.46 7.57
CA ASP A 73 -1.37 0.84 8.13
C ASP A 73 -1.45 -0.68 8.03
N THR A 74 -2.67 -1.20 8.00
CA THR A 74 -2.88 -2.65 7.92
C THR A 74 -3.01 -3.10 6.47
N CYS A 75 -4.10 -2.70 5.82
CA CYS A 75 -4.35 -3.06 4.43
C CYS A 75 -3.56 -2.17 3.48
N ASP A 76 -3.12 -1.03 4.00
CA ASP A 76 -2.35 -0.07 3.20
C ASP A 76 -3.15 0.38 1.99
N LYS A 77 -4.41 0.74 2.22
CA LYS A 77 -5.29 1.19 1.15
C LYS A 77 -5.26 2.71 1.03
N GLY A 78 -5.75 3.23 -0.09
CA GLY A 78 -5.78 4.67 -0.30
C GLY A 78 -7.18 5.23 -0.29
N TYR A 79 -7.40 6.26 0.53
CA TYR A 79 -8.72 6.89 0.63
C TYR A 79 -8.59 8.38 0.91
N HIS A 80 -9.02 9.20 -0.04
CA HIS A 80 -8.96 10.65 0.10
C HIS A 80 -9.71 11.10 1.35
N THR A 81 -9.11 12.00 2.11
CA THR A 81 -9.72 12.52 3.32
C THR A 81 -11.17 12.94 3.07
N PHE A 82 -11.40 13.58 1.93
CA PHE A 82 -12.74 14.04 1.57
C PHE A 82 -13.61 12.86 1.13
N CYS A 83 -12.97 11.81 0.63
CA CYS A 83 -13.70 10.63 0.17
C CYS A 83 -13.93 9.66 1.33
N LEU A 84 -13.96 10.19 2.54
CA LEU A 84 -14.18 9.38 3.73
C LEU A 84 -15.57 9.63 4.32
N GLN A 85 -16.12 8.62 4.98
CA GLN A 85 -17.44 8.74 5.59
C GLN A 85 -17.41 8.30 7.05
N PRO A 86 -17.38 9.28 7.96
CA PRO A 86 -17.39 10.70 7.60
C PRO A 86 -16.07 11.14 6.95
N VAL A 87 -15.98 12.43 6.66
CA VAL A 87 -14.78 12.98 6.03
C VAL A 87 -13.72 13.30 7.08
N MET A 88 -12.45 13.21 6.68
CA MET A 88 -11.35 13.50 7.58
C MET A 88 -10.84 14.94 7.39
N LYS A 89 -10.50 15.58 8.50
CA LYS A 89 -10.00 16.96 8.45
C LYS A 89 -8.48 16.98 8.38
N SER A 90 -7.85 16.13 9.18
CA SER A 90 -6.39 16.06 9.22
C SER A 90 -5.92 14.60 9.22
N VAL A 91 -4.60 14.41 9.15
CA VAL A 91 -4.02 13.08 9.15
C VAL A 91 -3.43 12.73 10.50
N PRO A 92 -3.90 11.61 11.09
CA PRO A 92 -3.43 11.15 12.40
C PRO A 92 -1.99 10.64 12.35
N THR A 93 -1.07 11.42 12.90
CA THR A 93 0.34 11.06 12.91
C THR A 93 0.55 9.73 13.64
N ASN A 94 -0.28 9.46 14.63
CA ASN A 94 -0.19 8.24 15.40
C ASN A 94 -0.47 7.02 14.53
N GLY A 95 -1.56 7.08 13.79
CA GLY A 95 -1.93 5.97 12.91
C GLY A 95 -3.38 6.03 12.48
N TRP A 96 -3.64 5.66 11.23
CA TRP A 96 -4.99 5.68 10.68
C TRP A 96 -5.49 4.26 10.43
N LYS A 97 -6.80 4.08 10.48
CA LYS A 97 -7.40 2.77 10.25
C LYS A 97 -8.67 2.90 9.40
N CYS A 98 -8.65 2.28 8.23
CA CYS A 98 -9.79 2.33 7.32
C CYS A 98 -10.96 1.51 7.87
N LYS A 99 -12.13 1.70 7.29
CA LYS A 99 -13.33 0.99 7.73
C LYS A 99 -13.22 -0.50 7.42
N ASN A 100 -12.64 -0.82 6.27
CA ASN A 100 -12.47 -2.21 5.86
C ASN A 100 -11.63 -2.99 6.88
N CYS A 101 -10.78 -2.26 7.60
CA CYS A 101 -9.92 -2.87 8.60
C CYS A 101 -10.58 -2.84 9.97
N ARG A 102 -11.00 -1.65 10.39
CA ARG A 102 -11.65 -1.49 11.69
C ARG A 102 -12.66 -2.61 11.94
N ILE A 103 -13.23 -3.14 10.87
CA ILE A 103 -14.20 -4.21 10.97
C ILE A 103 -13.87 -5.14 12.15
N CYS A 104 -14.92 -5.57 12.86
CA CYS A 104 -14.74 -6.45 14.00
C CYS A 104 -13.85 -5.81 15.06
N ILE A 105 -14.16 -4.57 15.41
CA ILE A 105 -13.39 -3.83 16.41
C ILE A 105 -13.96 -4.06 17.80
N SER A 106 -13.15 -4.68 18.67
CA SER A 106 -13.58 -4.95 20.03
C SER A 106 -12.37 -5.13 20.95
N GLY A 107 -12.46 -4.59 22.16
CA GLY A 107 -11.37 -4.71 23.10
C GLY A 107 -10.90 -6.14 23.28
N PRO A 108 -9.63 -6.30 23.70
CA PRO A 108 -9.03 -7.62 23.90
C PRO A 108 -9.63 -8.35 25.10
N SER A 109 -9.58 -9.68 25.06
CA SER A 109 -10.12 -10.49 26.14
C SER A 109 -9.05 -11.41 26.72
N SER A 110 -8.70 -11.18 27.99
CA SER A 110 -7.68 -11.98 28.65
C SER A 110 -8.32 -13.01 29.57
N GLY A 111 -8.24 -14.28 29.16
CA GLY A 111 -8.82 -15.35 29.95
C GLY A 111 -10.30 -15.55 29.68
N GLY A 1 13.82 -25.14 -18.12
CA GLY A 1 14.41 -23.93 -17.56
C GLY A 1 13.57 -22.70 -17.81
N SER A 2 12.25 -22.84 -17.68
CA SER A 2 11.33 -21.74 -17.90
C SER A 2 11.66 -20.57 -16.98
N SER A 3 12.22 -19.50 -17.55
CA SER A 3 12.58 -18.32 -16.78
C SER A 3 12.57 -17.08 -17.66
N GLY A 4 12.49 -15.91 -17.02
CA GLY A 4 12.48 -14.66 -17.76
C GLY A 4 13.61 -13.73 -17.36
N SER A 5 13.70 -13.43 -16.07
CA SER A 5 14.74 -12.55 -15.57
C SER A 5 14.92 -11.34 -16.47
N SER A 6 13.80 -10.78 -16.93
CA SER A 6 13.84 -9.62 -17.82
C SER A 6 13.52 -8.35 -17.05
N GLY A 7 14.08 -8.23 -15.85
CA GLY A 7 13.85 -7.05 -15.03
C GLY A 7 13.08 -7.38 -13.76
N ALA A 8 12.09 -6.54 -13.45
CA ALA A 8 11.28 -6.75 -12.25
C ALA A 8 12.11 -6.60 -10.98
N ASN A 9 13.18 -5.82 -11.08
CA ASN A 9 14.07 -5.59 -9.94
C ASN A 9 13.63 -4.36 -9.15
N CYS A 10 14.27 -4.16 -8.00
CA CYS A 10 13.96 -3.01 -7.15
C CYS A 10 14.29 -1.70 -7.85
N ALA A 11 13.33 -0.78 -7.84
CA ALA A 11 13.53 0.52 -8.48
C ALA A 11 14.19 1.50 -7.52
N VAL A 12 14.59 1.01 -6.36
CA VAL A 12 15.25 1.85 -5.35
C VAL A 12 16.70 1.44 -5.16
N CYS A 13 16.95 0.14 -5.12
CA CYS A 13 18.30 -0.38 -4.95
C CYS A 13 18.80 -1.04 -6.23
N ASP A 14 17.86 -1.57 -7.02
CA ASP A 14 18.21 -2.23 -8.28
C ASP A 14 18.88 -3.58 -8.01
N SER A 15 18.26 -4.39 -7.16
CA SER A 15 18.81 -5.70 -6.82
C SER A 15 17.69 -6.74 -6.70
N PRO A 16 17.95 -7.94 -7.23
CA PRO A 16 16.99 -9.04 -7.19
C PRO A 16 16.78 -9.59 -5.78
N GLY A 17 17.88 -9.90 -5.11
CA GLY A 17 17.81 -10.42 -3.75
C GLY A 17 16.63 -11.36 -3.56
N ASP A 18 15.79 -11.05 -2.58
CA ASP A 18 14.62 -11.87 -2.30
C ASP A 18 13.38 -11.32 -3.00
N LEU A 19 12.61 -12.20 -3.61
CA LEU A 19 11.39 -11.80 -4.32
C LEU A 19 10.21 -11.75 -3.37
N LEU A 20 10.06 -12.78 -2.55
CA LEU A 20 8.97 -12.85 -1.59
C LEU A 20 9.06 -11.71 -0.58
N ASP A 21 10.28 -11.38 -0.17
CA ASP A 21 10.50 -10.30 0.78
C ASP A 21 9.90 -8.99 0.28
N GLN A 22 10.21 -8.65 -0.97
CA GLN A 22 9.70 -7.42 -1.56
C GLN A 22 8.33 -7.64 -2.18
N PHE A 23 7.51 -6.58 -2.20
CA PHE A 23 6.17 -6.66 -2.76
C PHE A 23 6.21 -6.55 -4.28
N PHE A 24 5.08 -6.84 -4.92
CA PHE A 24 4.98 -6.76 -6.37
C PHE A 24 3.67 -6.11 -6.80
N CYS A 25 3.77 -4.91 -7.35
CA CYS A 25 2.59 -4.17 -7.80
C CYS A 25 1.86 -4.93 -8.90
N THR A 26 0.58 -4.63 -9.07
CA THR A 26 -0.23 -5.28 -10.08
C THR A 26 -0.47 -4.36 -11.28
N THR A 27 -0.65 -3.08 -11.01
CA THR A 27 -0.88 -2.09 -12.06
C THR A 27 0.35 -1.93 -12.93
N CYS A 28 1.44 -1.47 -12.34
CA CYS A 28 2.69 -1.27 -13.07
C CYS A 28 3.53 -2.54 -13.06
N GLY A 29 3.58 -3.21 -11.92
CA GLY A 29 4.35 -4.44 -11.82
C GLY A 29 5.79 -4.19 -11.38
N GLN A 30 5.96 -3.24 -10.47
CA GLN A 30 7.29 -2.90 -9.98
C GLN A 30 7.60 -3.67 -8.70
N HIS A 31 8.88 -3.69 -8.32
CA HIS A 31 9.31 -4.38 -7.11
C HIS A 31 9.95 -3.42 -6.12
N TYR A 32 9.77 -3.70 -4.83
CA TYR A 32 10.32 -2.85 -3.78
C TYR A 32 10.48 -3.62 -2.48
N HIS A 33 11.69 -3.58 -1.92
CA HIS A 33 11.98 -4.29 -0.67
C HIS A 33 11.39 -3.54 0.52
N GLY A 34 11.04 -4.28 1.57
CA GLY A 34 10.46 -3.68 2.75
C GLY A 34 11.41 -2.68 3.40
N MET A 35 12.71 -2.92 3.26
CA MET A 35 13.71 -2.03 3.85
C MET A 35 13.99 -0.85 2.93
N CYS A 36 13.93 -1.10 1.61
CA CYS A 36 14.19 -0.05 0.64
C CYS A 36 13.10 1.02 0.68
N LEU A 37 11.86 0.59 0.90
CA LEU A 37 10.73 1.51 0.98
C LEU A 37 10.40 1.85 2.42
N ASP A 38 10.87 1.02 3.34
CA ASP A 38 10.63 1.23 4.76
C ASP A 38 9.19 0.88 5.13
N ILE A 39 8.71 -0.24 4.60
CA ILE A 39 7.34 -0.69 4.87
C ILE A 39 7.34 -1.95 5.72
N ALA A 40 6.33 -2.07 6.58
CA ALA A 40 6.20 -3.23 7.45
C ALA A 40 5.57 -4.41 6.72
N VAL A 41 6.30 -5.51 6.63
CA VAL A 41 5.80 -6.71 5.95
C VAL A 41 4.66 -7.35 6.74
N THR A 42 3.49 -7.44 6.11
CA THR A 42 2.32 -8.03 6.75
C THR A 42 1.61 -8.99 5.81
N PRO A 43 0.93 -9.99 6.39
CA PRO A 43 0.19 -10.99 5.63
C PRO A 43 -1.04 -10.42 4.94
N LEU A 44 -1.28 -9.12 5.15
CA LEU A 44 -2.43 -8.45 4.56
C LEU A 44 -2.01 -7.68 3.30
N LYS A 45 -1.01 -6.82 3.45
CA LYS A 45 -0.51 -6.03 2.32
C LYS A 45 -0.04 -6.93 1.19
N ARG A 46 0.84 -7.87 1.52
CA ARG A 46 1.37 -8.79 0.52
C ARG A 46 0.32 -9.12 -0.53
N ALA A 47 -0.91 -9.34 -0.09
CA ALA A 47 -2.01 -9.66 -1.00
C ALA A 47 -2.30 -8.49 -1.93
N GLY A 48 -2.13 -8.71 -3.23
CA GLY A 48 -2.38 -7.67 -4.20
C GLY A 48 -1.87 -6.31 -3.75
N TRP A 49 -0.62 -6.27 -3.32
CA TRP A 49 -0.01 -5.03 -2.84
C TRP A 49 0.23 -4.06 -4.01
N GLN A 50 -0.27 -2.84 -3.87
CA GLN A 50 -0.11 -1.84 -4.91
C GLN A 50 0.94 -0.80 -4.51
N CYS A 51 1.92 -0.59 -5.38
CA CYS A 51 2.98 0.37 -5.11
C CYS A 51 2.41 1.77 -4.88
N PRO A 52 3.20 2.62 -4.21
CA PRO A 52 2.79 4.00 -3.92
C PRO A 52 2.74 4.87 -5.16
N GLU A 53 3.13 4.29 -6.31
CA GLU A 53 3.12 5.02 -7.57
C GLU A 53 1.86 4.72 -8.37
N CYS A 54 1.12 3.72 -7.92
CA CYS A 54 -0.12 3.32 -8.60
C CYS A 54 -1.32 3.44 -7.65
N LYS A 55 -1.12 3.00 -6.41
CA LYS A 55 -2.19 3.05 -5.41
C LYS A 55 -3.06 4.29 -5.61
N VAL A 56 -4.37 4.10 -5.52
CA VAL A 56 -5.31 5.20 -5.68
C VAL A 56 -6.47 5.09 -4.70
N CYS A 57 -7.30 6.11 -4.65
CA CYS A 57 -8.45 6.13 -3.75
C CYS A 57 -9.48 5.09 -4.18
N GLN A 58 -9.59 4.02 -3.39
CA GLN A 58 -10.54 2.95 -3.69
C GLN A 58 -11.98 3.45 -3.56
N ASN A 59 -12.16 4.55 -2.83
CA ASN A 59 -13.49 5.12 -2.63
C ASN A 59 -14.02 5.71 -3.93
N CYS A 60 -13.26 6.64 -4.51
CA CYS A 60 -13.65 7.29 -5.75
C CYS A 60 -12.83 6.77 -6.92
N LYS A 61 -12.16 5.64 -6.71
CA LYS A 61 -11.34 5.03 -7.75
C LYS A 61 -10.58 6.09 -8.53
N GLN A 62 -9.95 7.01 -7.81
CA GLN A 62 -9.18 8.08 -8.44
C GLN A 62 -7.98 8.47 -7.58
N SER A 63 -7.03 9.16 -8.20
CA SER A 63 -5.82 9.59 -7.49
C SER A 63 -5.57 11.08 -7.70
N GLY A 64 -5.33 11.79 -6.61
CA GLY A 64 -5.07 13.21 -6.69
C GLY A 64 -4.31 13.74 -5.50
N GLU A 65 -4.92 14.65 -4.75
CA GLU A 65 -4.29 15.24 -3.57
C GLU A 65 -3.50 14.19 -2.80
N ASP A 66 -2.18 14.23 -2.91
CA ASP A 66 -1.32 13.29 -2.22
C ASP A 66 -1.32 13.54 -0.73
N SER A 67 -1.29 14.82 -0.35
CA SER A 67 -1.27 15.19 1.06
C SER A 67 -2.62 14.87 1.72
N LYS A 68 -3.70 15.32 1.11
CA LYS A 68 -5.03 15.07 1.63
C LYS A 68 -5.31 13.57 1.74
N MET A 69 -4.96 12.83 0.70
CA MET A 69 -5.16 11.39 0.67
C MET A 69 -4.63 10.74 1.95
N LEU A 70 -5.29 9.69 2.40
CA LEU A 70 -4.88 8.98 3.61
C LEU A 70 -4.37 7.58 3.28
N VAL A 71 -3.46 7.08 4.11
CA VAL A 71 -2.89 5.75 3.90
C VAL A 71 -3.16 4.85 5.09
N CYS A 72 -3.48 3.59 4.81
CA CYS A 72 -3.76 2.62 5.87
C CYS A 72 -2.49 1.93 6.33
N ASP A 73 -2.35 1.77 7.64
CA ASP A 73 -1.18 1.13 8.22
C ASP A 73 -1.38 -0.38 8.32
N THR A 74 -2.47 -0.86 7.73
CA THR A 74 -2.78 -2.29 7.76
C THR A 74 -2.80 -2.87 6.34
N CYS A 75 -3.71 -2.36 5.52
CA CYS A 75 -3.83 -2.83 4.14
C CYS A 75 -2.96 -2.01 3.20
N ASP A 76 -2.62 -0.79 3.64
CA ASP A 76 -1.79 0.10 2.84
C ASP A 76 -2.54 0.57 1.60
N LYS A 77 -3.73 1.11 1.80
CA LYS A 77 -4.55 1.60 0.71
C LYS A 77 -4.68 3.13 0.76
N GLY A 78 -5.27 3.71 -0.28
CA GLY A 78 -5.44 5.15 -0.33
C GLY A 78 -6.89 5.56 -0.19
N TYR A 79 -7.13 6.57 0.64
CA TYR A 79 -8.48 7.07 0.87
C TYR A 79 -8.47 8.56 1.15
N HIS A 80 -9.15 9.32 0.29
CA HIS A 80 -9.22 10.77 0.43
C HIS A 80 -9.98 11.15 1.71
N THR A 81 -9.62 12.28 2.29
CA THR A 81 -10.27 12.76 3.50
C THR A 81 -11.72 13.18 3.24
N PHE A 82 -12.03 13.44 1.97
CA PHE A 82 -13.37 13.84 1.58
C PHE A 82 -14.06 12.74 0.78
N CYS A 83 -13.65 11.50 1.03
CA CYS A 83 -14.23 10.36 0.32
C CYS A 83 -14.76 9.33 1.32
N LEU A 84 -14.31 9.42 2.56
CA LEU A 84 -14.74 8.50 3.61
C LEU A 84 -16.12 8.86 4.12
N GLN A 85 -16.88 7.84 4.55
CA GLN A 85 -18.22 8.06 5.07
C GLN A 85 -18.36 7.53 6.49
N PRO A 86 -18.32 8.45 7.47
CA PRO A 86 -18.17 9.88 7.20
C PRO A 86 -16.77 10.23 6.68
N VAL A 87 -16.57 11.51 6.35
CA VAL A 87 -15.28 11.96 5.85
C VAL A 87 -14.37 12.39 7.00
N MET A 88 -13.08 12.52 6.69
CA MET A 88 -12.10 12.92 7.70
C MET A 88 -11.77 14.41 7.57
N LYS A 89 -12.47 15.24 8.33
CA LYS A 89 -12.25 16.68 8.29
C LYS A 89 -10.75 17.00 8.36
N SER A 90 -10.04 16.25 9.20
CA SER A 90 -8.60 16.47 9.36
C SER A 90 -7.85 15.14 9.24
N VAL A 91 -6.52 15.22 9.30
CA VAL A 91 -5.68 14.04 9.20
C VAL A 91 -5.07 13.68 10.55
N PRO A 92 -5.22 12.40 10.95
CA PRO A 92 -4.70 11.90 12.21
C PRO A 92 -3.17 11.82 12.22
N THR A 93 -2.59 11.97 13.40
CA THR A 93 -1.13 11.92 13.55
C THR A 93 -0.61 10.49 13.40
N ASN A 94 -0.21 10.13 12.19
CA ASN A 94 0.30 8.80 11.92
C ASN A 94 -0.55 7.73 12.60
N GLY A 95 -1.87 7.90 12.51
CA GLY A 95 -2.77 6.94 13.12
C GLY A 95 -4.09 6.84 12.38
N TRP A 96 -4.02 6.42 11.12
CA TRP A 96 -5.22 6.28 10.30
C TRP A 96 -5.52 4.81 10.02
N LYS A 97 -6.81 4.49 9.86
CA LYS A 97 -7.23 3.12 9.59
C LYS A 97 -8.51 3.11 8.77
N CYS A 98 -8.46 2.46 7.61
CA CYS A 98 -9.62 2.37 6.73
C CYS A 98 -10.69 1.47 7.35
N LYS A 99 -11.86 1.44 6.72
CA LYS A 99 -12.97 0.62 7.20
C LYS A 99 -12.70 -0.86 6.95
N ASN A 100 -12.46 -1.21 5.68
CA ASN A 100 -12.19 -2.58 5.31
C ASN A 100 -11.26 -3.25 6.33
N CYS A 101 -10.48 -2.44 7.02
CA CYS A 101 -9.54 -2.95 8.03
C CYS A 101 -10.15 -2.87 9.42
N ARG A 102 -10.88 -1.79 9.69
CA ARG A 102 -11.52 -1.60 10.98
C ARG A 102 -12.29 -2.85 11.41
N ILE A 103 -12.79 -3.58 10.42
CA ILE A 103 -13.55 -4.80 10.69
C ILE A 103 -12.85 -5.67 11.73
N CYS A 104 -13.63 -6.14 12.70
CA CYS A 104 -13.08 -6.99 13.76
C CYS A 104 -12.47 -8.25 13.18
N ILE A 105 -11.24 -8.56 13.60
CA ILE A 105 -10.56 -9.75 13.12
C ILE A 105 -10.39 -10.78 14.24
N SER A 106 -10.46 -12.05 13.88
CA SER A 106 -10.32 -13.14 14.85
C SER A 106 -9.72 -14.38 14.21
N GLY A 107 -8.52 -14.74 14.64
CA GLY A 107 -7.85 -15.90 14.09
C GLY A 107 -6.37 -15.93 14.41
N PRO A 108 -5.65 -16.87 13.79
CA PRO A 108 -4.20 -17.03 14.00
C PRO A 108 -3.40 -15.87 13.40
N SER A 109 -2.93 -14.98 14.26
CA SER A 109 -2.15 -13.83 13.81
C SER A 109 -0.76 -13.84 14.42
N SER A 110 0.10 -12.94 13.94
CA SER A 110 1.47 -12.86 14.44
C SER A 110 2.02 -11.44 14.29
N GLY A 111 3.22 -11.21 14.80
CA GLY A 111 3.83 -9.90 14.72
C GLY A 111 4.25 -9.56 13.30
N GLY A 1 7.42 -7.69 -26.79
CA GLY A 1 8.28 -8.20 -27.84
C GLY A 1 9.73 -7.79 -27.66
N SER A 2 10.64 -8.67 -28.07
CA SER A 2 12.07 -8.40 -27.95
C SER A 2 12.45 -8.16 -26.48
N SER A 3 11.91 -8.98 -25.59
CA SER A 3 12.19 -8.86 -24.17
C SER A 3 13.40 -9.71 -23.79
N GLY A 4 13.40 -10.97 -24.22
CA GLY A 4 14.50 -11.85 -23.91
C GLY A 4 14.68 -12.06 -22.41
N SER A 5 15.93 -11.97 -21.95
CA SER A 5 16.24 -12.16 -20.54
C SER A 5 16.08 -10.84 -19.78
N SER A 6 14.88 -10.59 -19.27
CA SER A 6 14.60 -9.36 -18.53
C SER A 6 14.62 -9.63 -17.03
N GLY A 7 15.13 -8.66 -16.27
CA GLY A 7 15.20 -8.80 -14.83
C GLY A 7 14.49 -7.69 -14.10
N ALA A 8 13.46 -8.05 -13.34
CA ALA A 8 12.68 -7.07 -12.59
C ALA A 8 13.22 -6.92 -11.17
N ASN A 9 13.96 -5.83 -10.93
CA ASN A 9 14.53 -5.56 -9.61
C ASN A 9 13.83 -4.38 -8.95
N CYS A 10 14.21 -4.11 -7.70
CA CYS A 10 13.64 -3.00 -6.95
C CYS A 10 13.67 -1.71 -7.76
N ALA A 11 12.69 -0.84 -7.52
CA ALA A 11 12.62 0.43 -8.23
C ALA A 11 13.24 1.55 -7.41
N VAL A 12 13.51 1.27 -6.14
CA VAL A 12 14.11 2.26 -5.25
C VAL A 12 15.63 2.09 -5.18
N CYS A 13 16.07 0.89 -4.81
CA CYS A 13 17.49 0.59 -4.70
C CYS A 13 18.02 0.03 -6.01
N ASP A 14 17.17 -0.68 -6.74
CA ASP A 14 17.56 -1.27 -8.02
C ASP A 14 18.45 -2.49 -7.80
N SER A 15 18.02 -3.37 -6.90
CA SER A 15 18.78 -4.59 -6.60
C SER A 15 17.85 -5.78 -6.44
N PRO A 16 18.36 -6.98 -6.74
CA PRO A 16 17.59 -8.22 -6.63
C PRO A 16 17.32 -8.61 -5.19
N GLY A 17 18.37 -8.65 -4.37
CA GLY A 17 18.22 -8.99 -2.97
C GLY A 17 17.10 -10.00 -2.75
N ASP A 18 16.16 -9.66 -1.88
CA ASP A 18 15.04 -10.54 -1.57
C ASP A 18 13.86 -10.25 -2.49
N LEU A 19 13.31 -11.29 -3.09
CA LEU A 19 12.16 -11.15 -3.99
C LEU A 19 10.85 -11.42 -3.26
N LEU A 20 10.87 -12.40 -2.36
CA LEU A 20 9.69 -12.75 -1.59
C LEU A 20 9.33 -11.64 -0.61
N ASP A 21 10.29 -11.24 0.20
CA ASP A 21 10.08 -10.18 1.18
C ASP A 21 9.46 -8.96 0.53
N GLN A 22 10.01 -8.56 -0.61
CA GLN A 22 9.51 -7.40 -1.34
C GLN A 22 8.13 -7.67 -1.92
N PHE A 23 7.37 -6.61 -2.17
CA PHE A 23 6.03 -6.73 -2.74
C PHE A 23 6.07 -6.63 -4.25
N PHE A 24 4.95 -6.95 -4.89
CA PHE A 24 4.85 -6.89 -6.35
C PHE A 24 3.54 -6.23 -6.78
N CYS A 25 3.65 -5.04 -7.35
CA CYS A 25 2.48 -4.30 -7.81
C CYS A 25 1.78 -5.05 -8.95
N THR A 26 0.48 -4.77 -9.12
CA THR A 26 -0.30 -5.41 -10.17
C THR A 26 -0.46 -4.49 -11.38
N THR A 27 -0.53 -3.19 -11.11
CA THR A 27 -0.68 -2.20 -12.17
C THR A 27 0.60 -2.06 -12.98
N CYS A 28 1.66 -1.58 -12.34
CA CYS A 28 2.94 -1.39 -13.01
C CYS A 28 3.76 -2.68 -12.96
N GLY A 29 3.78 -3.32 -11.80
CA GLY A 29 4.53 -4.56 -11.65
C GLY A 29 5.97 -4.31 -11.24
N GLN A 30 6.18 -3.35 -10.35
CA GLN A 30 7.52 -3.01 -9.88
C GLN A 30 7.86 -3.78 -8.61
N HIS A 31 9.12 -3.69 -8.19
CA HIS A 31 9.57 -4.38 -6.98
C HIS A 31 9.93 -3.37 -5.89
N TYR A 32 9.55 -3.69 -4.66
CA TYR A 32 9.83 -2.81 -3.52
C TYR A 32 10.11 -3.63 -2.26
N HIS A 33 11.29 -3.44 -1.70
CA HIS A 33 11.68 -4.15 -0.49
C HIS A 33 11.00 -3.55 0.75
N GLY A 34 10.80 -4.38 1.77
CA GLY A 34 10.16 -3.92 2.97
C GLY A 34 10.93 -2.80 3.65
N MET A 35 12.24 -2.76 3.44
CA MET A 35 13.09 -1.73 4.02
C MET A 35 13.16 -0.50 3.12
N CYS A 36 13.35 -0.74 1.82
CA CYS A 36 13.44 0.36 0.86
C CYS A 36 12.25 1.30 1.00
N LEU A 37 11.08 0.74 1.31
CA LEU A 37 9.88 1.54 1.47
C LEU A 37 9.52 1.68 2.94
N ASP A 38 10.33 1.09 3.81
CA ASP A 38 10.11 1.17 5.25
C ASP A 38 8.72 0.64 5.61
N ILE A 39 8.32 -0.45 4.97
CA ILE A 39 7.02 -1.06 5.22
C ILE A 39 7.15 -2.30 6.09
N ALA A 40 6.10 -2.59 6.85
CA ALA A 40 6.10 -3.76 7.72
C ALA A 40 5.37 -4.93 7.08
N VAL A 41 6.13 -5.87 6.52
CA VAL A 41 5.56 -7.04 5.86
C VAL A 41 4.38 -7.58 6.66
N THR A 42 3.27 -7.83 5.97
CA THR A 42 2.07 -8.36 6.60
C THR A 42 1.38 -9.38 5.71
N PRO A 43 0.77 -10.39 6.33
CA PRO A 43 0.06 -11.46 5.62
C PRO A 43 -1.23 -10.95 4.96
N LEU A 44 -1.45 -9.66 5.04
CA LEU A 44 -2.65 -9.05 4.45
C LEU A 44 -2.30 -8.33 3.15
N LYS A 45 -1.27 -7.51 3.18
CA LYS A 45 -0.83 -6.76 2.01
C LYS A 45 -0.34 -7.72 0.92
N ARG A 46 0.53 -8.64 1.29
CA ARG A 46 1.07 -9.60 0.34
C ARG A 46 0.04 -9.96 -0.72
N ALA A 47 -1.21 -10.16 -0.29
CA ALA A 47 -2.29 -10.50 -1.19
C ALA A 47 -2.98 -9.26 -1.73
N GLY A 48 -2.61 -8.85 -2.93
CA GLY A 48 -3.21 -7.66 -3.53
C GLY A 48 -2.54 -6.38 -3.07
N TRP A 49 -1.22 -6.33 -3.15
CA TRP A 49 -0.47 -5.15 -2.74
C TRP A 49 -0.37 -4.14 -3.87
N GLN A 50 -0.51 -2.86 -3.52
CA GLN A 50 -0.43 -1.80 -4.52
C GLN A 50 0.66 -0.80 -4.16
N CYS A 51 1.44 -0.40 -5.16
CA CYS A 51 2.52 0.55 -4.95
C CYS A 51 1.98 1.98 -4.88
N PRO A 52 2.75 2.87 -4.25
CA PRO A 52 2.37 4.28 -4.10
C PRO A 52 2.42 5.04 -5.42
N GLU A 53 2.87 4.35 -6.48
CA GLU A 53 2.96 4.96 -7.79
C GLU A 53 1.74 4.61 -8.64
N CYS A 54 1.00 3.59 -8.22
CA CYS A 54 -0.19 3.15 -8.94
C CYS A 54 -1.42 3.27 -8.05
N LYS A 55 -1.34 2.70 -6.85
CA LYS A 55 -2.46 2.75 -5.92
C LYS A 55 -3.31 4.00 -6.12
N VAL A 56 -4.61 3.86 -5.97
CA VAL A 56 -5.53 4.99 -6.14
C VAL A 56 -6.71 4.88 -5.18
N CYS A 57 -7.57 5.89 -5.20
CA CYS A 57 -8.74 5.91 -4.32
C CYS A 57 -9.78 4.91 -4.80
N GLN A 58 -10.10 3.94 -3.93
CA GLN A 58 -11.09 2.92 -4.26
C GLN A 58 -12.50 3.41 -3.96
N ASN A 59 -12.62 4.71 -3.69
CA ASN A 59 -13.92 5.30 -3.40
C ASN A 59 -14.42 6.14 -4.57
N CYS A 60 -13.49 6.76 -5.29
CA CYS A 60 -13.83 7.60 -6.43
C CYS A 60 -12.96 7.24 -7.63
N LYS A 61 -12.05 6.28 -7.45
CA LYS A 61 -11.16 5.86 -8.51
C LYS A 61 -10.44 7.05 -9.14
N GLN A 62 -9.77 7.83 -8.29
CA GLN A 62 -9.04 9.00 -8.75
C GLN A 62 -7.77 9.21 -7.93
N SER A 63 -6.65 9.39 -8.61
CA SER A 63 -5.37 9.60 -7.94
C SER A 63 -4.79 10.96 -8.29
N GLY A 64 -4.55 11.78 -7.26
CA GLY A 64 -4.00 13.11 -7.48
C GLY A 64 -3.67 13.81 -6.19
N GLU A 65 -4.69 14.10 -5.39
CA GLU A 65 -4.50 14.77 -4.11
C GLU A 65 -3.82 13.86 -3.09
N ASP A 66 -2.50 13.74 -3.20
CA ASP A 66 -1.73 12.89 -2.29
C ASP A 66 -1.94 13.33 -0.84
N SER A 67 -1.65 14.58 -0.55
CA SER A 67 -1.80 15.11 0.80
C SER A 67 -3.14 14.68 1.40
N LYS A 68 -4.23 15.10 0.76
CA LYS A 68 -5.57 14.77 1.23
C LYS A 68 -5.74 13.25 1.34
N MET A 69 -5.19 12.53 0.36
CA MET A 69 -5.28 11.07 0.35
C MET A 69 -4.68 10.48 1.61
N LEU A 70 -5.40 9.55 2.23
CA LEU A 70 -4.94 8.90 3.44
C LEU A 70 -4.37 7.52 3.15
N VAL A 71 -3.09 7.32 3.45
CA VAL A 71 -2.43 6.05 3.22
C VAL A 71 -2.50 5.16 4.45
N CYS A 72 -3.34 4.12 4.39
CA CYS A 72 -3.51 3.20 5.50
C CYS A 72 -2.24 2.38 5.71
N ASP A 73 -2.09 1.83 6.91
CA ASP A 73 -0.93 1.02 7.25
C ASP A 73 -1.25 -0.46 7.17
N THR A 74 -2.43 -0.83 7.69
CA THR A 74 -2.86 -2.21 7.68
C THR A 74 -3.02 -2.74 6.25
N CYS A 75 -3.91 -2.12 5.49
CA CYS A 75 -4.15 -2.52 4.12
C CYS A 75 -3.23 -1.78 3.16
N ASP A 76 -3.11 -0.47 3.36
CA ASP A 76 -2.25 0.35 2.52
C ASP A 76 -2.86 0.53 1.13
N LYS A 77 -4.10 1.01 1.09
CA LYS A 77 -4.80 1.23 -0.17
C LYS A 77 -4.82 2.70 -0.54
N GLY A 78 -5.55 3.50 0.25
CA GLY A 78 -5.63 4.92 -0.01
C GLY A 78 -7.07 5.40 -0.15
N TYR A 79 -7.45 6.36 0.69
CA TYR A 79 -8.81 6.90 0.66
C TYR A 79 -8.81 8.37 1.03
N HIS A 80 -9.25 9.22 0.11
CA HIS A 80 -9.31 10.66 0.34
C HIS A 80 -10.14 10.97 1.58
N THR A 81 -9.70 11.97 2.35
CA THR A 81 -10.40 12.37 3.56
C THR A 81 -11.89 12.55 3.30
N PHE A 82 -12.21 13.32 2.25
CA PHE A 82 -13.60 13.56 1.89
C PHE A 82 -14.28 12.29 1.40
N CYS A 83 -13.48 11.37 0.88
CA CYS A 83 -14.01 10.10 0.37
C CYS A 83 -14.18 9.10 1.51
N LEU A 84 -14.33 9.60 2.72
CA LEU A 84 -14.50 8.75 3.89
C LEU A 84 -15.86 9.00 4.55
N GLN A 85 -16.54 7.92 4.94
CA GLN A 85 -17.84 8.03 5.58
C GLN A 85 -17.82 7.37 6.96
N PRO A 86 -17.81 8.20 8.01
CA PRO A 86 -17.79 9.66 7.88
C PRO A 86 -16.47 10.18 7.31
N VAL A 87 -16.43 11.48 7.04
CA VAL A 87 -15.22 12.10 6.50
C VAL A 87 -14.25 12.48 7.61
N MET A 88 -12.96 12.43 7.31
CA MET A 88 -11.93 12.77 8.28
C MET A 88 -11.66 14.27 8.28
N LYS A 89 -12.36 15.00 9.15
CA LYS A 89 -12.20 16.44 9.25
C LYS A 89 -10.72 16.82 9.27
N SER A 90 -9.92 16.01 9.95
CA SER A 90 -8.48 16.27 10.05
C SER A 90 -7.68 15.05 9.58
N VAL A 91 -6.36 15.20 9.55
CA VAL A 91 -5.48 14.11 9.11
C VAL A 91 -4.68 13.55 10.28
N PRO A 92 -4.58 12.22 10.33
CA PRO A 92 -3.84 11.52 11.40
C PRO A 92 -2.34 11.74 11.30
N THR A 93 -1.65 11.67 12.44
CA THR A 93 -0.21 11.86 12.47
C THR A 93 0.48 10.69 13.16
N ASN A 94 -0.12 9.50 13.03
CA ASN A 94 0.44 8.30 13.63
C ASN A 94 -0.35 7.06 13.20
N GLY A 95 0.26 6.25 12.36
CA GLY A 95 -0.40 5.04 11.89
C GLY A 95 -1.90 5.20 11.78
N TRP A 96 -2.37 5.58 10.60
CA TRP A 96 -3.80 5.77 10.37
C TRP A 96 -4.50 4.44 10.11
N LYS A 97 -5.80 4.42 10.33
CA LYS A 97 -6.59 3.21 10.11
C LYS A 97 -7.84 3.50 9.30
N CYS A 98 -7.86 3.01 8.06
CA CYS A 98 -8.99 3.23 7.17
C CYS A 98 -10.20 2.40 7.61
N LYS A 99 -11.39 2.93 7.39
CA LYS A 99 -12.63 2.24 7.76
C LYS A 99 -12.53 0.76 7.46
N ASN A 100 -12.44 0.43 6.18
CA ASN A 100 -12.34 -0.96 5.75
C ASN A 100 -11.52 -1.78 6.74
N CYS A 101 -10.58 -1.11 7.40
CA CYS A 101 -9.72 -1.78 8.38
C CYS A 101 -10.27 -1.62 9.79
N ARG A 102 -10.70 -0.41 10.11
CA ARG A 102 -11.25 -0.12 11.44
C ARG A 102 -12.16 -1.25 11.90
N ILE A 103 -12.91 -1.82 10.97
CA ILE A 103 -13.83 -2.93 11.29
C ILE A 103 -13.20 -3.87 12.30
N CYS A 104 -14.03 -4.41 13.19
CA CYS A 104 -13.57 -5.34 14.21
C CYS A 104 -13.87 -6.79 13.82
N ILE A 105 -14.90 -6.96 12.99
CA ILE A 105 -15.30 -8.29 12.55
C ILE A 105 -15.40 -8.35 11.03
N SER A 106 -14.26 -8.53 10.38
CA SER A 106 -14.21 -8.60 8.92
C SER A 106 -13.96 -10.03 8.46
N GLY A 107 -14.80 -10.50 7.54
CA GLY A 107 -14.65 -11.85 7.03
C GLY A 107 -13.66 -11.93 5.89
N PRO A 108 -13.03 -13.11 5.73
CA PRO A 108 -12.04 -13.34 4.67
C PRO A 108 -12.67 -13.37 3.27
N SER A 109 -11.90 -12.93 2.28
CA SER A 109 -12.39 -12.91 0.90
C SER A 109 -12.44 -14.32 0.31
N SER A 110 -11.36 -15.07 0.52
CA SER A 110 -11.29 -16.44 0.00
C SER A 110 -11.81 -16.51 -1.43
N GLY A 111 -11.44 -15.53 -2.24
CA GLY A 111 -11.88 -15.50 -3.63
C GLY A 111 -11.23 -16.58 -4.46
N GLY A 1 2.20 5.07 -20.01
CA GLY A 1 2.21 4.94 -21.46
C GLY A 1 3.12 3.83 -21.94
N SER A 2 3.37 3.78 -23.24
CA SER A 2 4.23 2.76 -23.82
C SER A 2 5.41 2.45 -22.90
N SER A 3 5.66 1.16 -22.68
CA SER A 3 6.76 0.73 -21.82
C SER A 3 8.08 0.75 -22.58
N GLY A 4 9.12 1.27 -21.93
CA GLY A 4 10.43 1.32 -22.55
C GLY A 4 11.43 0.40 -21.90
N SER A 5 12.00 0.84 -20.77
CA SER A 5 12.97 0.04 -20.05
C SER A 5 12.52 -0.21 -18.62
N SER A 6 12.59 -1.47 -18.19
CA SER A 6 12.19 -1.84 -16.84
C SER A 6 12.61 -3.27 -16.53
N GLY A 7 12.82 -3.56 -15.24
CA GLY A 7 13.22 -4.89 -14.84
C GLY A 7 12.43 -5.39 -13.65
N ALA A 8 12.88 -6.50 -13.06
CA ALA A 8 12.20 -7.08 -11.91
C ALA A 8 12.92 -6.71 -10.61
N ASN A 9 13.60 -5.57 -10.62
CA ASN A 9 14.32 -5.10 -9.45
C ASN A 9 13.56 -3.96 -8.76
N CYS A 10 14.11 -3.48 -7.65
CA CYS A 10 13.50 -2.39 -6.90
C CYS A 10 13.56 -1.09 -7.69
N ALA A 11 12.47 -0.32 -7.64
CA ALA A 11 12.41 0.95 -8.34
C ALA A 11 12.86 2.10 -7.45
N VAL A 12 13.35 1.77 -6.27
CA VAL A 12 13.82 2.78 -5.32
C VAL A 12 15.31 2.64 -5.06
N CYS A 13 15.77 1.40 -4.92
CA CYS A 13 17.18 1.13 -4.68
C CYS A 13 17.84 0.48 -5.90
N ASP A 14 17.02 -0.20 -6.70
CA ASP A 14 17.52 -0.87 -7.90
C ASP A 14 18.40 -2.05 -7.53
N SER A 15 17.91 -2.90 -6.64
CA SER A 15 18.66 -4.07 -6.20
C SER A 15 17.74 -5.28 -6.05
N PRO A 16 18.28 -6.47 -6.36
CA PRO A 16 17.53 -7.73 -6.27
C PRO A 16 17.22 -8.12 -4.83
N GLY A 17 18.27 -8.13 -4.00
CA GLY A 17 18.09 -8.50 -2.60
C GLY A 17 17.07 -9.61 -2.42
N ASP A 18 15.95 -9.29 -1.80
CA ASP A 18 14.91 -10.26 -1.55
C ASP A 18 13.69 -10.01 -2.44
N LEU A 19 13.16 -11.07 -3.03
CA LEU A 19 12.00 -10.94 -3.91
C LEU A 19 10.70 -10.99 -3.11
N LEU A 20 10.63 -11.94 -2.17
CA LEU A 20 9.44 -12.09 -1.34
C LEU A 20 9.28 -10.90 -0.39
N ASP A 21 10.34 -10.59 0.36
CA ASP A 21 10.32 -9.48 1.29
C ASP A 21 9.70 -8.24 0.64
N GLN A 22 10.06 -7.99 -0.61
CA GLN A 22 9.54 -6.84 -1.34
C GLN A 22 8.18 -7.15 -1.96
N PHE A 23 7.29 -6.16 -1.96
CA PHE A 23 5.96 -6.33 -2.52
C PHE A 23 6.00 -6.32 -4.05
N PHE A 24 4.88 -6.67 -4.67
CA PHE A 24 4.78 -6.70 -6.13
C PHE A 24 3.47 -6.09 -6.60
N CYS A 25 3.59 -5.08 -7.47
CA CYS A 25 2.41 -4.40 -8.01
C CYS A 25 1.73 -5.26 -9.08
N THR A 26 0.44 -5.02 -9.27
CA THR A 26 -0.33 -5.76 -10.27
C THR A 26 -0.54 -4.94 -11.53
N THR A 27 -0.63 -3.63 -11.36
CA THR A 27 -0.83 -2.72 -12.49
C THR A 27 0.43 -2.61 -13.34
N CYS A 28 1.47 -2.03 -12.75
CA CYS A 28 2.74 -1.86 -13.45
C CYS A 28 3.59 -3.13 -13.36
N GLY A 29 3.60 -3.74 -12.18
CA GLY A 29 4.37 -4.96 -11.98
C GLY A 29 5.79 -4.68 -11.55
N GLN A 30 5.96 -3.73 -10.63
CA GLN A 30 7.28 -3.37 -10.14
C GLN A 30 7.55 -4.02 -8.78
N HIS A 31 8.74 -3.79 -8.25
CA HIS A 31 9.13 -4.36 -6.97
C HIS A 31 9.56 -3.27 -5.99
N TYR A 32 9.32 -3.49 -4.71
CA TYR A 32 9.68 -2.53 -3.68
C TYR A 32 9.83 -3.21 -2.32
N HIS A 33 11.01 -3.05 -1.73
CA HIS A 33 11.30 -3.65 -0.43
C HIS A 33 10.48 -2.98 0.66
N GLY A 34 10.47 -3.59 1.84
CA GLY A 34 9.72 -3.04 2.96
C GLY A 34 10.43 -1.87 3.61
N MET A 35 11.74 -1.83 3.49
CA MET A 35 12.54 -0.76 4.07
C MET A 35 12.68 0.40 3.10
N CYS A 36 12.76 0.08 1.81
CA CYS A 36 12.90 1.11 0.78
C CYS A 36 11.69 2.04 0.78
N LEU A 37 10.52 1.50 1.09
CA LEU A 37 9.29 2.28 1.13
C LEU A 37 8.79 2.44 2.56
N ASP A 38 9.50 1.81 3.50
CA ASP A 38 9.12 1.88 4.91
C ASP A 38 7.74 1.28 5.14
N ILE A 39 7.48 0.14 4.50
CA ILE A 39 6.20 -0.53 4.63
C ILE A 39 6.29 -1.72 5.59
N ALA A 40 5.24 -1.93 6.37
CA ALA A 40 5.20 -3.03 7.32
C ALA A 40 4.82 -4.33 6.65
N VAL A 41 5.78 -5.24 6.53
CA VAL A 41 5.54 -6.54 5.91
C VAL A 41 4.56 -7.37 6.72
N THR A 42 3.34 -7.51 6.23
CA THR A 42 2.31 -8.28 6.92
C THR A 42 1.74 -9.37 6.01
N PRO A 43 1.26 -10.46 6.62
CA PRO A 43 0.68 -11.59 5.90
C PRO A 43 -0.65 -11.23 5.25
N LEU A 44 -1.12 -10.02 5.49
CA LEU A 44 -2.39 -9.56 4.93
C LEU A 44 -2.16 -8.58 3.78
N LYS A 45 -1.16 -7.70 3.95
CA LYS A 45 -0.83 -6.73 2.94
C LYS A 45 -0.31 -7.39 1.67
N ARG A 46 0.64 -8.30 1.83
CA ARG A 46 1.23 -9.02 0.70
C ARG A 46 0.17 -9.27 -0.38
N ALA A 47 -1.00 -9.73 0.04
CA ALA A 47 -2.08 -10.01 -0.90
C ALA A 47 -2.86 -8.74 -1.22
N GLY A 48 -3.11 -8.51 -2.51
CA GLY A 48 -3.84 -7.33 -2.93
C GLY A 48 -3.07 -6.05 -2.70
N TRP A 49 -1.76 -6.10 -2.94
CA TRP A 49 -0.90 -4.94 -2.76
C TRP A 49 -0.81 -4.11 -4.03
N GLN A 50 -0.37 -2.86 -3.91
CA GLN A 50 -0.24 -1.98 -5.05
C GLN A 50 0.75 -0.85 -4.76
N CYS A 51 1.59 -0.55 -5.74
CA CYS A 51 2.59 0.50 -5.59
C CYS A 51 1.93 1.87 -5.53
N PRO A 52 2.64 2.84 -4.93
CA PRO A 52 2.13 4.21 -4.79
C PRO A 52 2.07 4.95 -6.12
N GLU A 53 2.50 4.28 -7.19
CA GLU A 53 2.49 4.86 -8.52
C GLU A 53 1.26 4.41 -9.30
N CYS A 54 0.68 3.30 -8.90
CA CYS A 54 -0.51 2.76 -9.55
C CYS A 54 -1.72 2.84 -8.64
N LYS A 55 -1.49 2.67 -7.33
CA LYS A 55 -2.56 2.73 -6.35
C LYS A 55 -3.33 4.05 -6.45
N VAL A 56 -4.62 3.99 -6.18
CA VAL A 56 -5.46 5.18 -6.22
C VAL A 56 -6.71 5.02 -5.37
N CYS A 57 -7.44 6.11 -5.17
CA CYS A 57 -8.66 6.08 -4.37
C CYS A 57 -9.65 5.05 -4.92
N GLN A 58 -10.49 4.53 -4.03
CA GLN A 58 -11.49 3.54 -4.42
C GLN A 58 -12.90 4.14 -4.42
N ASN A 59 -13.04 5.29 -3.76
CA ASN A 59 -14.33 5.97 -3.68
C ASN A 59 -14.57 6.82 -4.93
N CYS A 60 -13.56 7.58 -5.32
CA CYS A 60 -13.66 8.45 -6.49
C CYS A 60 -12.80 7.92 -7.63
N LYS A 61 -11.73 7.23 -7.29
CA LYS A 61 -10.82 6.67 -8.27
C LYS A 61 -10.10 7.78 -9.04
N GLN A 62 -9.48 8.69 -8.30
CA GLN A 62 -8.76 9.80 -8.91
C GLN A 62 -7.41 10.01 -8.23
N SER A 63 -6.34 9.67 -8.94
CA SER A 63 -4.99 9.82 -8.39
C SER A 63 -4.55 11.28 -8.44
N GLY A 64 -3.47 11.59 -7.73
CA GLY A 64 -2.97 12.95 -7.69
C GLY A 64 -2.69 13.44 -6.28
N GLU A 65 -3.72 13.93 -5.62
CA GLU A 65 -3.58 14.44 -4.25
C GLU A 65 -3.11 13.32 -3.31
N ASP A 66 -1.81 13.10 -3.28
CA ASP A 66 -1.23 12.07 -2.42
C ASP A 66 -1.26 12.50 -0.95
N SER A 67 -0.71 13.68 -0.68
CA SER A 67 -0.67 14.22 0.68
C SER A 67 -1.99 13.94 1.41
N LYS A 68 -3.06 14.56 0.94
CA LYS A 68 -4.38 14.39 1.54
C LYS A 68 -4.76 12.91 1.60
N MET A 69 -4.48 12.20 0.51
CA MET A 69 -4.79 10.77 0.44
C MET A 69 -4.20 10.03 1.63
N LEU A 70 -5.00 9.13 2.21
CA LEU A 70 -4.56 8.35 3.36
C LEU A 70 -4.00 7.00 2.91
N VAL A 71 -3.06 6.46 3.70
CA VAL A 71 -2.46 5.17 3.39
C VAL A 71 -2.45 4.27 4.61
N CYS A 72 -3.42 3.36 4.68
CA CYS A 72 -3.53 2.43 5.79
C CYS A 72 -2.18 1.78 6.09
N ASP A 73 -2.08 1.17 7.26
CA ASP A 73 -0.84 0.51 7.67
C ASP A 73 -0.96 -1.01 7.53
N THR A 74 -2.16 -1.52 7.73
CA THR A 74 -2.41 -2.95 7.62
C THR A 74 -2.67 -3.36 6.17
N CYS A 75 -3.82 -2.96 5.64
CA CYS A 75 -4.18 -3.28 4.27
C CYS A 75 -3.47 -2.35 3.29
N ASP A 76 -3.00 -1.21 3.79
CA ASP A 76 -2.30 -0.25 2.96
C ASP A 76 -3.15 0.17 1.77
N LYS A 77 -4.38 0.62 2.06
CA LYS A 77 -5.29 1.06 1.01
C LYS A 77 -5.15 2.56 0.75
N GLY A 78 -6.03 3.09 -0.09
CA GLY A 78 -5.99 4.51 -0.41
C GLY A 78 -7.37 5.14 -0.41
N TYR A 79 -7.59 6.09 0.48
CA TYR A 79 -8.86 6.77 0.59
C TYR A 79 -8.68 8.23 0.98
N HIS A 80 -9.11 9.14 0.10
CA HIS A 80 -8.99 10.57 0.36
C HIS A 80 -9.78 10.97 1.60
N THR A 81 -9.17 11.80 2.45
CA THR A 81 -9.82 12.25 3.67
C THR A 81 -11.25 12.73 3.39
N PHE A 82 -11.44 13.35 2.23
CA PHE A 82 -12.75 13.86 1.84
C PHE A 82 -13.62 12.74 1.27
N CYS A 83 -12.98 11.67 0.83
CA CYS A 83 -13.69 10.53 0.26
C CYS A 83 -14.07 9.53 1.34
N LEU A 84 -14.19 10.01 2.57
CA LEU A 84 -14.53 9.15 3.70
C LEU A 84 -15.92 9.50 4.25
N GLN A 85 -16.68 8.48 4.62
CA GLN A 85 -18.02 8.68 5.16
C GLN A 85 -18.14 8.09 6.56
N PRO A 86 -18.14 8.97 7.57
CA PRO A 86 -18.04 10.43 7.36
C PRO A 86 -16.66 10.85 6.87
N VAL A 87 -16.52 12.12 6.52
CA VAL A 87 -15.25 12.64 6.04
C VAL A 87 -14.29 12.91 7.18
N MET A 88 -12.99 12.85 6.90
CA MET A 88 -11.97 13.09 7.91
C MET A 88 -11.66 14.57 8.03
N LYS A 89 -12.09 15.17 9.15
CA LYS A 89 -11.87 16.59 9.39
C LYS A 89 -10.37 16.90 9.43
N SER A 90 -9.58 15.93 9.89
CA SER A 90 -8.13 16.10 9.97
C SER A 90 -7.41 14.84 9.49
N VAL A 91 -6.08 14.93 9.41
CA VAL A 91 -5.27 13.80 8.97
C VAL A 91 -4.49 13.19 10.14
N PRO A 92 -4.57 11.86 10.28
CA PRO A 92 -3.89 11.13 11.34
C PRO A 92 -2.37 11.11 11.15
N THR A 93 -1.66 10.68 12.18
CA THR A 93 -0.20 10.62 12.13
C THR A 93 0.31 9.30 12.68
N ASN A 94 -0.37 8.78 13.70
CA ASN A 94 0.02 7.52 14.32
C ASN A 94 -0.60 6.34 13.58
N GLY A 95 0.09 5.86 12.55
CA GLY A 95 -0.42 4.73 11.79
C GLY A 95 -1.93 4.70 11.73
N TRP A 96 -2.49 5.33 10.70
CA TRP A 96 -3.94 5.38 10.52
C TRP A 96 -4.50 3.99 10.22
N LYS A 97 -5.70 3.71 10.72
CA LYS A 97 -6.34 2.42 10.51
C LYS A 97 -7.70 2.59 9.84
N CYS A 98 -7.84 2.04 8.65
CA CYS A 98 -9.10 2.14 7.91
C CYS A 98 -10.17 1.24 8.54
N LYS A 99 -11.41 1.44 8.12
CA LYS A 99 -12.53 0.67 8.64
C LYS A 99 -12.35 -0.82 8.32
N ASN A 100 -12.33 -1.15 7.04
CA ASN A 100 -12.16 -2.54 6.61
C ASN A 100 -11.16 -3.26 7.49
N CYS A 101 -10.25 -2.50 8.10
CA CYS A 101 -9.23 -3.07 8.98
C CYS A 101 -9.70 -3.05 10.43
N ARG A 102 -10.39 -1.98 10.81
CA ARG A 102 -10.89 -1.85 12.18
C ARG A 102 -11.60 -3.12 12.63
N ILE A 103 -12.11 -3.88 11.66
CA ILE A 103 -12.81 -5.13 11.97
C ILE A 103 -12.01 -5.99 12.94
N CYS A 104 -12.72 -6.74 13.77
CA CYS A 104 -12.07 -7.62 14.74
C CYS A 104 -11.33 -8.75 14.05
N ILE A 105 -10.03 -8.83 14.30
CA ILE A 105 -9.20 -9.86 13.69
C ILE A 105 -8.98 -11.03 14.65
N SER A 106 -8.91 -12.24 14.11
CA SER A 106 -8.73 -13.43 14.92
C SER A 106 -7.59 -13.23 15.93
N GLY A 107 -7.89 -13.50 17.19
CA GLY A 107 -6.88 -13.35 18.23
C GLY A 107 -7.07 -14.32 19.37
N PRO A 108 -6.13 -14.31 20.33
CA PRO A 108 -6.19 -15.18 21.50
C PRO A 108 -7.31 -14.82 22.47
N SER A 109 -7.45 -15.61 23.53
CA SER A 109 -8.49 -15.36 24.52
C SER A 109 -8.20 -16.12 25.81
N SER A 110 -8.65 -15.56 26.93
CA SER A 110 -8.43 -16.18 28.24
C SER A 110 -8.62 -17.69 28.15
N GLY A 111 -7.92 -18.41 29.03
CA GLY A 111 -8.03 -19.86 29.05
C GLY A 111 -7.43 -20.48 30.29
N GLY A 1 35.37 -11.33 -6.93
CA GLY A 1 34.71 -10.16 -7.49
C GLY A 1 33.34 -9.93 -6.89
N SER A 2 32.53 -9.12 -7.55
CA SER A 2 31.19 -8.81 -7.07
C SER A 2 30.14 -9.58 -7.88
N SER A 3 29.25 -10.27 -7.17
CA SER A 3 28.20 -11.04 -7.80
C SER A 3 26.83 -10.66 -7.26
N GLY A 4 26.20 -9.68 -7.89
CA GLY A 4 24.89 -9.23 -7.45
C GLY A 4 24.16 -8.43 -8.52
N SER A 5 23.24 -9.09 -9.22
CA SER A 5 22.48 -8.44 -10.27
C SER A 5 21.23 -9.24 -10.62
N SER A 6 20.09 -8.55 -10.70
CA SER A 6 18.83 -9.21 -11.02
C SER A 6 17.96 -8.32 -11.91
N GLY A 7 16.86 -8.87 -12.39
CA GLY A 7 15.97 -8.11 -13.25
C GLY A 7 15.09 -7.14 -12.48
N ALA A 8 14.23 -7.67 -11.63
CA ALA A 8 13.34 -6.84 -10.82
C ALA A 8 14.10 -6.18 -9.69
N ASN A 9 14.55 -4.96 -9.91
CA ASN A 9 15.30 -4.21 -8.90
C ASN A 9 14.38 -3.23 -8.17
N CYS A 10 14.74 -2.89 -6.94
CA CYS A 10 13.96 -1.96 -6.14
C CYS A 10 13.88 -0.60 -6.81
N ALA A 11 12.66 -0.12 -7.05
CA ALA A 11 12.46 1.17 -7.69
C ALA A 11 12.79 2.32 -6.73
N VAL A 12 13.31 1.97 -5.57
CA VAL A 12 13.67 2.96 -4.56
C VAL A 12 15.18 2.98 -4.31
N CYS A 13 15.74 1.80 -4.09
CA CYS A 13 17.17 1.67 -3.83
C CYS A 13 17.88 1.04 -5.03
N ASP A 14 17.12 0.35 -5.86
CA ASP A 14 17.68 -0.30 -7.05
C ASP A 14 18.67 -1.39 -6.66
N SER A 15 18.23 -2.31 -5.81
CA SER A 15 19.09 -3.40 -5.35
C SER A 15 18.28 -4.68 -5.19
N PRO A 16 18.88 -5.81 -5.61
CA PRO A 16 18.24 -7.12 -5.52
C PRO A 16 18.11 -7.61 -4.09
N GLY A 17 19.23 -7.61 -3.37
CA GLY A 17 19.21 -8.05 -1.98
C GLY A 17 18.23 -9.18 -1.75
N ASP A 18 17.15 -8.88 -1.03
CA ASP A 18 16.13 -9.87 -0.72
C ASP A 18 14.90 -9.68 -1.63
N LEU A 19 14.46 -10.77 -2.25
CA LEU A 19 13.31 -10.72 -3.14
C LEU A 19 12.04 -11.13 -2.40
N LEU A 20 12.19 -11.99 -1.40
CA LEU A 20 11.05 -12.46 -0.62
C LEU A 20 10.34 -11.30 0.05
N ASP A 21 11.10 -10.25 0.39
CA ASP A 21 10.55 -9.08 1.03
C ASP A 21 10.33 -7.96 0.02
N GLN A 22 9.91 -8.32 -1.19
CA GLN A 22 9.67 -7.35 -2.24
C GLN A 22 8.21 -7.36 -2.67
N PHE A 23 7.52 -6.25 -2.45
CA PHE A 23 6.12 -6.13 -2.81
C PHE A 23 5.94 -6.20 -4.32
N PHE A 24 4.79 -6.69 -4.76
CA PHE A 24 4.49 -6.81 -6.18
C PHE A 24 3.17 -6.10 -6.52
N CYS A 25 3.28 -5.04 -7.33
CA CYS A 25 2.11 -4.27 -7.73
C CYS A 25 1.32 -5.01 -8.80
N THR A 26 0.02 -4.69 -8.91
CA THR A 26 -0.84 -5.33 -9.89
C THR A 26 -1.01 -4.46 -11.12
N THR A 27 -0.98 -3.14 -10.92
CA THR A 27 -1.14 -2.19 -12.01
C THR A 27 0.12 -2.15 -12.88
N CYS A 28 1.21 -1.65 -12.31
CA CYS A 28 2.47 -1.55 -13.02
C CYS A 28 3.25 -2.87 -12.94
N GLY A 29 3.32 -3.43 -11.75
CA GLY A 29 4.04 -4.69 -11.57
C GLY A 29 5.50 -4.48 -11.22
N GLN A 30 5.76 -3.54 -10.33
CA GLN A 30 7.13 -3.25 -9.92
C GLN A 30 7.47 -3.94 -8.60
N HIS A 31 8.71 -3.76 -8.14
CA HIS A 31 9.16 -4.37 -6.89
C HIS A 31 9.65 -3.30 -5.91
N TYR A 32 9.35 -3.50 -4.64
CA TYR A 32 9.76 -2.55 -3.61
C TYR A 32 10.05 -3.26 -2.29
N HIS A 33 11.04 -2.77 -1.56
CA HIS A 33 11.42 -3.37 -0.29
C HIS A 33 10.49 -2.89 0.83
N GLY A 34 10.49 -3.63 1.94
CA GLY A 34 9.65 -3.26 3.06
C GLY A 34 10.20 -2.10 3.85
N MET A 35 11.52 -1.96 3.85
CA MET A 35 12.18 -0.88 4.57
C MET A 35 12.30 0.37 3.71
N CYS A 36 12.70 0.19 2.45
CA CYS A 36 12.85 1.29 1.53
C CYS A 36 11.60 2.16 1.51
N LEU A 37 10.43 1.52 1.57
CA LEU A 37 9.17 2.23 1.57
C LEU A 37 8.59 2.33 2.98
N ASP A 38 9.38 1.94 3.97
CA ASP A 38 8.96 1.99 5.36
C ASP A 38 7.63 1.26 5.55
N ILE A 39 7.45 0.16 4.82
CA ILE A 39 6.22 -0.61 4.90
C ILE A 39 6.42 -1.85 5.77
N ALA A 40 5.36 -2.25 6.47
CA ALA A 40 5.43 -3.42 7.33
C ALA A 40 4.84 -4.64 6.63
N VAL A 41 5.71 -5.48 6.07
CA VAL A 41 5.29 -6.68 5.38
C VAL A 41 4.28 -7.47 6.20
N THR A 42 3.11 -7.71 5.62
CA THR A 42 2.05 -8.46 6.32
C THR A 42 1.35 -9.41 5.37
N PRO A 43 0.76 -10.48 5.93
CA PRO A 43 0.04 -11.48 5.14
C PRO A 43 -1.26 -10.95 4.57
N LEU A 44 -1.45 -9.64 4.67
CA LEU A 44 -2.66 -9.00 4.15
C LEU A 44 -2.38 -8.29 2.83
N LYS A 45 -1.30 -7.53 2.79
CA LYS A 45 -0.91 -6.80 1.58
C LYS A 45 -0.44 -7.76 0.50
N ARG A 46 0.52 -8.62 0.87
CA ARG A 46 1.08 -9.59 -0.07
C ARG A 46 0.02 -10.00 -1.11
N ALA A 47 -1.21 -10.18 -0.64
CA ALA A 47 -2.31 -10.58 -1.51
C ALA A 47 -2.80 -9.40 -2.35
N GLY A 48 -2.32 -9.31 -3.59
CA GLY A 48 -2.73 -8.23 -4.46
C GLY A 48 -2.35 -6.87 -3.91
N TRP A 49 -1.09 -6.70 -3.56
CA TRP A 49 -0.60 -5.44 -3.03
C TRP A 49 -0.56 -4.36 -4.10
N GLN A 50 -0.55 -3.10 -3.67
CA GLN A 50 -0.51 -1.97 -4.60
C GLN A 50 0.61 -1.01 -4.24
N CYS A 51 1.28 -0.49 -5.26
CA CYS A 51 2.37 0.45 -5.05
C CYS A 51 1.86 1.89 -4.97
N PRO A 52 2.65 2.77 -4.33
CA PRO A 52 2.30 4.18 -4.15
C PRO A 52 2.34 4.95 -5.47
N GLU A 53 2.73 4.26 -6.54
CA GLU A 53 2.81 4.88 -7.86
C GLU A 53 1.56 4.58 -8.68
N CYS A 54 0.83 3.56 -8.27
CA CYS A 54 -0.39 3.17 -8.97
C CYS A 54 -1.61 3.29 -8.05
N LYS A 55 -1.45 2.82 -6.82
CA LYS A 55 -2.53 2.87 -5.84
C LYS A 55 -3.45 4.07 -6.09
N VAL A 56 -4.75 3.88 -5.88
CA VAL A 56 -5.72 4.94 -6.09
C VAL A 56 -6.87 4.84 -5.10
N CYS A 57 -7.77 5.81 -5.14
CA CYS A 57 -8.92 5.83 -4.24
C CYS A 57 -9.94 4.77 -4.65
N GLN A 58 -10.65 4.24 -3.67
CA GLN A 58 -11.66 3.21 -3.93
C GLN A 58 -13.08 3.77 -3.74
N ASN A 59 -13.15 4.96 -3.15
CA ASN A 59 -14.44 5.60 -2.90
C ASN A 59 -14.90 6.38 -4.12
N CYS A 60 -13.94 6.94 -4.86
CA CYS A 60 -14.24 7.73 -6.05
C CYS A 60 -13.54 7.14 -7.27
N LYS A 61 -12.48 6.38 -7.03
CA LYS A 61 -11.72 5.77 -8.11
C LYS A 61 -11.09 6.82 -9.01
N GLN A 62 -10.32 7.73 -8.40
CA GLN A 62 -9.66 8.79 -9.14
C GLN A 62 -8.32 9.15 -8.51
N SER A 63 -7.27 9.16 -9.32
CA SER A 63 -5.93 9.49 -8.83
C SER A 63 -5.59 10.95 -9.11
N GLY A 64 -5.22 11.68 -8.07
CA GLY A 64 -4.87 13.08 -8.23
C GLY A 64 -4.24 13.67 -6.98
N GLU A 65 -5.06 13.86 -5.94
CA GLU A 65 -4.56 14.42 -4.69
C GLU A 65 -3.90 13.35 -3.83
N ASP A 66 -2.58 13.36 -3.80
CA ASP A 66 -1.81 12.38 -3.03
C ASP A 66 -1.74 12.80 -1.56
N SER A 67 -1.35 14.05 -1.32
CA SER A 67 -1.23 14.57 0.03
C SER A 67 -2.53 14.37 0.81
N LYS A 68 -3.65 14.66 0.17
CA LYS A 68 -4.95 14.51 0.79
C LYS A 68 -5.45 13.07 0.68
N MET A 69 -4.53 12.12 0.87
CA MET A 69 -4.88 10.71 0.79
C MET A 69 -4.29 9.94 1.97
N LEU A 70 -5.06 9.01 2.51
CA LEU A 70 -4.62 8.21 3.65
C LEU A 70 -4.33 6.77 3.22
N VAL A 71 -3.25 6.21 3.74
CA VAL A 71 -2.86 4.83 3.42
C VAL A 71 -3.05 3.92 4.62
N CYS A 72 -3.91 2.91 4.46
CA CYS A 72 -4.17 1.97 5.53
C CYS A 72 -2.96 1.07 5.78
N ASP A 73 -2.54 1.00 7.03
CA ASP A 73 -1.39 0.18 7.41
C ASP A 73 -1.79 -1.28 7.59
N THR A 74 -2.89 -1.67 6.93
CA THR A 74 -3.37 -3.04 7.01
C THR A 74 -3.69 -3.59 5.63
N CYS A 75 -4.51 -2.86 4.87
CA CYS A 75 -4.89 -3.28 3.53
C CYS A 75 -4.16 -2.44 2.48
N ASP A 76 -3.79 -1.22 2.84
CA ASP A 76 -3.09 -0.33 1.93
C ASP A 76 -4.03 0.20 0.85
N LYS A 77 -5.23 0.60 1.26
CA LYS A 77 -6.22 1.12 0.33
C LYS A 77 -6.32 2.64 0.44
N GLY A 78 -5.72 3.34 -0.52
CA GLY A 78 -5.75 4.79 -0.51
C GLY A 78 -7.16 5.33 -0.42
N TYR A 79 -7.36 6.34 0.43
CA TYR A 79 -8.67 6.95 0.60
C TYR A 79 -8.54 8.43 0.92
N HIS A 80 -9.01 9.27 -0.01
CA HIS A 80 -8.96 10.71 0.17
C HIS A 80 -9.68 11.14 1.45
N THR A 81 -9.06 12.05 2.20
CA THR A 81 -9.64 12.54 3.44
C THR A 81 -11.11 12.91 3.25
N PHE A 82 -11.43 13.51 2.11
CA PHE A 82 -12.80 13.91 1.81
C PHE A 82 -13.64 12.70 1.42
N CYS A 83 -12.98 11.66 0.91
CA CYS A 83 -13.67 10.45 0.50
C CYS A 83 -13.88 9.50 1.68
N LEU A 84 -13.93 10.07 2.88
CA LEU A 84 -14.13 9.29 4.09
C LEU A 84 -15.37 9.78 4.86
N GLN A 85 -16.11 8.83 5.42
CA GLN A 85 -17.32 9.17 6.17
C GLN A 85 -17.20 8.68 7.61
N PRO A 86 -17.04 9.64 8.54
CA PRO A 86 -16.95 11.06 8.21
C PRO A 86 -15.67 11.42 7.47
N VAL A 87 -15.58 12.67 7.00
CA VAL A 87 -14.41 13.13 6.28
C VAL A 87 -13.29 13.50 7.24
N MET A 88 -12.05 13.32 6.80
CA MET A 88 -10.88 13.64 7.62
C MET A 88 -10.47 15.09 7.42
N LYS A 89 -9.93 15.70 8.47
CA LYS A 89 -9.49 17.09 8.41
C LYS A 89 -7.97 17.16 8.26
N SER A 90 -7.26 16.33 9.02
CA SER A 90 -5.81 16.31 8.97
C SER A 90 -5.28 14.89 8.83
N VAL A 91 -3.98 14.75 8.60
CA VAL A 91 -3.37 13.44 8.44
C VAL A 91 -2.76 12.97 9.75
N PRO A 92 -3.18 11.76 10.20
CA PRO A 92 -2.69 11.17 11.44
C PRO A 92 -1.24 10.73 11.34
N THR A 93 -0.61 10.50 12.49
CA THR A 93 0.78 10.07 12.53
C THR A 93 0.93 8.74 13.25
N ASN A 94 0.28 8.62 14.41
CA ASN A 94 0.34 7.39 15.19
C ASN A 94 0.04 6.18 14.32
N GLY A 95 -1.06 6.22 13.60
CA GLY A 95 -1.44 5.12 12.73
C GLY A 95 -2.89 5.19 12.28
N TRP A 96 -3.10 5.14 10.98
CA TRP A 96 -4.45 5.20 10.42
C TRP A 96 -4.93 3.83 9.99
N LYS A 97 -6.23 3.58 10.11
CA LYS A 97 -6.82 2.30 9.73
C LYS A 97 -8.21 2.50 9.14
N CYS A 98 -8.44 1.89 7.98
CA CYS A 98 -9.73 1.99 7.32
C CYS A 98 -10.77 1.10 7.99
N LYS A 99 -12.00 1.58 8.04
CA LYS A 99 -13.09 0.82 8.66
C LYS A 99 -13.01 -0.66 8.28
N ASN A 100 -13.10 -0.93 6.98
CA ASN A 100 -13.03 -2.31 6.49
C ASN A 100 -12.08 -3.14 7.34
N CYS A 101 -10.98 -2.52 7.78
CA CYS A 101 -10.00 -3.21 8.59
C CYS A 101 -10.33 -3.09 10.07
N ARG A 102 -10.74 -1.90 10.49
CA ARG A 102 -11.09 -1.64 11.88
C ARG A 102 -12.05 -2.72 12.40
N ILE A 103 -12.96 -3.16 11.53
CA ILE A 103 -13.93 -4.18 11.90
C ILE A 103 -13.35 -5.16 12.91
N CYS A 104 -14.00 -5.26 14.07
CA CYS A 104 -13.54 -6.17 15.12
C CYS A 104 -13.91 -7.61 14.79
N ILE A 105 -12.94 -8.35 14.26
CA ILE A 105 -13.17 -9.75 13.90
C ILE A 105 -12.27 -10.67 14.72
N SER A 106 -12.76 -11.88 14.97
CA SER A 106 -12.00 -12.86 15.75
C SER A 106 -10.52 -12.80 15.40
N GLY A 107 -10.22 -12.76 14.11
CA GLY A 107 -8.83 -12.70 13.67
C GLY A 107 -7.97 -13.78 14.29
N PRO A 108 -6.72 -13.90 13.82
CA PRO A 108 -5.78 -14.89 14.32
C PRO A 108 -5.32 -14.60 15.74
N SER A 109 -5.41 -15.60 16.62
CA SER A 109 -5.01 -15.44 18.00
C SER A 109 -3.54 -15.04 18.11
N SER A 110 -2.67 -15.86 17.55
CA SER A 110 -1.23 -15.59 17.57
C SER A 110 -0.79 -14.90 16.28
N GLY A 111 0.27 -14.11 16.39
CA GLY A 111 0.78 -13.40 15.23
C GLY A 111 1.79 -14.22 14.44
#